data_9UW0
# 
_entry.id   9UW0 
# 
_audit_conform.dict_name       mmcif_pdbx.dic 
_audit_conform.dict_version    5.404 
_audit_conform.dict_location   http://mmcif.pdb.org/dictionaries/ascii/mmcif_pdbx.dic 
# 
loop_
_database_2.database_id 
_database_2.database_code 
_database_2.pdbx_database_accession 
_database_2.pdbx_DOI 
PDB   9UW0         pdb_00009uw0 10.2210/pdb9uw0/pdb 
WWPDB D_1300059325 ?            ?                   
# 
_pdbx_audit_revision_history.ordinal             1 
_pdbx_audit_revision_history.data_content_type   'Structure model' 
_pdbx_audit_revision_history.major_revision      1 
_pdbx_audit_revision_history.minor_revision      0 
_pdbx_audit_revision_history.revision_date       2025-08-20 
_pdbx_audit_revision_history.part_number         ? 
# 
_pdbx_audit_revision_details.ordinal             1 
_pdbx_audit_revision_details.revision_ordinal    1 
_pdbx_audit_revision_details.data_content_type   'Structure model' 
_pdbx_audit_revision_details.provider            repository 
_pdbx_audit_revision_details.type                'Initial release' 
_pdbx_audit_revision_details.description         ? 
_pdbx_audit_revision_details.details             ? 
# 
_pdbx_database_status.status_code                     REL 
_pdbx_database_status.status_code_sf                  REL 
_pdbx_database_status.status_code_mr                  ? 
_pdbx_database_status.entry_id                        9UW0 
_pdbx_database_status.recvd_initial_deposition_date   2025-05-11 
_pdbx_database_status.SG_entry                        N 
_pdbx_database_status.deposit_site                    PDBJ 
_pdbx_database_status.process_site                    PDBC 
_pdbx_database_status.status_code_cs                  ? 
_pdbx_database_status.status_code_nmr_data            ? 
_pdbx_database_status.methods_development_category    ? 
_pdbx_database_status.pdb_format_compatible           Y 
# 
_pdbx_contact_author.id                 2 
_pdbx_contact_author.email              aimingren@zju.edu.cn 
_pdbx_contact_author.name_first         Aiming 
_pdbx_contact_author.name_last          Ren 
_pdbx_contact_author.name_mi            ? 
_pdbx_contact_author.role               'principal investigator/group leader' 
_pdbx_contact_author.identifier_ORCID   0000-0002-5420-4899 
# 
loop_
_audit_author.name 
_audit_author.pdbx_ordinal 
_audit_author.identifier_ORCID 
'Shen, X.'  1 ? 
'Ren, A.M.' 2 ? 
# 
_citation.abstract                  ? 
_citation.abstract_id_CAS           ? 
_citation.book_id_ISBN              ? 
_citation.book_publisher            ? 
_citation.book_publisher_city       ? 
_citation.book_title                ? 
_citation.coordinate_linkage        ? 
_citation.country                   UK 
_citation.database_id_Medline       ? 
_citation.details                   ? 
_citation.id                        primary 
_citation.journal_abbrev            'Nucleic Acids Res.' 
_citation.journal_id_ASTM           NARHAD 
_citation.journal_id_CSD            0389 
_citation.journal_id_ISSN           1362-4962 
_citation.journal_full              ? 
_citation.journal_issue             ? 
_citation.journal_volume            53 
_citation.language                  ? 
_citation.page_first                ? 
_citation.page_last                 ? 
_citation.title                     
;Structure-based insights into the ligand specificity tuning of 2'-dG-III riboswitch.
;
_citation.year                      2025 
_citation.database_id_CSD           ? 
_citation.pdbx_database_id_DOI      10.1093/nar/gkaf773 
_citation.pdbx_database_id_PubMed   40795954 
_citation.pdbx_database_id_patent   ? 
_citation.unpublished_flag          ? 
# 
loop_
_citation_author.citation_id 
_citation_author.name 
_citation_author.ordinal 
_citation_author.identifier_ORCID 
primary 'Shen, X.' 1 ?                   
primary 'Li, H.'   2 ?                   
primary 'Xu, X.'   3 ?                   
primary 'Song, Q.' 4 ?                   
primary 'Tai, X.'  5 ?                   
primary 'He, M.'   6 ?                   
primary 'Ren, A.'  7 0000-0002-5420-4899 
# 
loop_
_entity.id 
_entity.type 
_entity.src_method 
_entity.pdbx_description 
_entity.formula_weight 
_entity.pdbx_number_of_molecules 
_entity.pdbx_ec 
_entity.pdbx_mutation 
_entity.pdbx_fragment 
_entity.details 
1 polymer     man 'RNA (65-MER)'       21018.254 1  ? ? ? ? 
2 non-polymer syn GUANOSINE            283.241   1  ? ? ? ? 
3 non-polymer syn 'MANGANESE (II) ION' 54.938    6  ? ? ? ? 
4 non-polymer syn 'MAGNESIUM ION'      24.305    1  ? ? ? ? 
5 water       nat water                18.015    46 ? ? ? ? 
# 
_entity_poly.entity_id                      1 
_entity_poly.type                           polyribonucleotide 
_entity_poly.nstd_linkage                   no 
_entity_poly.nstd_monomer                   yes 
_entity_poly.pdbx_seq_one_letter_code       '(GTP)GCGUAUAUCCUUAAUGAUAUGGUUUAAGGGCAAUACAUAGAAACCACAAAUUUCUUACUGCGU(CCC)' 
_entity_poly.pdbx_seq_one_letter_code_can   GGCGUAUAUCCUUAAUGAUAUGGUUUAAGGGCAAUACAUAGAAACCACAAAUUUCUUACUGCGUC 
_entity_poly.pdbx_strand_id                 X 
_entity_poly.pdbx_target_identifier         ? 
# 
loop_
_pdbx_entity_nonpoly.entity_id 
_pdbx_entity_nonpoly.name 
_pdbx_entity_nonpoly.comp_id 
2 GUANOSINE            GMP 
3 'MANGANESE (II) ION' MN  
4 'MAGNESIUM ION'      MG  
5 water                HOH 
# 
loop_
_entity_poly_seq.entity_id 
_entity_poly_seq.num 
_entity_poly_seq.mon_id 
_entity_poly_seq.hetero 
1 1  GTP n 
1 2  G   n 
1 3  C   n 
1 4  G   n 
1 5  U   n 
1 6  A   n 
1 7  U   n 
1 8  A   n 
1 9  U   n 
1 10 C   n 
1 11 C   n 
1 12 U   n 
1 13 U   n 
1 14 A   n 
1 15 A   n 
1 16 U   n 
1 17 G   n 
1 18 A   n 
1 19 U   n 
1 20 A   n 
1 21 U   n 
1 22 G   n 
1 23 G   n 
1 24 U   n 
1 25 U   n 
1 26 U   n 
1 27 A   n 
1 28 A   n 
1 29 G   n 
1 30 G   n 
1 31 G   n 
1 32 C   n 
1 33 A   n 
1 34 A   n 
1 35 U   n 
1 36 A   n 
1 37 C   n 
1 38 A   n 
1 39 U   n 
1 40 A   n 
1 41 G   n 
1 42 A   n 
1 43 A   n 
1 44 A   n 
1 45 C   n 
1 46 C   n 
1 47 A   n 
1 48 C   n 
1 49 A   n 
1 50 A   n 
1 51 A   n 
1 52 U   n 
1 53 U   n 
1 54 U   n 
1 55 C   n 
1 56 U   n 
1 57 U   n 
1 58 A   n 
1 59 C   n 
1 60 U   n 
1 61 G   n 
1 62 C   n 
1 63 G   n 
1 64 U   n 
1 65 CCC n 
# 
_entity_src_gen.entity_id                          1 
_entity_src_gen.pdbx_src_id                        1 
_entity_src_gen.pdbx_alt_source_flag               sample 
_entity_src_gen.pdbx_seq_type                      'Biological sequence' 
_entity_src_gen.pdbx_beg_seq_num                   1 
_entity_src_gen.pdbx_end_seq_num                   65 
_entity_src_gen.gene_src_common_name               ? 
_entity_src_gen.gene_src_genus                     ? 
_entity_src_gen.pdbx_gene_src_gene                 ? 
_entity_src_gen.gene_src_species                   ? 
_entity_src_gen.gene_src_strain                    ? 
_entity_src_gen.gene_src_tissue                    ? 
_entity_src_gen.gene_src_tissue_fraction           ? 
_entity_src_gen.gene_src_details                   ? 
_entity_src_gen.pdbx_gene_src_fragment             ? 
_entity_src_gen.pdbx_gene_src_scientific_name      'synthetic construct' 
_entity_src_gen.pdbx_gene_src_ncbi_taxonomy_id     32630 
_entity_src_gen.pdbx_gene_src_variant              ? 
_entity_src_gen.pdbx_gene_src_cell_line            ? 
_entity_src_gen.pdbx_gene_src_atcc                 ? 
_entity_src_gen.pdbx_gene_src_organ                ? 
_entity_src_gen.pdbx_gene_src_organelle            ? 
_entity_src_gen.pdbx_gene_src_cell                 ? 
_entity_src_gen.pdbx_gene_src_cellular_location    ? 
_entity_src_gen.host_org_common_name               ? 
_entity_src_gen.pdbx_host_org_scientific_name      'in vitro transcription vector pT7-TP(deltai)' 
_entity_src_gen.pdbx_host_org_ncbi_taxonomy_id     905931 
_entity_src_gen.host_org_genus                     ? 
_entity_src_gen.pdbx_host_org_gene                 ? 
_entity_src_gen.pdbx_host_org_organ                ? 
_entity_src_gen.host_org_species                   ? 
_entity_src_gen.pdbx_host_org_tissue               ? 
_entity_src_gen.pdbx_host_org_tissue_fraction      ? 
_entity_src_gen.pdbx_host_org_strain               ? 
_entity_src_gen.pdbx_host_org_variant              ? 
_entity_src_gen.pdbx_host_org_cell_line            ? 
_entity_src_gen.pdbx_host_org_atcc                 ? 
_entity_src_gen.pdbx_host_org_culture_collection   ? 
_entity_src_gen.pdbx_host_org_cell                 ? 
_entity_src_gen.pdbx_host_org_organelle            ? 
_entity_src_gen.pdbx_host_org_cellular_location    ? 
_entity_src_gen.pdbx_host_org_vector_type          ? 
_entity_src_gen.pdbx_host_org_vector               ? 
_entity_src_gen.host_org_details                   ? 
_entity_src_gen.expression_system_id               ? 
_entity_src_gen.plasmid_name                       ? 
_entity_src_gen.plasmid_details                    ? 
_entity_src_gen.pdbx_description                   ? 
# 
loop_
_chem_comp.id 
_chem_comp.type 
_chem_comp.mon_nstd_flag 
_chem_comp.name 
_chem_comp.pdbx_synonyms 
_chem_comp.formula 
_chem_comp.formula_weight 
A   'RNA linking' y "ADENOSINE-5'-MONOPHOSPHATE"                   ? 'C10 H14 N5 O7 P'   347.221 
C   'RNA linking' y "CYTIDINE-5'-MONOPHOSPHATE"                    ? 'C9 H14 N3 O8 P'    323.197 
CCC 'RNA linking' n 
;CYTIDINE-5'-PHOSPHATE-2',3'-CYCLIC PHOSPHATE
;
? 'C9 H13 N3 O10 P2'  385.161 
G   'RNA linking' y "GUANOSINE-5'-MONOPHOSPHATE"                   ? 'C10 H14 N5 O8 P'   363.221 
GMP non-polymer   . GUANOSINE                                      ? 'C10 H13 N5 O5'     283.241 
GTP non-polymer   n "GUANOSINE-5'-TRIPHOSPHATE"                    ? 'C10 H16 N5 O14 P3' 523.180 
HOH non-polymer   . WATER                                          ? 'H2 O'              18.015  
MG  non-polymer   . 'MAGNESIUM ION'                                ? 'Mg 2'              24.305  
MN  non-polymer   . 'MANGANESE (II) ION'                           ? 'Mn 2'              54.938  
U   'RNA linking' y "URIDINE-5'-MONOPHOSPHATE"                     ? 'C9 H13 N2 O9 P'    324.181 
# 
loop_
_pdbx_poly_seq_scheme.asym_id 
_pdbx_poly_seq_scheme.entity_id 
_pdbx_poly_seq_scheme.seq_id 
_pdbx_poly_seq_scheme.mon_id 
_pdbx_poly_seq_scheme.ndb_seq_num 
_pdbx_poly_seq_scheme.pdb_seq_num 
_pdbx_poly_seq_scheme.auth_seq_num 
_pdbx_poly_seq_scheme.pdb_mon_id 
_pdbx_poly_seq_scheme.auth_mon_id 
_pdbx_poly_seq_scheme.pdb_strand_id 
_pdbx_poly_seq_scheme.pdb_ins_code 
_pdbx_poly_seq_scheme.hetero 
A 1 1  GTP 1  5  5  GTP GTP X . n 
A 1 2  G   2  6  6  G   G   X . n 
A 1 3  C   3  7  7  C   C   X . n 
A 1 4  G   4  8  8  G   G   X . n 
A 1 5  U   5  9  9  U   U   X . n 
A 1 6  A   6  10 10 A   A   X . n 
A 1 7  U   7  11 11 U   U   X . n 
A 1 8  A   8  12 12 A   A   X . n 
A 1 9  U   9  13 13 U   U   X . n 
A 1 10 C   10 14 14 C   C   X . n 
A 1 11 C   11 15 15 C   C   X . n 
A 1 12 U   12 16 16 U   U   X . n 
A 1 13 U   13 17 17 U   U   X . n 
A 1 14 A   14 18 18 A   A   X . n 
A 1 15 A   15 19 19 A   A   X . n 
A 1 16 U   16 20 20 U   U   X . n 
A 1 17 G   17 21 21 G   G   X . n 
A 1 18 A   18 22 22 A   A   X . n 
A 1 19 U   19 23 23 U   U   X . n 
A 1 20 A   20 24 24 A   A   X . n 
A 1 21 U   21 25 25 U   U   X . n 
A 1 22 G   22 26 26 G   G   X . n 
A 1 23 G   23 27 27 G   G   X . n 
A 1 24 U   24 28 28 U   U   X . n 
A 1 25 U   25 29 29 U   U   X . n 
A 1 26 U   26 30 30 U   U   X . n 
A 1 27 A   27 31 31 A   A   X . n 
A 1 28 A   28 32 32 A   A   X . n 
A 1 29 G   29 33 33 G   G   X . n 
A 1 30 G   30 34 34 G   G   X . n 
A 1 31 G   31 35 35 G   G   X . n 
A 1 32 C   32 36 36 C   C   X . n 
A 1 33 A   33 37 37 A   A   X . n 
A 1 34 A   34 38 38 A   A   X . n 
A 1 35 U   35 39 39 U   U   X . n 
A 1 36 A   36 40 40 A   A   X . n 
A 1 37 C   37 41 41 C   C   X . n 
A 1 38 A   38 42 42 A   A   X . n 
A 1 39 U   39 43 43 U   U   X . n 
A 1 40 A   40 44 44 A   A   X . n 
A 1 41 G   41 45 45 G   G   X . n 
A 1 42 A   42 46 46 A   A   X . n 
A 1 43 A   43 47 47 A   A   X . n 
A 1 44 A   44 48 48 A   A   X . n 
A 1 45 C   45 49 49 C   C   X . n 
A 1 46 C   46 50 50 C   C   X . n 
A 1 47 A   47 51 51 A   A   X . n 
A 1 48 C   48 52 52 C   C   X . n 
A 1 49 A   49 53 53 A   A   X . n 
A 1 50 A   50 54 54 A   A   X . n 
A 1 51 A   51 55 55 A   A   X . n 
A 1 52 U   52 56 56 U   U   X . n 
A 1 53 U   53 57 57 U   U   X . n 
A 1 54 U   54 58 58 U   U   X . n 
A 1 55 C   55 59 59 C   C   X . n 
A 1 56 U   56 60 60 U   U   X . n 
A 1 57 U   57 61 61 U   U   X . n 
A 1 58 A   58 62 62 A   A   X . n 
A 1 59 C   59 63 63 C   C   X . n 
A 1 60 U   60 64 64 U   U   X . n 
A 1 61 G   61 65 65 G   G   X . n 
A 1 62 C   62 66 66 C   C   X . n 
A 1 63 G   63 67 67 G   G   X . n 
A 1 64 U   64 68 68 U   U   X . n 
A 1 65 CCC 65 69 69 CCC CCC X . n 
# 
_pdbx_entity_instance_feature.ordinal        1 
_pdbx_entity_instance_feature.comp_id        GMP 
_pdbx_entity_instance_feature.asym_id        ? 
_pdbx_entity_instance_feature.seq_num        ? 
_pdbx_entity_instance_feature.auth_comp_id   GMP 
_pdbx_entity_instance_feature.auth_asym_id   ? 
_pdbx_entity_instance_feature.auth_seq_num   ? 
_pdbx_entity_instance_feature.feature_type   'SUBJECT OF INVESTIGATION' 
_pdbx_entity_instance_feature.details        ? 
# 
loop_
_pdbx_nonpoly_scheme.asym_id 
_pdbx_nonpoly_scheme.entity_id 
_pdbx_nonpoly_scheme.mon_id 
_pdbx_nonpoly_scheme.ndb_seq_num 
_pdbx_nonpoly_scheme.pdb_seq_num 
_pdbx_nonpoly_scheme.auth_seq_num 
_pdbx_nonpoly_scheme.pdb_mon_id 
_pdbx_nonpoly_scheme.auth_mon_id 
_pdbx_nonpoly_scheme.pdb_strand_id 
_pdbx_nonpoly_scheme.pdb_ins_code 
B 2 GMP 1  101 106 GMP GMP X . 
C 3 MN  1  102 1   MN  MN  X . 
D 3 MN  1  103 2   MN  MN  X . 
E 3 MN  1  104 3   MN  MN  X . 
F 3 MN  1  105 4   MN  MN  X . 
G 3 MN  1  106 5   MN  MN  X . 
H 3 MN  1  107 6   MN  MN  X . 
I 4 MG  1  108 1   MG  MG  X . 
J 5 HOH 1  201 1   HOH HOH X . 
J 5 HOH 2  202 42  HOH HOH X . 
J 5 HOH 3  203 4   HOH HOH X . 
J 5 HOH 4  204 2   HOH HOH X . 
J 5 HOH 5  205 19  HOH HOH X . 
J 5 HOH 6  206 22  HOH HOH X . 
J 5 HOH 7  207 40  HOH HOH X . 
J 5 HOH 8  208 8   HOH HOH X . 
J 5 HOH 9  209 16  HOH HOH X . 
J 5 HOH 10 210 3   HOH HOH X . 
J 5 HOH 11 211 11  HOH HOH X . 
J 5 HOH 12 212 38  HOH HOH X . 
J 5 HOH 13 213 34  HOH HOH X . 
J 5 HOH 14 214 10  HOH HOH X . 
J 5 HOH 15 215 44  HOH HOH X . 
J 5 HOH 16 216 39  HOH HOH X . 
J 5 HOH 17 217 7   HOH HOH X . 
J 5 HOH 18 218 13  HOH HOH X . 
J 5 HOH 19 219 20  HOH HOH X . 
J 5 HOH 20 220 26  HOH HOH X . 
J 5 HOH 21 221 32  HOH HOH X . 
J 5 HOH 22 222 15  HOH HOH X . 
J 5 HOH 23 223 37  HOH HOH X . 
J 5 HOH 24 224 6   HOH HOH X . 
J 5 HOH 25 225 5   HOH HOH X . 
J 5 HOH 26 226 46  HOH HOH X . 
J 5 HOH 27 227 14  HOH HOH X . 
J 5 HOH 28 228 24  HOH HOH X . 
J 5 HOH 29 229 36  HOH HOH X . 
J 5 HOH 30 230 41  HOH HOH X . 
J 5 HOH 31 231 30  HOH HOH X . 
J 5 HOH 32 232 9   HOH HOH X . 
J 5 HOH 33 233 33  HOH HOH X . 
J 5 HOH 34 234 29  HOH HOH X . 
J 5 HOH 35 235 25  HOH HOH X . 
J 5 HOH 36 236 23  HOH HOH X . 
J 5 HOH 37 237 27  HOH HOH X . 
J 5 HOH 38 238 31  HOH HOH X . 
J 5 HOH 39 239 35  HOH HOH X . 
J 5 HOH 40 240 28  HOH HOH X . 
J 5 HOH 41 241 17  HOH HOH X . 
J 5 HOH 42 242 21  HOH HOH X . 
J 5 HOH 43 243 12  HOH HOH X . 
J 5 HOH 44 244 43  HOH HOH X . 
J 5 HOH 45 245 45  HOH HOH X . 
J 5 HOH 46 246 18  HOH HOH X . 
# 
loop_
_software.citation_id 
_software.classification 
_software.compiler_name 
_software.compiler_version 
_software.contact_author 
_software.contact_author_email 
_software.date 
_software.description 
_software.dependencies 
_software.hardware 
_software.language 
_software.location 
_software.mods 
_software.name 
_software.os 
_software.os_version 
_software.type 
_software.version 
_software.pdbx_reference_DOI 
_software.pdbx_ordinal 
? refinement        ? ? ? ? ? ? ? ? ? ? ? PHENIX      ? ? ? '(1.20.1_4487: ???)' ? 1 
? 'data scaling'    ? ? ? ? ? ? ? ? ? ? ? XDS         ? ? ? .                    ? 2 
? 'data extraction' ? ? ? ? ? ? ? ? ? ? ? PDB_EXTRACT ? ? ? .                    ? 3 
? 'data reduction'  ? ? ? ? ? ? ? ? ? ? ? HKL-3000    ? ? ? .                    ? 4 
? phasing           ? ? ? ? ? ? ? ? ? ? ? PHASER      ? ? ? .                    ? 5 
# 
_cell.angle_alpha                  90.00 
_cell.angle_alpha_esd              ? 
_cell.angle_beta                   90.00 
_cell.angle_beta_esd               ? 
_cell.angle_gamma                  90.00 
_cell.angle_gamma_esd              ? 
_cell.entry_id                     9UW0 
_cell.details                      ? 
_cell.formula_units_Z              ? 
_cell.length_a                     47.206 
_cell.length_a_esd                 ? 
_cell.length_b                     70.365 
_cell.length_b_esd                 ? 
_cell.length_c                     116.266 
_cell.length_c_esd                 ? 
_cell.volume                       ? 
_cell.volume_esd                   ? 
_cell.Z_PDB                        8 
_cell.reciprocal_angle_alpha       ? 
_cell.reciprocal_angle_beta        ? 
_cell.reciprocal_angle_gamma       ? 
_cell.reciprocal_angle_alpha_esd   ? 
_cell.reciprocal_angle_beta_esd    ? 
_cell.reciprocal_angle_gamma_esd   ? 
_cell.reciprocal_length_a          ? 
_cell.reciprocal_length_b          ? 
_cell.reciprocal_length_c          ? 
_cell.reciprocal_length_a_esd      ? 
_cell.reciprocal_length_b_esd      ? 
_cell.reciprocal_length_c_esd      ? 
_cell.pdbx_unique_axis             ? 
_cell.pdbx_esd_method              ? 
# 
_symmetry.entry_id                         9UW0 
_symmetry.cell_setting                     ? 
_symmetry.Int_Tables_number                23 
_symmetry.space_group_name_Hall            ? 
_symmetry.space_group_name_H-M             'I 2 2 2' 
_symmetry.pdbx_full_space_group_name_H-M   ? 
# 
_exptl.absorpt_coefficient_mu     ? 
_exptl.absorpt_correction_T_max   ? 
_exptl.absorpt_correction_T_min   ? 
_exptl.absorpt_correction_type    ? 
_exptl.absorpt_process_details    ? 
_exptl.entry_id                   9UW0 
_exptl.crystals_number            1 
_exptl.details                    ? 
_exptl.method                     'X-RAY DIFFRACTION' 
_exptl.method_details             ? 
# 
_exptl_crystal.colour                       ? 
_exptl_crystal.density_diffrn               ? 
_exptl_crystal.density_Matthews             2.32 
_exptl_crystal.density_method               ? 
_exptl_crystal.density_percent_sol          46.45 
_exptl_crystal.description                  ? 
_exptl_crystal.F_000                        ? 
_exptl_crystal.id                           1 
_exptl_crystal.preparation                  ? 
_exptl_crystal.size_max                     ? 
_exptl_crystal.size_mid                     ? 
_exptl_crystal.size_min                     ? 
_exptl_crystal.size_rad                     ? 
_exptl_crystal.colour_lustre                ? 
_exptl_crystal.colour_modifier              ? 
_exptl_crystal.colour_primary               ? 
_exptl_crystal.density_meas                 ? 
_exptl_crystal.density_meas_esd             ? 
_exptl_crystal.density_meas_gt              ? 
_exptl_crystal.density_meas_lt              ? 
_exptl_crystal.density_meas_temp            ? 
_exptl_crystal.density_meas_temp_esd        ? 
_exptl_crystal.density_meas_temp_gt         ? 
_exptl_crystal.density_meas_temp_lt         ? 
_exptl_crystal.pdbx_crystal_image_url       ? 
_exptl_crystal.pdbx_crystal_image_format    ? 
_exptl_crystal.pdbx_mosaicity               ? 
_exptl_crystal.pdbx_mosaicity_esd           ? 
_exptl_crystal.pdbx_mosaic_method           ? 
_exptl_crystal.pdbx_mosaic_block_size       ? 
_exptl_crystal.pdbx_mosaic_block_size_esd   ? 
# 
_exptl_crystal_grow.apparatus       ? 
_exptl_crystal_grow.atmosphere      ? 
_exptl_crystal_grow.crystal_id      1 
_exptl_crystal_grow.details         ? 
_exptl_crystal_grow.method          'VAPOR DIFFUSION, SITTING DROP' 
_exptl_crystal_grow.method_ref      ? 
_exptl_crystal_grow.pH              ? 
_exptl_crystal_grow.pressure        ? 
_exptl_crystal_grow.pressure_esd    ? 
_exptl_crystal_grow.seeding         ? 
_exptl_crystal_grow.seeding_ref     ? 
_exptl_crystal_grow.temp_details    ? 
_exptl_crystal_grow.temp_esd        ? 
_exptl_crystal_grow.time            ? 
_exptl_crystal_grow.pdbx_details    
;0.08 M Sodium chloride, 0.012 M Potassium chloride, 0.02 M Magnesium chloride hexahydrate, 0.04 M sodium cacodylate trihydrate 7.0, 35 % v/v 2-Methyl-2,4-pentanediol, 0.012 M spermine tetrahydrochloride
;
_exptl_crystal_grow.pdbx_pH_range   ? 
_exptl_crystal_grow.temp            289 
# 
_diffrn.ambient_environment              ? 
_diffrn.ambient_temp                     100 
_diffrn.ambient_temp_details             ? 
_diffrn.ambient_temp_esd                 ? 
_diffrn.crystal_id                       1 
_diffrn.crystal_support                  ? 
_diffrn.crystal_treatment                ? 
_diffrn.details                          ? 
_diffrn.id                               1 
_diffrn.ambient_pressure                 ? 
_diffrn.ambient_pressure_esd             ? 
_diffrn.ambient_pressure_gt              ? 
_diffrn.ambient_pressure_lt              ? 
_diffrn.ambient_temp_gt                  ? 
_diffrn.ambient_temp_lt                  ? 
_diffrn.pdbx_serial_crystal_experiment   N 
# 
_diffrn_detector.details                      ? 
_diffrn_detector.detector                     PIXEL 
_diffrn_detector.diffrn_id                    1 
_diffrn_detector.type                         'DECTRIS PILATUS 6M' 
_diffrn_detector.area_resol_mean              ? 
_diffrn_detector.dtime                        ? 
_diffrn_detector.pdbx_frames_total            ? 
_diffrn_detector.pdbx_collection_time_total   ? 
_diffrn_detector.pdbx_collection_date         2022-10-16 
_diffrn_detector.pdbx_frequency               ? 
_diffrn_detector.id                           ? 
_diffrn_detector.number_of_axes               ? 
# 
_diffrn_radiation.collimation                      ? 
_diffrn_radiation.diffrn_id                        1 
_diffrn_radiation.filter_edge                      ? 
_diffrn_radiation.inhomogeneity                    ? 
_diffrn_radiation.monochromator                    ? 
_diffrn_radiation.polarisn_norm                    ? 
_diffrn_radiation.polarisn_ratio                   ? 
_diffrn_radiation.probe                            ? 
_diffrn_radiation.type                             ? 
_diffrn_radiation.xray_symbol                      ? 
_diffrn_radiation.wavelength_id                    1 
_diffrn_radiation.pdbx_monochromatic_or_laue_m_l   M 
_diffrn_radiation.pdbx_wavelength_list             ? 
_diffrn_radiation.pdbx_wavelength                  ? 
_diffrn_radiation.pdbx_diffrn_protocol             'SINGLE WAVELENGTH' 
_diffrn_radiation.pdbx_analyzer                    ? 
_diffrn_radiation.pdbx_scattering_type             x-ray 
# 
_diffrn_radiation_wavelength.id           1 
_diffrn_radiation_wavelength.wavelength   1.23984 
_diffrn_radiation_wavelength.wt           1.0 
# 
_diffrn_source.current                     ? 
_diffrn_source.details                     ? 
_diffrn_source.diffrn_id                   1 
_diffrn_source.power                       ? 
_diffrn_source.size                        ? 
_diffrn_source.source                      SYNCHROTRON 
_diffrn_source.target                      ? 
_diffrn_source.type                        'SSRF BEAMLINE BL02U1' 
_diffrn_source.voltage                     ? 
_diffrn_source.take-off_angle              ? 
_diffrn_source.pdbx_wavelength_list        1.23984 
_diffrn_source.pdbx_wavelength             ? 
_diffrn_source.pdbx_synchrotron_beamline   BL02U1 
_diffrn_source.pdbx_synchrotron_site       SSRF 
# 
_reflns.B_iso_Wilson_estimate                          ? 
_reflns.entry_id                                       9UW0 
_reflns.data_reduction_details                         ? 
_reflns.data_reduction_method                          ? 
_reflns.d_resolution_high                              1.97 
_reflns.d_resolution_low                               58.13 
_reflns.details                                        ? 
_reflns.limit_h_max                                    ? 
_reflns.limit_h_min                                    ? 
_reflns.limit_k_max                                    ? 
_reflns.limit_k_min                                    ? 
_reflns.limit_l_max                                    ? 
_reflns.limit_l_min                                    ? 
_reflns.number_all                                     ? 
_reflns.number_obs                                     25859 
_reflns.observed_criterion                             ? 
_reflns.observed_criterion_F_max                       ? 
_reflns.observed_criterion_F_min                       ? 
_reflns.observed_criterion_I_max                       ? 
_reflns.observed_criterion_I_min                       ? 
_reflns.observed_criterion_sigma_F                     ? 
_reflns.observed_criterion_sigma_I                     ? 
_reflns.percent_possible_obs                           97.6 
_reflns.R_free_details                                 ? 
_reflns.Rmerge_F_all                                   ? 
_reflns.Rmerge_F_obs                                   ? 
_reflns.Friedel_coverage                               ? 
_reflns.number_gt                                      ? 
_reflns.threshold_expression                           ? 
_reflns.pdbx_redundancy                                7.1 
_reflns.pdbx_netI_over_av_sigmaI                       ? 
_reflns.pdbx_netI_over_sigmaI                          17.0 
_reflns.pdbx_res_netI_over_av_sigmaI_2                 ? 
_reflns.pdbx_res_netI_over_sigmaI_2                    ? 
_reflns.pdbx_chi_squared                               ? 
_reflns.pdbx_scaling_rejects                           ? 
_reflns.pdbx_d_res_high_opt                            ? 
_reflns.pdbx_d_res_low_opt                             ? 
_reflns.pdbx_d_res_opt_method                          ? 
_reflns.phase_calculation_details                      ? 
_reflns.pdbx_Rrim_I_all                                ? 
_reflns.pdbx_Rpim_I_all                                ? 
_reflns.pdbx_d_opt                                     ? 
_reflns.pdbx_number_measured_all                       ? 
_reflns.pdbx_diffrn_id                                 1 
_reflns.pdbx_ordinal                                   1 
_reflns.pdbx_CC_half                                   0.999 
_reflns.pdbx_CC_star                                   ? 
_reflns.pdbx_R_split                                   ? 
_reflns.pdbx_Rmerge_I_obs                              ? 
_reflns.pdbx_Rmerge_I_all                              ? 
_reflns.pdbx_Rsym_value                                ? 
_reflns.pdbx_CC_split_method                           ? 
_reflns.pdbx_aniso_diffraction_limit_axis_1_ortho[1]   ? 
_reflns.pdbx_aniso_diffraction_limit_axis_1_ortho[2]   ? 
_reflns.pdbx_aniso_diffraction_limit_axis_1_ortho[3]   ? 
_reflns.pdbx_aniso_diffraction_limit_axis_2_ortho[1]   ? 
_reflns.pdbx_aniso_diffraction_limit_axis_2_ortho[2]   ? 
_reflns.pdbx_aniso_diffraction_limit_axis_2_ortho[3]   ? 
_reflns.pdbx_aniso_diffraction_limit_axis_3_ortho[1]   ? 
_reflns.pdbx_aniso_diffraction_limit_axis_3_ortho[2]   ? 
_reflns.pdbx_aniso_diffraction_limit_axis_3_ortho[3]   ? 
_reflns.pdbx_aniso_diffraction_limit_1                 ? 
_reflns.pdbx_aniso_diffraction_limit_2                 ? 
_reflns.pdbx_aniso_diffraction_limit_3                 ? 
_reflns.pdbx_aniso_B_tensor_eigenvector_1_ortho[1]     ? 
_reflns.pdbx_aniso_B_tensor_eigenvector_1_ortho[2]     ? 
_reflns.pdbx_aniso_B_tensor_eigenvector_1_ortho[3]     ? 
_reflns.pdbx_aniso_B_tensor_eigenvector_2_ortho[1]     ? 
_reflns.pdbx_aniso_B_tensor_eigenvector_2_ortho[2]     ? 
_reflns.pdbx_aniso_B_tensor_eigenvector_2_ortho[3]     ? 
_reflns.pdbx_aniso_B_tensor_eigenvector_3_ortho[1]     ? 
_reflns.pdbx_aniso_B_tensor_eigenvector_3_ortho[2]     ? 
_reflns.pdbx_aniso_B_tensor_eigenvector_3_ortho[3]     ? 
_reflns.pdbx_aniso_B_tensor_eigenvalue_1               ? 
_reflns.pdbx_aniso_B_tensor_eigenvalue_2               ? 
_reflns.pdbx_aniso_B_tensor_eigenvalue_3               ? 
_reflns.pdbx_orthogonalization_convention              ? 
_reflns.pdbx_percent_possible_ellipsoidal              ? 
_reflns.pdbx_percent_possible_spherical                ? 
_reflns.pdbx_percent_possible_ellipsoidal_anomalous    ? 
_reflns.pdbx_percent_possible_spherical_anomalous      ? 
_reflns.pdbx_redundancy_anomalous                      ? 
_reflns.pdbx_CC_half_anomalous                         ? 
_reflns.pdbx_absDiff_over_sigma_anomalous              ? 
_reflns.pdbx_percent_possible_anomalous                ? 
_reflns.pdbx_observed_signal_threshold                 ? 
_reflns.pdbx_signal_type                               ? 
_reflns.pdbx_signal_details                            ? 
_reflns.pdbx_signal_software_id                        ? 
# 
_reflns_shell.d_res_high                                    1.97 
_reflns_shell.d_res_low                                     2.07 
_reflns_shell.meanI_over_sigI_all                           ? 
_reflns_shell.meanI_over_sigI_obs                           ? 
_reflns_shell.number_measured_all                           ? 
_reflns_shell.number_measured_obs                           ? 
_reflns_shell.number_possible                               ? 
_reflns_shell.number_unique_all                             ? 
_reflns_shell.number_unique_obs                             2020 
_reflns_shell.percent_possible_obs                          ? 
_reflns_shell.Rmerge_F_all                                  ? 
_reflns_shell.Rmerge_F_obs                                  ? 
_reflns_shell.meanI_over_sigI_gt                            ? 
_reflns_shell.meanI_over_uI_all                             ? 
_reflns_shell.meanI_over_uI_gt                              ? 
_reflns_shell.number_measured_gt                            ? 
_reflns_shell.number_unique_gt                              ? 
_reflns_shell.percent_possible_gt                           ? 
_reflns_shell.Rmerge_F_gt                                   ? 
_reflns_shell.Rmerge_I_gt                                   ? 
_reflns_shell.pdbx_redundancy                               ? 
_reflns_shell.pdbx_chi_squared                              ? 
_reflns_shell.pdbx_netI_over_sigmaI_all                     ? 
_reflns_shell.pdbx_netI_over_sigmaI_obs                     ? 
_reflns_shell.pdbx_Rrim_I_all                               ? 
_reflns_shell.pdbx_Rpim_I_all                               ? 
_reflns_shell.pdbx_rejects                                  ? 
_reflns_shell.pdbx_ordinal                                  1 
_reflns_shell.pdbx_diffrn_id                                1 
_reflns_shell.pdbx_CC_half                                  0.777 
_reflns_shell.pdbx_CC_star                                  ? 
_reflns_shell.pdbx_R_split                                  ? 
_reflns_shell.percent_possible_all                          ? 
_reflns_shell.Rmerge_I_all                                  ? 
_reflns_shell.Rmerge_I_obs                                  ? 
_reflns_shell.pdbx_Rsym_value                               ? 
_reflns_shell.pdbx_percent_possible_ellipsoidal             ? 
_reflns_shell.pdbx_percent_possible_spherical               ? 
_reflns_shell.pdbx_percent_possible_ellipsoidal_anomalous   ? 
_reflns_shell.pdbx_percent_possible_spherical_anomalous     ? 
_reflns_shell.pdbx_redundancy_anomalous                     ? 
_reflns_shell.pdbx_CC_half_anomalous                        ? 
_reflns_shell.pdbx_absDiff_over_sigma_anomalous             ? 
_reflns_shell.pdbx_percent_possible_anomalous               ? 
# 
_refine.aniso_B[1][1]                            ? 
_refine.aniso_B[1][2]                            ? 
_refine.aniso_B[1][3]                            ? 
_refine.aniso_B[2][2]                            ? 
_refine.aniso_B[2][3]                            ? 
_refine.aniso_B[3][3]                            ? 
_refine.B_iso_max                                ? 
_refine.B_iso_mean                               ? 
_refine.B_iso_min                                ? 
_refine.correlation_coeff_Fo_to_Fc               ? 
_refine.correlation_coeff_Fo_to_Fc_free          ? 
_refine.details                                  ? 
_refine.diff_density_max                         ? 
_refine.diff_density_max_esd                     ? 
_refine.diff_density_min                         ? 
_refine.diff_density_min_esd                     ? 
_refine.diff_density_rms                         ? 
_refine.diff_density_rms_esd                     ? 
_refine.entry_id                                 9UW0 
_refine.pdbx_refine_id                           'X-RAY DIFFRACTION' 
_refine.ls_abs_structure_details                 ? 
_refine.ls_abs_structure_Flack                   ? 
_refine.ls_abs_structure_Flack_esd               ? 
_refine.ls_abs_structure_Rogers                  ? 
_refine.ls_abs_structure_Rogers_esd              ? 
_refine.ls_d_res_high                            1.97 
_refine.ls_d_res_low                             32.50 
_refine.ls_extinction_coef                       ? 
_refine.ls_extinction_coef_esd                   ? 
_refine.ls_extinction_expression                 ? 
_refine.ls_extinction_method                     ? 
_refine.ls_goodness_of_fit_all                   ? 
_refine.ls_goodness_of_fit_all_esd               ? 
_refine.ls_goodness_of_fit_obs                   ? 
_refine.ls_goodness_of_fit_obs_esd               ? 
_refine.ls_hydrogen_treatment                    ? 
_refine.ls_matrix_type                           ? 
_refine.ls_number_constraints                    ? 
_refine.ls_number_parameters                     ? 
_refine.ls_number_reflns_all                     ? 
_refine.ls_number_reflns_obs                     25859 
_refine.ls_number_reflns_R_free                  1303 
_refine.ls_number_reflns_R_work                  ? 
_refine.ls_number_restraints                     ? 
_refine.ls_percent_reflns_obs                    96.97 
_refine.ls_percent_reflns_R_free                 5.04 
_refine.ls_R_factor_all                          ? 
_refine.ls_R_factor_obs                          0.2063 
_refine.ls_R_factor_R_free                       0.2229 
_refine.ls_R_factor_R_free_error                 ? 
_refine.ls_R_factor_R_free_error_details         ? 
_refine.ls_R_factor_R_work                       0.2054 
_refine.ls_R_Fsqd_factor_obs                     ? 
_refine.ls_R_I_factor_obs                        ? 
_refine.ls_redundancy_reflns_all                 ? 
_refine.ls_redundancy_reflns_obs                 ? 
_refine.ls_restrained_S_all                      ? 
_refine.ls_restrained_S_obs                      ? 
_refine.ls_shift_over_esd_max                    ? 
_refine.ls_shift_over_esd_mean                   ? 
_refine.ls_structure_factor_coef                 ? 
_refine.ls_weighting_details                     ? 
_refine.ls_weighting_scheme                      ? 
_refine.ls_wR_factor_all                         ? 
_refine.ls_wR_factor_obs                         ? 
_refine.ls_wR_factor_R_free                      ? 
_refine.ls_wR_factor_R_work                      ? 
_refine.occupancy_max                            ? 
_refine.occupancy_min                            ? 
_refine.solvent_model_details                    'FLAT BULK SOLVENT MODEL' 
_refine.solvent_model_param_bsol                 ? 
_refine.solvent_model_param_ksol                 ? 
_refine.correlation_coeff_I_to_Fcsqd_work        ? 
_refine.correlation_coeff_I_to_Fcsqd_free        ? 
_refine.pdbx_R_complete                          ? 
_refine.ls_R_factor_gt                           ? 
_refine.ls_goodness_of_fit_gt                    ? 
_refine.ls_goodness_of_fit_ref                   ? 
_refine.ls_shift_over_su_max                     ? 
_refine.ls_shift_over_su_max_lt                  ? 
_refine.ls_shift_over_su_mean                    ? 
_refine.ls_shift_over_su_mean_lt                 ? 
_refine.pdbx_ls_sigma_I                          ? 
_refine.pdbx_ls_sigma_F                          1.34 
_refine.pdbx_ls_sigma_Fsqd                       ? 
_refine.pdbx_data_cutoff_high_absF               ? 
_refine.pdbx_data_cutoff_high_rms_absF           ? 
_refine.pdbx_data_cutoff_low_absF                ? 
_refine.pdbx_isotropic_thermal_model             ? 
_refine.pdbx_ls_cross_valid_method               THROUGHOUT 
_refine.pdbx_method_to_determine_struct          'MOLECULAR REPLACEMENT' 
_refine.pdbx_starting_model                      ? 
_refine.pdbx_stereochemistry_target_values       ML 
_refine.pdbx_R_Free_selection_details            ? 
_refine.pdbx_stereochem_target_val_spec_case     ? 
_refine.pdbx_overall_ESU_R                       ? 
_refine.pdbx_overall_ESU_R_Free                  ? 
_refine.pdbx_solvent_vdw_probe_radii             1.10 
_refine.pdbx_solvent_ion_probe_radii             ? 
_refine.pdbx_solvent_shrinkage_radii             0.90 
_refine.pdbx_real_space_R                        ? 
_refine.pdbx_density_correlation                 ? 
_refine.pdbx_pd_number_of_powder_patterns        ? 
_refine.pdbx_pd_number_of_points                 ? 
_refine.pdbx_pd_meas_number_of_points            ? 
_refine.pdbx_pd_proc_ls_prof_R_factor            ? 
_refine.pdbx_pd_proc_ls_prof_wR_factor           ? 
_refine.pdbx_pd_Marquardt_correlation_coeff      ? 
_refine.pdbx_pd_Fsqrd_R_factor                   ? 
_refine.pdbx_pd_ls_matrix_band_width             ? 
_refine.pdbx_overall_phase_error                 30.25 
_refine.pdbx_overall_SU_R_free_Cruickshank_DPI   ? 
_refine.pdbx_overall_SU_R_free_Blow_DPI          ? 
_refine.pdbx_overall_SU_R_Blow_DPI               ? 
_refine.pdbx_TLS_residual_ADP_flag               ? 
_refine.pdbx_diffrn_id                           1 
_refine.overall_SU_B                             ? 
_refine.overall_SU_ML                            0.31 
_refine.overall_SU_R_Cruickshank_DPI             ? 
_refine.overall_SU_R_free                        ? 
_refine.overall_FOM_free_R_set                   ? 
_refine.overall_FOM_work_R_set                   ? 
_refine.pdbx_average_fsc_overall                 ? 
_refine.pdbx_average_fsc_work                    ? 
_refine.pdbx_average_fsc_free                    ? 
# 
_refine_hist.pdbx_refine_id                   'X-RAY DIFFRACTION' 
_refine_hist.cycle_id                         LAST 
_refine_hist.pdbx_number_atoms_protein        0 
_refine_hist.pdbx_number_atoms_nucleic_acid   1390 
_refine_hist.pdbx_number_atoms_ligand         27 
_refine_hist.number_atoms_solvent             46 
_refine_hist.number_atoms_total               1463 
_refine_hist.d_res_high                       1.97 
_refine_hist.d_res_low                        32.50 
# 
loop_
_refine_ls_restr.pdbx_refine_id 
_refine_ls_restr.criterion 
_refine_ls_restr.dev_ideal 
_refine_ls_restr.dev_ideal_target 
_refine_ls_restr.number 
_refine_ls_restr.rejects 
_refine_ls_restr.type 
_refine_ls_restr.weight 
_refine_ls_restr.pdbx_Zscore 
_refine_ls_restr.pdbx_restraint_function 
'X-RAY DIFFRACTION' ? 0.005  ? 1574 ? f_bond_d           ? ? ? 
'X-RAY DIFFRACTION' ? 1.074  ? 2448 ? f_angle_d          ? ? ? 
'X-RAY DIFFRACTION' ? 15.568 ? 792  ? f_dihedral_angle_d ? ? ? 
'X-RAY DIFFRACTION' ? 0.044  ? 329  ? f_chiral_restr     ? ? ? 
'X-RAY DIFFRACTION' ? 0.008  ? 67   ? f_plane_restr      ? ? ? 
# 
loop_
_refine_ls_shell.pdbx_refine_id 
_refine_ls_shell.d_res_high 
_refine_ls_shell.d_res_low 
_refine_ls_shell.number_reflns_all 
_refine_ls_shell.number_reflns_obs 
_refine_ls_shell.number_reflns_R_free 
_refine_ls_shell.number_reflns_R_work 
_refine_ls_shell.percent_reflns_obs 
_refine_ls_shell.percent_reflns_R_free 
_refine_ls_shell.R_factor_all 
_refine_ls_shell.R_factor_obs 
_refine_ls_shell.R_factor_R_free_error 
_refine_ls_shell.R_factor_R_work 
_refine_ls_shell.redundancy_reflns_all 
_refine_ls_shell.redundancy_reflns_obs 
_refine_ls_shell.wR_factor_all 
_refine_ls_shell.wR_factor_obs 
_refine_ls_shell.wR_factor_R_free 
_refine_ls_shell.wR_factor_R_work 
_refine_ls_shell.pdbx_R_complete 
_refine_ls_shell.correlation_coeff_Fo_to_Fc 
_refine_ls_shell.correlation_coeff_Fo_to_Fc_free 
_refine_ls_shell.correlation_coeff_I_to_Fcsqd_work 
_refine_ls_shell.correlation_coeff_I_to_Fcsqd_free 
_refine_ls_shell.pdbx_total_number_of_bins_used 
_refine_ls_shell.pdbx_phase_error 
_refine_ls_shell.pdbx_fsc_work 
_refine_ls_shell.pdbx_fsc_free 
_refine_ls_shell.R_factor_R_free 
'X-RAY DIFFRACTION' 1.97 2.04  . . 167 2777 99.00  . . . . 0.3025 . . . . . . . . . . . . . . . 0.3141 
'X-RAY DIFFRACTION' 2.04 2.14  . . 133 2753 97.00  . . . . 0.3300 . . . . . . . . . . . . . . . 0.3943 
'X-RAY DIFFRACTION' 2.14 2.24  . . 145 2587 98.00  . . . . 0.2817 . . . . . . . . . . . . . . . 0.3020 
'X-RAY DIFFRACTION' 2.27 2.39  . . 100 2521 100.00 . . . . 0.2685 . . . . . . . . . . . . . . . 0.2986 
'X-RAY DIFFRACTION' 2.39 2.57  . . 164 2773 100.00 . . . . 0.2700 . . . . . . . . . . . . . . . 0.2966 
'X-RAY DIFFRACTION' 2.58 2.83  . . 147 2783 100.00 . . . . 0.2724 . . . . . . . . . . . . . . . 0.2629 
'X-RAY DIFFRACTION' 2.83 3.24  . . 162 2802 99.00  . . . . 0.2170 . . . . . . . . . . . . . . . 0.2799 
'X-RAY DIFFRACTION' 3.24 4.08  . . 131 2785 99.00  . . . . 0.1779 . . . . . . . . . . . . . . . 0.1594 
'X-RAY DIFFRACTION' 4.09 32.50 . . 154 2775 99.00  . . . . 0.1472 . . . . . . . . . . . . . . . 0.1689 
# 
_struct.entry_id                     9UW0 
_struct.title                        
;Crystal structure of 2'-dG-III riboswitch with Guanosine, manganese saok
;
_struct.pdbx_model_details           ? 
_struct.pdbx_formula_weight          ? 
_struct.pdbx_formula_weight_method   ? 
_struct.pdbx_model_type_details      ? 
_struct.pdbx_CASP_flag               N 
# 
_struct_keywords.entry_id        9UW0 
_struct_keywords.text            
;Riboswitch, 2'-dG, RNA, Guanosine
;
_struct_keywords.pdbx_keywords   RNA 
# 
loop_
_struct_asym.id 
_struct_asym.pdbx_blank_PDB_chainid_flag 
_struct_asym.pdbx_modified 
_struct_asym.entity_id 
_struct_asym.details 
A N N 1 ? 
B N N 2 ? 
C N N 3 ? 
D N N 3 ? 
E N N 3 ? 
F N N 3 ? 
G N N 3 ? 
H N N 3 ? 
I N N 4 ? 
J N N 5 ? 
# 
_struct_ref.id                         1 
_struct_ref.db_name                    PDB 
_struct_ref.db_code                    9UW0 
_struct_ref.pdbx_db_accession          9UW0 
_struct_ref.pdbx_db_isoform            ? 
_struct_ref.entity_id                  1 
_struct_ref.pdbx_seq_one_letter_code   ? 
_struct_ref.pdbx_align_begin           1 
# 
_struct_ref_seq.align_id                      1 
_struct_ref_seq.ref_id                        1 
_struct_ref_seq.pdbx_PDB_id_code              9UW0 
_struct_ref_seq.pdbx_strand_id                X 
_struct_ref_seq.seq_align_beg                 1 
_struct_ref_seq.pdbx_seq_align_beg_ins_code   ? 
_struct_ref_seq.seq_align_end                 65 
_struct_ref_seq.pdbx_seq_align_end_ins_code   ? 
_struct_ref_seq.pdbx_db_accession             9UW0 
_struct_ref_seq.db_align_beg                  5 
_struct_ref_seq.pdbx_db_align_beg_ins_code    ? 
_struct_ref_seq.db_align_end                  69 
_struct_ref_seq.pdbx_db_align_end_ins_code    ? 
_struct_ref_seq.pdbx_auth_seq_align_beg       5 
_struct_ref_seq.pdbx_auth_seq_align_end       69 
# 
_pdbx_struct_assembly.id                   1 
_pdbx_struct_assembly.details              author_and_software_defined_assembly 
_pdbx_struct_assembly.method_details       PISA 
_pdbx_struct_assembly.oligomeric_details   monomeric 
_pdbx_struct_assembly.oligomeric_count     1 
# 
loop_
_pdbx_struct_assembly_prop.biol_id 
_pdbx_struct_assembly_prop.type 
_pdbx_struct_assembly_prop.value 
_pdbx_struct_assembly_prop.details 
1 'ABSA (A^2)' 790   ? 
1 MORE         -4    ? 
1 'SSA (A^2)'  10810 ? 
# 
_pdbx_struct_assembly_gen.assembly_id       1 
_pdbx_struct_assembly_gen.oper_expression   1 
_pdbx_struct_assembly_gen.asym_id_list      A,B,C,D,E,F,G,H,I,J 
# 
_pdbx_struct_assembly_auth_evidence.id                     1 
_pdbx_struct_assembly_auth_evidence.assembly_id            1 
_pdbx_struct_assembly_auth_evidence.experimental_support   none 
_pdbx_struct_assembly_auth_evidence.details                ? 
# 
_pdbx_struct_oper_list.id                   1 
_pdbx_struct_oper_list.type                 'identity operation' 
_pdbx_struct_oper_list.name                 1_555 
_pdbx_struct_oper_list.symmetry_operation   x,y,z 
_pdbx_struct_oper_list.matrix[1][1]         1.0000000000 
_pdbx_struct_oper_list.matrix[1][2]         0.0000000000 
_pdbx_struct_oper_list.matrix[1][3]         0.0000000000 
_pdbx_struct_oper_list.vector[1]            0.0000000000 
_pdbx_struct_oper_list.matrix[2][1]         0.0000000000 
_pdbx_struct_oper_list.matrix[2][2]         1.0000000000 
_pdbx_struct_oper_list.matrix[2][3]         0.0000000000 
_pdbx_struct_oper_list.vector[2]            0.0000000000 
_pdbx_struct_oper_list.matrix[3][1]         0.0000000000 
_pdbx_struct_oper_list.matrix[3][2]         0.0000000000 
_pdbx_struct_oper_list.matrix[3][3]         1.0000000000 
_pdbx_struct_oper_list.vector[3]            0.0000000000 
# 
loop_
_struct_conn.id 
_struct_conn.conn_type_id 
_struct_conn.pdbx_leaving_atom_flag 
_struct_conn.pdbx_PDB_id 
_struct_conn.ptnr1_label_asym_id 
_struct_conn.ptnr1_label_comp_id 
_struct_conn.ptnr1_label_seq_id 
_struct_conn.ptnr1_label_atom_id 
_struct_conn.pdbx_ptnr1_label_alt_id 
_struct_conn.pdbx_ptnr1_PDB_ins_code 
_struct_conn.pdbx_ptnr1_standard_comp_id 
_struct_conn.ptnr1_symmetry 
_struct_conn.ptnr2_label_asym_id 
_struct_conn.ptnr2_label_comp_id 
_struct_conn.ptnr2_label_seq_id 
_struct_conn.ptnr2_label_atom_id 
_struct_conn.pdbx_ptnr2_label_alt_id 
_struct_conn.pdbx_ptnr2_PDB_ins_code 
_struct_conn.ptnr1_auth_asym_id 
_struct_conn.ptnr1_auth_comp_id 
_struct_conn.ptnr1_auth_seq_id 
_struct_conn.ptnr2_auth_asym_id 
_struct_conn.ptnr2_auth_comp_id 
_struct_conn.ptnr2_auth_seq_id 
_struct_conn.ptnr2_symmetry 
_struct_conn.pdbx_ptnr3_label_atom_id 
_struct_conn.pdbx_ptnr3_label_seq_id 
_struct_conn.pdbx_ptnr3_label_comp_id 
_struct_conn.pdbx_ptnr3_label_asym_id 
_struct_conn.pdbx_ptnr3_label_alt_id 
_struct_conn.pdbx_ptnr3_PDB_ins_code 
_struct_conn.details 
_struct_conn.pdbx_dist_value 
_struct_conn.pdbx_value_order 
_struct_conn.pdbx_role 
covale1  covale both ? A GTP 1  "O3'" ? ? ? 1_555 A G   2  P  ? ? X GTP 5   X G   6   1_555 ? ? ? ? ? ? ?                    1.559 
? ? 
covale2  covale both ? A U   64 "O3'" ? ? ? 1_555 A CCC 65 P  ? ? X U   68  X CCC 69  1_555 ? ? ? ? ? ? ?                    1.610 
? ? 
metalc1  metalc ?    ? A GTP 1  O3G   ? ? ? 1_555 D MN  .  MN ? ? X GTP 5   X MN  103 1_555 ? ? ? ? ? ? ?                    2.308 
? ? 
metalc2  metalc ?    ? A GTP 1  N7    ? ? ? 1_555 D MN  .  MN ? ? X GTP 5   X MN  103 1_555 ? ? ? ? ? ? ?                    2.268 
? ? 
metalc3  metalc ?    ? A GTP 1  O2B   ? ? ? 1_555 G MN  .  MN ? ? X GTP 5   X MN  106 1_555 ? ? ? ? ? ? ?                    2.340 
? ? 
metalc4  metalc ?    ? A A   6  OP2   ? ? ? 1_555 E MN  .  MN ? ? X A   10  X MN  104 1_555 ? ? ? ? ? ? ?                    2.079 
? ? 
metalc5  metalc ?    ? A A   8  OP1   ? ? ? 1_555 E MN  .  MN ? ? X A   12  X MN  104 1_555 ? ? ? ? ? ? ?                    2.076 
? ? 
metalc6  metalc ?    ? A U   9  OP2   ? ? ? 1_555 F MN  .  MN ? ? X U   13  X MN  105 1_555 ? ? ? ? ? ? ?                    2.304 
? ? 
metalc7  metalc ?    ? A G   23 N7    ? ? ? 1_555 H MN  .  MN ? ? X G   27  X MN  107 1_555 ? ? ? ? ? ? ?                    2.367 
? ? 
metalc8  metalc ?    ? A A   34 OP2   ? ? ? 1_555 I MG  .  MG ? ? X A   38  X MG  108 1_555 ? ? ? ? ? ? ?                    2.208 
? ? 
metalc9  metalc ?    ? A U   35 O4    ? ? ? 1_555 I MG  .  MG ? ? X U   39  X MG  108 1_555 ? ? ? ? ? ? ?                    2.369 
? ? 
metalc10 metalc ?    ? A G   61 O6    ? ? ? 1_555 C MN  .  MN ? ? X G   65  X MN  102 1_555 ? ? ? ? ? ? ?                    2.768 
? ? 
metalc11 metalc ?    ? A U   64 O4    ? ? ? 1_555 G MN  .  MN ? ? X U   68  X MN  106 3_555 ? ? ? ? ? ? ?                    2.366 
? ? 
metalc12 metalc ?    ? B GMP .  "O3'" ? ? ? 1_555 I MG  .  MG ? ? X GMP 101 X MG  108 1_555 ? ? ? ? ? ? ?                    2.553 
? ? 
metalc13 metalc ?    ? B GMP .  "O2'" ? ? ? 1_555 I MG  .  MG ? ? X GMP 101 X MG  108 1_555 ? ? ? ? ? ? ?                    2.370 
? ? 
metalc14 metalc ?    ? D MN  .  MN    ? ? ? 1_555 J HOH .  O  ? ? X MN  103 X HOH 215 3_555 ? ? ? ? ? ? ?                    2.097 
? ? 
metalc15 metalc ?    ? E MN  .  MN    ? ? ? 1_555 J HOH .  O  ? ? X MN  104 X HOH 227 1_555 ? ? ? ? ? ? ?                    2.535 
? ? 
metalc16 metalc ?    ? E MN  .  MN    ? ? ? 1_555 J HOH .  O  ? ? X MN  104 X HOH 229 1_555 ? ? ? ? ? ? ?                    2.143 
? ? 
metalc17 metalc ?    ? E MN  .  MN    ? ? ? 1_555 J HOH .  O  ? ? X MN  104 X HOH 231 1_555 ? ? ? ? ? ? ?                    2.300 
? ? 
metalc18 metalc ?    ? E MN  .  MN    ? ? ? 1_555 J HOH .  O  ? ? X MN  104 X HOH 234 1_555 ? ? ? ? ? ? ?                    2.269 
? ? 
metalc19 metalc ?    ? G MN  .  MN    ? ? ? 1_555 J HOH .  O  ? ? X MN  106 X HOH 204 1_555 ? ? ? ? ? ? ?                    2.328 
? ? 
metalc20 metalc ?    ? G MN  .  MN    ? ? ? 1_555 J HOH .  O  ? ? X MN  106 X HOH 224 3_555 ? ? ? ? ? ? ?                    2.188 
? ? 
metalc21 metalc ?    ? G MN  .  MN    ? ? ? 1_555 J HOH .  O  ? ? X MN  106 X HOH 230 3_555 ? ? ? ? ? ? ?                    2.482 
? ? 
metalc22 metalc ?    ? I MG  .  MG    ? ? ? 1_555 J HOH .  O  ? ? X MG  108 X HOH 239 1_555 ? ? ? ? ? ? ?                    2.617 
? ? 
hydrog1  hydrog ?    ? A GTP 1  N1    ? ? ? 1_555 A CCC 65 N3 ? ? X GTP 5   X CCC 69  1_555 ? ? ? ? ? ? WATSON-CRICK         ?     
? ? 
hydrog2  hydrog ?    ? A GTP 1  N2    ? ? ? 1_555 A CCC 65 O2 ? ? X GTP 5   X CCC 69  1_555 ? ? ? ? ? ? WATSON-CRICK         ?     
? ? 
hydrog3  hydrog ?    ? A GTP 1  O6    ? ? ? 1_555 A CCC 65 N4 ? ? X GTP 5   X CCC 69  1_555 ? ? ? ? ? ? WATSON-CRICK         ?     
? ? 
hydrog4  hydrog ?    ? A G   2  N1    ? ? ? 1_555 A U   64 O2 ? ? X G   6   X U   68  1_555 ? ? ? ? ? ? TYPE_28_PAIR         ?     
? ? 
hydrog5  hydrog ?    ? A G   2  O6    ? ? ? 1_555 A U   64 N3 ? ? X G   6   X U   68  1_555 ? ? ? ? ? ? TYPE_28_PAIR         ?     
? ? 
hydrog6  hydrog ?    ? A C   3  N3    ? ? ? 1_555 A G   63 N1 ? ? X C   7   X G   67  1_555 ? ? ? ? ? ? WATSON-CRICK         ?     
? ? 
hydrog7  hydrog ?    ? A C   3  N4    ? ? ? 1_555 A G   63 O6 ? ? X C   7   X G   67  1_555 ? ? ? ? ? ? WATSON-CRICK         ?     
? ? 
hydrog8  hydrog ?    ? A C   3  O2    ? ? ? 1_555 A G   63 N2 ? ? X C   7   X G   67  1_555 ? ? ? ? ? ? WATSON-CRICK         ?     
? ? 
hydrog9  hydrog ?    ? A G   4  N1    ? ? ? 1_555 A C   62 N3 ? ? X G   8   X C   66  1_555 ? ? ? ? ? ? WATSON-CRICK         ?     
? ? 
hydrog10 hydrog ?    ? A G   4  N2    ? ? ? 1_555 A C   62 O2 ? ? X G   8   X C   66  1_555 ? ? ? ? ? ? WATSON-CRICK         ?     
? ? 
hydrog11 hydrog ?    ? A G   4  O6    ? ? ? 1_555 A C   62 N4 ? ? X G   8   X C   66  1_555 ? ? ? ? ? ? WATSON-CRICK         ?     
? ? 
hydrog12 hydrog ?    ? A U   5  N3    ? ? ? 1_555 A G   61 O6 ? ? X U   9   X G   65  1_555 ? ? ? ? ? ? TYPE_28_PAIR         ?     
? ? 
hydrog13 hydrog ?    ? A U   5  O2    ? ? ? 1_555 A G   61 N1 ? ? X U   9   X G   65  1_555 ? ? ? ? ? ? TYPE_28_PAIR         ?     
? ? 
hydrog14 hydrog ?    ? A A   6  N1    ? ? ? 1_555 A U   60 N3 ? ? X A   10  X U   64  1_555 ? ? ? ? ? ? WATSON-CRICK         ?     
? ? 
hydrog15 hydrog ?    ? A A   6  N6    ? ? ? 1_555 A U   60 O4 ? ? X A   10  X U   64  1_555 ? ? ? ? ? ? WATSON-CRICK         ?     
? ? 
hydrog16 hydrog ?    ? A U   7  N3    ? ? ? 1_555 A A   36 N1 ? ? X U   11  X A   40  1_555 ? ? ? ? ? ? WATSON-CRICK         ?     
? ? 
hydrog17 hydrog ?    ? A U   7  O4    ? ? ? 1_555 A A   36 N6 ? ? X U   11  X A   40  1_555 ? ? ? ? ? ? WATSON-CRICK         ?     
? ? 
hydrog18 hydrog ?    ? A A   8  N1    ? ? ? 1_555 A G   31 N2 ? ? X A   12  X G   35  1_555 ? ? ? ? ? ? TYPE_10_PAIR         ?     
? ? 
hydrog19 hydrog ?    ? A A   8  N6    ? ? ? 1_555 A G   31 N3 ? ? X A   12  X G   35  1_555 ? ? ? ? ? ? TYPE_10_PAIR         ?     
? ? 
hydrog20 hydrog ?    ? A U   9  N3    ? ? ? 1_555 A A   38 N7 ? ? X U   13  X A   42  1_555 ? ? ? ? ? ? HOOGSTEEN            ?     
? ? 
hydrog21 hydrog ?    ? A U   9  O4    ? ? ? 1_555 A A   38 N6 ? ? X U   13  X A   42  1_555 ? ? ? ? ? ? HOOGSTEEN            ?     
? ? 
hydrog22 hydrog ?    ? A C   10 N3    ? ? ? 1_555 A G   30 N1 ? ? X C   14  X G   34  1_555 ? ? ? ? ? ? WATSON-CRICK         ?     
? ? 
hydrog23 hydrog ?    ? A C   10 N4    ? ? ? 1_555 A G   30 O6 ? ? X C   14  X G   34  1_555 ? ? ? ? ? ? WATSON-CRICK         ?     
? ? 
hydrog24 hydrog ?    ? A C   10 O2    ? ? ? 1_555 A G   30 N2 ? ? X C   14  X G   34  1_555 ? ? ? ? ? ? WATSON-CRICK         ?     
? ? 
hydrog25 hydrog ?    ? A C   11 N3    ? ? ? 1_555 A G   29 N1 ? ? X C   15  X G   33  1_555 ? ? ? ? ? ? WATSON-CRICK         ?     
? ? 
hydrog26 hydrog ?    ? A C   11 N4    ? ? ? 1_555 A G   29 O6 ? ? X C   15  X G   33  1_555 ? ? ? ? ? ? WATSON-CRICK         ?     
? ? 
hydrog27 hydrog ?    ? A C   11 O2    ? ? ? 1_555 A G   29 N2 ? ? X C   15  X G   33  1_555 ? ? ? ? ? ? WATSON-CRICK         ?     
? ? 
hydrog28 hydrog ?    ? A U   12 N3    ? ? ? 1_555 A A   28 N1 ? ? X U   16  X A   32  1_555 ? ? ? ? ? ? WATSON-CRICK         ?     
? ? 
hydrog29 hydrog ?    ? A U   12 O4    ? ? ? 1_555 A A   28 N6 ? ? X U   16  X A   32  1_555 ? ? ? ? ? ? WATSON-CRICK         ?     
? ? 
hydrog30 hydrog ?    ? A U   13 N3    ? ? ? 1_555 A A   27 N1 ? ? X U   17  X A   31  1_555 ? ? ? ? ? ? WATSON-CRICK         ?     
? ? 
hydrog31 hydrog ?    ? A U   13 O4    ? ? ? 1_555 A A   27 N6 ? ? X U   17  X A   31  1_555 ? ? ? ? ? ? WATSON-CRICK         ?     
? ? 
hydrog32 hydrog ?    ? A A   14 N1    ? ? ? 1_555 A U   26 N3 ? ? X A   18  X U   30  1_555 ? ? ? ? ? ? WATSON-CRICK         ?     
? ? 
hydrog33 hydrog ?    ? A A   14 N6    ? ? ? 1_555 A U   26 O4 ? ? X A   18  X U   30  1_555 ? ? ? ? ? ? WATSON-CRICK         ?     
? ? 
hydrog34 hydrog ?    ? A A   15 N1    ? ? ? 1_555 A U   25 N3 ? ? X A   19  X U   29  1_555 ? ? ? ? ? ? WATSON-CRICK         ?     
? ? 
hydrog35 hydrog ?    ? A A   15 N6    ? ? ? 1_555 A U   25 O4 ? ? X A   19  X U   29  1_555 ? ? ? ? ? ? WATSON-CRICK         ?     
? ? 
hydrog36 hydrog ?    ? A U   16 N3    ? ? ? 1_555 A U   24 O4 ? ? X U   20  X U   28  1_555 ? ? ? ? ? ? TYPE_16_PAIR         ?     
? ? 
hydrog37 hydrog ?    ? A U   16 O2    ? ? ? 1_555 A U   24 N3 ? ? X U   20  X U   28  1_555 ? ? ? ? ? ? TYPE_16_PAIR         ?     
? ? 
hydrog38 hydrog ?    ? A A   18 N1    ? ? ? 1_555 A A   51 N6 ? ? X A   22  X A   55  1_555 ? ? ? ? ? ? TYPE_5_PAIR          ?     
? ? 
hydrog39 hydrog ?    ? A A   18 N6    ? ? ? 1_555 A A   51 N7 ? ? X A   22  X A   55  1_555 ? ? ? ? ? ? TYPE_5_PAIR          ?     
? ? 
hydrog40 hydrog ?    ? A U   19 O2    ? ? ? 1_555 A G   22 N2 ? ? X U   23  X G   26  1_555 ? ? ? ? ? ? 'U-G MISPAIR'        ?     
? ? 
hydrog41 hydrog ?    ? A U   19 N3    ? ? ? 1_555 A A   50 N7 ? ? X U   23  X A   54  1_555 ? ? ? ? ? ? 'REVERSED HOOGSTEEN' ?     
? ? 
hydrog42 hydrog ?    ? A U   19 O2    ? ? ? 1_555 A A   50 N6 ? ? X U   23  X A   54  1_555 ? ? ? ? ? ? 'REVERSED HOOGSTEEN' ?     
? ? 
hydrog43 hydrog ?    ? A G   22 N1    ? ? ? 1_555 A C   46 N3 ? ? X G   26  X C   50  1_555 ? ? ? ? ? ? WATSON-CRICK         ?     
? ? 
hydrog44 hydrog ?    ? A G   22 N2    ? ? ? 1_555 A C   46 O2 ? ? X G   26  X C   50  1_555 ? ? ? ? ? ? WATSON-CRICK         ?     
? ? 
hydrog45 hydrog ?    ? A G   22 O6    ? ? ? 1_555 A C   46 N4 ? ? X G   26  X C   50  1_555 ? ? ? ? ? ? WATSON-CRICK         ?     
? ? 
hydrog46 hydrog ?    ? A G   23 N1    ? ? ? 1_555 A C   45 N3 ? ? X G   27  X C   49  1_555 ? ? ? ? ? ? WATSON-CRICK         ?     
? ? 
hydrog47 hydrog ?    ? A G   23 N2    ? ? ? 1_555 A C   45 O2 ? ? X G   27  X C   49  1_555 ? ? ? ? ? ? WATSON-CRICK         ?     
? ? 
hydrog48 hydrog ?    ? A G   23 O6    ? ? ? 1_555 A C   45 N4 ? ? X G   27  X C   49  1_555 ? ? ? ? ? ? WATSON-CRICK         ?     
? ? 
hydrog49 hydrog ?    ? A G   23 N2    ? ? ? 1_555 A A   51 N1 ? ? X G   27  X A   55  1_555 ? ? ? ? ? ? 'G-A MISPAIR'        ?     
? ? 
hydrog50 hydrog ?    ? A G   31 N1    ? ? ? 1_555 A C   37 N3 ? ? X G   35  X C   41  1_555 ? ? ? ? ? ? WATSON-CRICK         ?     
? ? 
hydrog51 hydrog ?    ? A G   31 N2    ? ? ? 1_555 A C   37 O2 ? ? X G   35  X C   41  1_555 ? ? ? ? ? ? WATSON-CRICK         ?     
? ? 
hydrog52 hydrog ?    ? A G   31 O6    ? ? ? 1_555 A C   37 N4 ? ? X G   35  X C   41  1_555 ? ? ? ? ? ? WATSON-CRICK         ?     
? ? 
hydrog53 hydrog ?    ? A A   34 N6    ? ? ? 1_555 A U   60 O2 ? ? X A   38  X U   64  1_555 ? ? ? ? ? ? 'A-U PAIR'           ?     
? ? 
hydrog54 hydrog ?    ? A A   36 N3    ? ? ? 1_555 A A   58 N6 ? ? X A   40  X A   62  1_555 ? ? ? ? ? ? 'A-A MISPAIR'        ?     
? ? 
hydrog55 hydrog ?    ? A U   39 N3    ? ? ? 1_555 A U   57 O2 ? ? X U   43  X U   61  1_555 ? ? ? ? ? ? TYPE_16_PAIR         ?     
? ? 
hydrog56 hydrog ?    ? A U   39 O4    ? ? ? 1_555 A U   57 N3 ? ? X U   43  X U   61  1_555 ? ? ? ? ? ? TYPE_16_PAIR         ?     
? ? 
hydrog57 hydrog ?    ? A A   40 N1    ? ? ? 1_555 A U   56 N3 ? ? X A   44  X U   60  1_555 ? ? ? ? ? ? WATSON-CRICK         ?     
? ? 
hydrog58 hydrog ?    ? A A   40 N6    ? ? ? 1_555 A U   56 O4 ? ? X A   44  X U   60  1_555 ? ? ? ? ? ? WATSON-CRICK         ?     
? ? 
hydrog59 hydrog ?    ? A G   41 N1    ? ? ? 1_555 A C   55 N3 ? ? X G   45  X C   59  1_555 ? ? ? ? ? ? WATSON-CRICK         ?     
? ? 
hydrog60 hydrog ?    ? A G   41 N2    ? ? ? 1_555 A C   55 O2 ? ? X G   45  X C   59  1_555 ? ? ? ? ? ? WATSON-CRICK         ?     
? ? 
hydrog61 hydrog ?    ? A G   41 O6    ? ? ? 1_555 A C   55 N4 ? ? X G   45  X C   59  1_555 ? ? ? ? ? ? WATSON-CRICK         ?     
? ? 
hydrog62 hydrog ?    ? A A   42 N1    ? ? ? 1_555 A U   54 N3 ? ? X A   46  X U   58  1_555 ? ? ? ? ? ? WATSON-CRICK         ?     
? ? 
hydrog63 hydrog ?    ? A A   42 N6    ? ? ? 1_555 A U   54 O4 ? ? X A   46  X U   58  1_555 ? ? ? ? ? ? WATSON-CRICK         ?     
? ? 
hydrog64 hydrog ?    ? A A   43 N1    ? ? ? 1_555 A U   53 N3 ? ? X A   47  X U   57  1_555 ? ? ? ? ? ? WATSON-CRICK         ?     
? ? 
hydrog65 hydrog ?    ? A A   43 N6    ? ? ? 1_555 A U   53 O4 ? ? X A   47  X U   57  1_555 ? ? ? ? ? ? WATSON-CRICK         ?     
? ? 
hydrog66 hydrog ?    ? A A   44 N1    ? ? ? 1_555 A U   52 N3 ? ? X A   48  X U   56  1_555 ? ? ? ? ? ? WATSON-CRICK         ?     
? ? 
hydrog67 hydrog ?    ? A A   44 N6    ? ? ? 1_555 A U   52 O4 ? ? X A   48  X U   56  1_555 ? ? ? ? ? ? WATSON-CRICK         ?     
? ? 
hydrog68 hydrog ?    ? A C   46 O2    ? ? ? 1_555 A A   50 N6 ? ? X C   50  X A   54  1_555 ? ? ? ? ? ? 'C-A MISPAIR'        ?     
? ? 
# 
loop_
_struct_conn_type.id 
_struct_conn_type.criteria 
_struct_conn_type.reference 
covale ? ? 
metalc ? ? 
hydrog ? ? 
# 
loop_
_pdbx_struct_conn_angle.id 
_pdbx_struct_conn_angle.ptnr1_label_atom_id 
_pdbx_struct_conn_angle.ptnr1_label_alt_id 
_pdbx_struct_conn_angle.ptnr1_label_asym_id 
_pdbx_struct_conn_angle.ptnr1_label_comp_id 
_pdbx_struct_conn_angle.ptnr1_label_seq_id 
_pdbx_struct_conn_angle.ptnr1_auth_atom_id 
_pdbx_struct_conn_angle.ptnr1_auth_asym_id 
_pdbx_struct_conn_angle.ptnr1_auth_comp_id 
_pdbx_struct_conn_angle.ptnr1_auth_seq_id 
_pdbx_struct_conn_angle.ptnr1_PDB_ins_code 
_pdbx_struct_conn_angle.ptnr1_symmetry 
_pdbx_struct_conn_angle.ptnr2_label_atom_id 
_pdbx_struct_conn_angle.ptnr2_label_alt_id 
_pdbx_struct_conn_angle.ptnr2_label_asym_id 
_pdbx_struct_conn_angle.ptnr2_label_comp_id 
_pdbx_struct_conn_angle.ptnr2_label_seq_id 
_pdbx_struct_conn_angle.ptnr2_auth_atom_id 
_pdbx_struct_conn_angle.ptnr2_auth_asym_id 
_pdbx_struct_conn_angle.ptnr2_auth_comp_id 
_pdbx_struct_conn_angle.ptnr2_auth_seq_id 
_pdbx_struct_conn_angle.ptnr2_PDB_ins_code 
_pdbx_struct_conn_angle.ptnr2_symmetry 
_pdbx_struct_conn_angle.ptnr3_label_atom_id 
_pdbx_struct_conn_angle.ptnr3_label_alt_id 
_pdbx_struct_conn_angle.ptnr3_label_asym_id 
_pdbx_struct_conn_angle.ptnr3_label_comp_id 
_pdbx_struct_conn_angle.ptnr3_label_seq_id 
_pdbx_struct_conn_angle.ptnr3_auth_atom_id 
_pdbx_struct_conn_angle.ptnr3_auth_asym_id 
_pdbx_struct_conn_angle.ptnr3_auth_comp_id 
_pdbx_struct_conn_angle.ptnr3_auth_seq_id 
_pdbx_struct_conn_angle.ptnr3_PDB_ins_code 
_pdbx_struct_conn_angle.ptnr3_symmetry 
_pdbx_struct_conn_angle.value 
_pdbx_struct_conn_angle.value_esd 
1  O3G   ? A GTP 1  ? X GTP 5   ? 1_555 MN ? D MN . ? X MN 103 ? 1_555 N7    ? A GTP 1  ? X GTP 5   ? 1_555 139.0 ? 
2  O3G   ? A GTP 1  ? X GTP 5   ? 1_555 MN ? D MN . ? X MN 103 ? 1_555 O     ? J HOH .  ? X HOH 215 ? 3_555 99.2  ? 
3  N7    ? A GTP 1  ? X GTP 5   ? 1_555 MN ? D MN . ? X MN 103 ? 1_555 O     ? J HOH .  ? X HOH 215 ? 3_555 91.5  ? 
4  O2B   ? A GTP 1  ? X GTP 5   ? 1_555 MN ? G MN . ? X MN 106 ? 1_555 O4    ? A U   64 ? X U   68  ? 1_555 57.4  ? 
5  O2B   ? A GTP 1  ? X GTP 5   ? 1_555 MN ? G MN . ? X MN 106 ? 1_555 O     ? J HOH .  ? X HOH 204 ? 1_555 66.9  ? 
6  O4    ? A U   64 ? X U   68  ? 1_555 MN ? G MN . ? X MN 106 ? 1_555 O     ? J HOH .  ? X HOH 204 ? 1_555 26.5  ? 
7  O2B   ? A GTP 1  ? X GTP 5   ? 1_555 MN ? G MN . ? X MN 106 ? 1_555 O     ? J HOH .  ? X HOH 224 ? 3_555 152.6 ? 
8  O4    ? A U   64 ? X U   68  ? 1_555 MN ? G MN . ? X MN 106 ? 1_555 O     ? J HOH .  ? X HOH 224 ? 3_555 105.4 ? 
9  O     ? J HOH .  ? X HOH 204 ? 1_555 MN ? G MN . ? X MN 106 ? 1_555 O     ? J HOH .  ? X HOH 224 ? 3_555 88.6  ? 
10 O2B   ? A GTP 1  ? X GTP 5   ? 1_555 MN ? G MN . ? X MN 106 ? 1_555 O     ? J HOH .  ? X HOH 230 ? 3_555 111.5 ? 
11 O4    ? A U   64 ? X U   68  ? 1_555 MN ? G MN . ? X MN 106 ? 1_555 O     ? J HOH .  ? X HOH 230 ? 3_555 152.4 ? 
12 O     ? J HOH .  ? X HOH 204 ? 1_555 MN ? G MN . ? X MN 106 ? 1_555 O     ? J HOH .  ? X HOH 230 ? 3_555 178.3 ? 
13 O     ? J HOH .  ? X HOH 224 ? 3_555 MN ? G MN . ? X MN 106 ? 1_555 O     ? J HOH .  ? X HOH 230 ? 3_555 93.0  ? 
14 OP2   ? A A   6  ? X A   10  ? 1_555 MN ? E MN . ? X MN 104 ? 1_555 OP1   ? A A   8  ? X A   12  ? 1_555 100.2 ? 
15 OP2   ? A A   6  ? X A   10  ? 1_555 MN ? E MN . ? X MN 104 ? 1_555 O     ? J HOH .  ? X HOH 227 ? 1_555 94.7  ? 
16 OP1   ? A A   8  ? X A   12  ? 1_555 MN ? E MN . ? X MN 104 ? 1_555 O     ? J HOH .  ? X HOH 227 ? 1_555 96.8  ? 
17 OP2   ? A A   6  ? X A   10  ? 1_555 MN ? E MN . ? X MN 104 ? 1_555 O     ? J HOH .  ? X HOH 229 ? 1_555 173.7 ? 
18 OP1   ? A A   8  ? X A   12  ? 1_555 MN ? E MN . ? X MN 104 ? 1_555 O     ? J HOH .  ? X HOH 229 ? 1_555 85.9  ? 
19 O     ? J HOH .  ? X HOH 227 ? 1_555 MN ? E MN . ? X MN 104 ? 1_555 O     ? J HOH .  ? X HOH 229 ? 1_555 83.5  ? 
20 OP2   ? A A   6  ? X A   10  ? 1_555 MN ? E MN . ? X MN 104 ? 1_555 O     ? J HOH .  ? X HOH 231 ? 1_555 83.7  ? 
21 OP1   ? A A   8  ? X A   12  ? 1_555 MN ? E MN . ? X MN 104 ? 1_555 O     ? J HOH .  ? X HOH 231 ? 1_555 173.4 ? 
22 O     ? J HOH .  ? X HOH 227 ? 1_555 MN ? E MN . ? X MN 104 ? 1_555 O     ? J HOH .  ? X HOH 231 ? 1_555 88.1  ? 
23 O     ? J HOH .  ? X HOH 229 ? 1_555 MN ? E MN . ? X MN 104 ? 1_555 O     ? J HOH .  ? X HOH 231 ? 1_555 90.2  ? 
24 OP2   ? A A   6  ? X A   10  ? 1_555 MN ? E MN . ? X MN 104 ? 1_555 O     ? J HOH .  ? X HOH 234 ? 1_555 91.1  ? 
25 OP1   ? A A   8  ? X A   12  ? 1_555 MN ? E MN . ? X MN 104 ? 1_555 O     ? J HOH .  ? X HOH 234 ? 1_555 86.6  ? 
26 O     ? J HOH .  ? X HOH 227 ? 1_555 MN ? E MN . ? X MN 104 ? 1_555 O     ? J HOH .  ? X HOH 234 ? 1_555 172.7 ? 
27 O     ? J HOH .  ? X HOH 229 ? 1_555 MN ? E MN . ? X MN 104 ? 1_555 O     ? J HOH .  ? X HOH 234 ? 1_555 90.3  ? 
28 O     ? J HOH .  ? X HOH 231 ? 1_555 MN ? E MN . ? X MN 104 ? 1_555 O     ? J HOH .  ? X HOH 234 ? 1_555 88.1  ? 
29 OP2   ? A A   34 ? X A   38  ? 1_555 MG ? I MG . ? X MG 108 ? 1_555 O4    ? A U   35 ? X U   39  ? 1_555 114.9 ? 
30 OP2   ? A A   34 ? X A   38  ? 1_555 MG ? I MG . ? X MG 108 ? 1_555 "O3'" ? B GMP .  ? X GMP 101 ? 1_555 83.8  ? 
31 O4    ? A U   35 ? X U   39  ? 1_555 MG ? I MG . ? X MG 108 ? 1_555 "O3'" ? B GMP .  ? X GMP 101 ? 1_555 88.6  ? 
32 OP2   ? A A   34 ? X A   38  ? 1_555 MG ? I MG . ? X MG 108 ? 1_555 "O2'" ? B GMP .  ? X GMP 101 ? 1_555 139.8 ? 
33 O4    ? A U   35 ? X U   39  ? 1_555 MG ? I MG . ? X MG 108 ? 1_555 "O2'" ? B GMP .  ? X GMP 101 ? 1_555 92.9  ? 
34 "O3'" ? B GMP .  ? X GMP 101 ? 1_555 MG ? I MG . ? X MG 108 ? 1_555 "O2'" ? B GMP .  ? X GMP 101 ? 1_555 67.6  ? 
35 OP2   ? A A   34 ? X A   38  ? 1_555 MG ? I MG . ? X MG 108 ? 1_555 O     ? J HOH .  ? X HOH 239 ? 1_555 94.8  ? 
36 O4    ? A U   35 ? X U   39  ? 1_555 MG ? I MG . ? X MG 108 ? 1_555 O     ? J HOH .  ? X HOH 239 ? 1_555 78.9  ? 
37 "O3'" ? B GMP .  ? X GMP 101 ? 1_555 MG ? I MG . ? X MG 108 ? 1_555 O     ? J HOH .  ? X HOH 239 ? 1_555 165.5 ? 
38 "O2'" ? B GMP .  ? X GMP 101 ? 1_555 MG ? I MG . ? X MG 108 ? 1_555 O     ? J HOH .  ? X HOH 239 ? 1_555 119.7 ? 
# 
_pdbx_entry_details.entry_id                   9UW0 
_pdbx_entry_details.nonpolymer_details         ? 
_pdbx_entry_details.sequence_details           ? 
_pdbx_entry_details.compound_details           ? 
_pdbx_entry_details.source_details             ? 
_pdbx_entry_details.has_ligand_of_interest     Y 
_pdbx_entry_details.has_protein_modification   N 
# 
loop_
_pdbx_validate_rmsd_angle.id 
_pdbx_validate_rmsd_angle.PDB_model_num 
_pdbx_validate_rmsd_angle.auth_atom_id_1 
_pdbx_validate_rmsd_angle.auth_asym_id_1 
_pdbx_validate_rmsd_angle.auth_comp_id_1 
_pdbx_validate_rmsd_angle.auth_seq_id_1 
_pdbx_validate_rmsd_angle.PDB_ins_code_1 
_pdbx_validate_rmsd_angle.label_alt_id_1 
_pdbx_validate_rmsd_angle.auth_atom_id_2 
_pdbx_validate_rmsd_angle.auth_asym_id_2 
_pdbx_validate_rmsd_angle.auth_comp_id_2 
_pdbx_validate_rmsd_angle.auth_seq_id_2 
_pdbx_validate_rmsd_angle.PDB_ins_code_2 
_pdbx_validate_rmsd_angle.label_alt_id_2 
_pdbx_validate_rmsd_angle.auth_atom_id_3 
_pdbx_validate_rmsd_angle.auth_asym_id_3 
_pdbx_validate_rmsd_angle.auth_comp_id_3 
_pdbx_validate_rmsd_angle.auth_seq_id_3 
_pdbx_validate_rmsd_angle.PDB_ins_code_3 
_pdbx_validate_rmsd_angle.label_alt_id_3 
_pdbx_validate_rmsd_angle.angle_value 
_pdbx_validate_rmsd_angle.angle_target_value 
_pdbx_validate_rmsd_angle.angle_deviation 
_pdbx_validate_rmsd_angle.angle_standard_deviation 
_pdbx_validate_rmsd_angle.linker_flag 
1 1 "O3'" X GTP 5  ? ? P X G 6  ? ? OP2 X G 6  ? ? 133.92 110.50 23.42  1.10 Y 
2 1 "O3'" X GTP 5  ? ? P X G 6  ? ? OP1 X G 6  ? ? 85.25  105.20 -19.95 2.20 Y 
3 1 "O5'" X C   36 ? ? P X C 36 ? ? OP2 X C 36 ? ? 97.78  105.70 -7.92  0.90 N 
# 
loop_
_chem_comp_atom.comp_id 
_chem_comp_atom.atom_id 
_chem_comp_atom.type_symbol 
_chem_comp_atom.pdbx_aromatic_flag 
_chem_comp_atom.pdbx_stereo_config 
_chem_comp_atom.pdbx_ordinal 
A   OP3    O  N N 1   
A   P      P  N N 2   
A   OP1    O  N N 3   
A   OP2    O  N N 4   
A   "O5'"  O  N N 5   
A   "C5'"  C  N N 6   
A   "C4'"  C  N R 7   
A   "O4'"  O  N N 8   
A   "C3'"  C  N S 9   
A   "O3'"  O  N N 10  
A   "C2'"  C  N R 11  
A   "O2'"  O  N N 12  
A   "C1'"  C  N R 13  
A   N9     N  Y N 14  
A   C8     C  Y N 15  
A   N7     N  Y N 16  
A   C5     C  Y N 17  
A   C6     C  Y N 18  
A   N6     N  N N 19  
A   N1     N  Y N 20  
A   C2     C  Y N 21  
A   N3     N  Y N 22  
A   C4     C  Y N 23  
A   HOP3   H  N N 24  
A   HOP2   H  N N 25  
A   "H5'"  H  N N 26  
A   "H5''" H  N N 27  
A   "H4'"  H  N N 28  
A   "H3'"  H  N N 29  
A   "HO3'" H  N N 30  
A   "H2'"  H  N N 31  
A   "HO2'" H  N N 32  
A   "H1'"  H  N N 33  
A   H8     H  N N 34  
A   H61    H  N N 35  
A   H62    H  N N 36  
A   H2     H  N N 37  
C   OP3    O  N N 38  
C   P      P  N N 39  
C   OP1    O  N N 40  
C   OP2    O  N N 41  
C   "O5'"  O  N N 42  
C   "C5'"  C  N N 43  
C   "C4'"  C  N R 44  
C   "O4'"  O  N N 45  
C   "C3'"  C  N S 46  
C   "O3'"  O  N N 47  
C   "C2'"  C  N R 48  
C   "O2'"  O  N N 49  
C   "C1'"  C  N R 50  
C   N1     N  N N 51  
C   C2     C  N N 52  
C   O2     O  N N 53  
C   N3     N  N N 54  
C   C4     C  N N 55  
C   N4     N  N N 56  
C   C5     C  N N 57  
C   C6     C  N N 58  
C   HOP3   H  N N 59  
C   HOP2   H  N N 60  
C   "H5'"  H  N N 61  
C   "H5''" H  N N 62  
C   "H4'"  H  N N 63  
C   "H3'"  H  N N 64  
C   "HO3'" H  N N 65  
C   "H2'"  H  N N 66  
C   "HO2'" H  N N 67  
C   "H1'"  H  N N 68  
C   H41    H  N N 69  
C   H42    H  N N 70  
C   H5     H  N N 71  
C   H6     H  N N 72  
CCC PC     P  N S 73  
CCC O1C    O  N N 74  
CCC O2C    O  N N 75  
CCC P      P  N N 76  
CCC OP1    O  N N 77  
CCC OP2    O  N N 78  
CCC OP3    O  N N 79  
CCC "O5'"  O  N N 80  
CCC "C5'"  C  N N 81  
CCC "C4'"  C  N R 82  
CCC "O4'"  O  N N 83  
CCC "C3'"  C  N R 84  
CCC "O3'"  O  N N 85  
CCC "C2'"  C  N R 86  
CCC "O2'"  O  N N 87  
CCC "C1'"  C  N R 88  
CCC N1     N  N N 89  
CCC C2     C  N N 90  
CCC O2     O  N N 91  
CCC N3     N  N N 92  
CCC C4     C  N N 93  
CCC N4     N  N N 94  
CCC C5     C  N N 95  
CCC C6     C  N N 96  
CCC HOC2   H  N N 97  
CCC HOP2   H  N N 98  
CCC HOP3   H  N N 99  
CCC "H5'"  H  N N 100 
CCC "H5''" H  N N 101 
CCC "H4'"  H  N N 102 
CCC "H3'"  H  N N 103 
CCC "H2'"  H  N N 104 
CCC "H1'"  H  N N 105 
CCC H41    H  N N 106 
CCC H42    H  N N 107 
CCC H5     H  N N 108 
CCC H6     H  N N 109 
G   OP3    O  N N 110 
G   P      P  N N 111 
G   OP1    O  N N 112 
G   OP2    O  N N 113 
G   "O5'"  O  N N 114 
G   "C5'"  C  N N 115 
G   "C4'"  C  N R 116 
G   "O4'"  O  N N 117 
G   "C3'"  C  N S 118 
G   "O3'"  O  N N 119 
G   "C2'"  C  N R 120 
G   "O2'"  O  N N 121 
G   "C1'"  C  N R 122 
G   N9     N  Y N 123 
G   C8     C  Y N 124 
G   N7     N  Y N 125 
G   C5     C  Y N 126 
G   C6     C  N N 127 
G   O6     O  N N 128 
G   N1     N  N N 129 
G   C2     C  N N 130 
G   N2     N  N N 131 
G   N3     N  N N 132 
G   C4     C  Y N 133 
G   HOP3   H  N N 134 
G   HOP2   H  N N 135 
G   "H5'"  H  N N 136 
G   "H5''" H  N N 137 
G   "H4'"  H  N N 138 
G   "H3'"  H  N N 139 
G   "HO3'" H  N N 140 
G   "H2'"  H  N N 141 
G   "HO2'" H  N N 142 
G   "H1'"  H  N N 143 
G   H8     H  N N 144 
G   H1     H  N N 145 
G   H21    H  N N 146 
G   H22    H  N N 147 
GMP "O5'"  O  N N 148 
GMP "C5'"  C  N N 149 
GMP "C4'"  C  N R 150 
GMP "O4'"  O  N N 151 
GMP "C3'"  C  N S 152 
GMP "O3'"  O  N N 153 
GMP "C2'"  C  N R 154 
GMP "O2'"  O  N N 155 
GMP "C1'"  C  N R 156 
GMP N9     N  Y N 157 
GMP C8     C  Y N 158 
GMP N7     N  Y N 159 
GMP C5     C  Y N 160 
GMP C6     C  N N 161 
GMP O6     O  N N 162 
GMP N1     N  N N 163 
GMP C2     C  N N 164 
GMP N2     N  N N 165 
GMP N3     N  N N 166 
GMP C4     C  Y N 167 
GMP "HO5'" H  N N 168 
GMP "H5'1" H  N N 169 
GMP "H5'2" H  N N 170 
GMP "H4'"  H  N N 171 
GMP "H3'"  H  N N 172 
GMP "HO3'" H  N N 173 
GMP "H2'"  H  N N 174 
GMP "HO2'" H  N N 175 
GMP "H1'"  H  N N 176 
GMP H8     H  N N 177 
GMP HN1    H  N N 178 
GMP HN21   H  N N 179 
GMP HN22   H  N N 180 
GTP PG     P  N N 181 
GTP O1G    O  N N 182 
GTP O2G    O  N N 183 
GTP O3G    O  N N 184 
GTP O3B    O  N N 185 
GTP PB     P  N N 186 
GTP O1B    O  N N 187 
GTP O2B    O  N N 188 
GTP O3A    O  N N 189 
GTP PA     P  N N 190 
GTP O1A    O  N N 191 
GTP O2A    O  N N 192 
GTP "O5'"  O  N N 193 
GTP "C5'"  C  N N 194 
GTP "C4'"  C  N R 195 
GTP "O4'"  O  N N 196 
GTP "C3'"  C  N S 197 
GTP "O3'"  O  N N 198 
GTP "C2'"  C  N R 199 
GTP "O2'"  O  N N 200 
GTP "C1'"  C  N R 201 
GTP N9     N  Y N 202 
GTP C8     C  Y N 203 
GTP N7     N  Y N 204 
GTP C5     C  Y N 205 
GTP C6     C  N N 206 
GTP O6     O  N N 207 
GTP N1     N  N N 208 
GTP C2     C  N N 209 
GTP N2     N  N N 210 
GTP N3     N  N N 211 
GTP C4     C  Y N 212 
GTP HOG2   H  N N 213 
GTP HOG3   H  N N 214 
GTP HOB2   H  N N 215 
GTP HOA2   H  N N 216 
GTP "H5'"  H  N N 217 
GTP "H5''" H  N N 218 
GTP "H4'"  H  N N 219 
GTP "H3'"  H  N N 220 
GTP "HO3'" H  N N 221 
GTP "H2'"  H  N N 222 
GTP "HO2'" H  N N 223 
GTP "H1'"  H  N N 224 
GTP H8     H  N N 225 
GTP HN1    H  N N 226 
GTP HN21   H  N N 227 
GTP HN22   H  N N 228 
HOH O      O  N N 229 
HOH H1     H  N N 230 
HOH H2     H  N N 231 
MG  MG     MG N N 232 
MN  MN     MN N N 233 
U   OP3    O  N N 234 
U   P      P  N N 235 
U   OP1    O  N N 236 
U   OP2    O  N N 237 
U   "O5'"  O  N N 238 
U   "C5'"  C  N N 239 
U   "C4'"  C  N R 240 
U   "O4'"  O  N N 241 
U   "C3'"  C  N S 242 
U   "O3'"  O  N N 243 
U   "C2'"  C  N R 244 
U   "O2'"  O  N N 245 
U   "C1'"  C  N R 246 
U   N1     N  N N 247 
U   C2     C  N N 248 
U   O2     O  N N 249 
U   N3     N  N N 250 
U   C4     C  N N 251 
U   O4     O  N N 252 
U   C5     C  N N 253 
U   C6     C  N N 254 
U   HOP3   H  N N 255 
U   HOP2   H  N N 256 
U   "H5'"  H  N N 257 
U   "H5''" H  N N 258 
U   "H4'"  H  N N 259 
U   "H3'"  H  N N 260 
U   "HO3'" H  N N 261 
U   "H2'"  H  N N 262 
U   "HO2'" H  N N 263 
U   "H1'"  H  N N 264 
U   H3     H  N N 265 
U   H5     H  N N 266 
U   H6     H  N N 267 
# 
loop_
_chem_comp_bond.comp_id 
_chem_comp_bond.atom_id_1 
_chem_comp_bond.atom_id_2 
_chem_comp_bond.value_order 
_chem_comp_bond.pdbx_aromatic_flag 
_chem_comp_bond.pdbx_stereo_config 
_chem_comp_bond.pdbx_ordinal 
A   OP3   P      sing N N 1   
A   OP3   HOP3   sing N N 2   
A   P     OP1    doub N N 3   
A   P     OP2    sing N N 4   
A   P     "O5'"  sing N N 5   
A   OP2   HOP2   sing N N 6   
A   "O5'" "C5'"  sing N N 7   
A   "C5'" "C4'"  sing N N 8   
A   "C5'" "H5'"  sing N N 9   
A   "C5'" "H5''" sing N N 10  
A   "C4'" "O4'"  sing N N 11  
A   "C4'" "C3'"  sing N N 12  
A   "C4'" "H4'"  sing N N 13  
A   "O4'" "C1'"  sing N N 14  
A   "C3'" "O3'"  sing N N 15  
A   "C3'" "C2'"  sing N N 16  
A   "C3'" "H3'"  sing N N 17  
A   "O3'" "HO3'" sing N N 18  
A   "C2'" "O2'"  sing N N 19  
A   "C2'" "C1'"  sing N N 20  
A   "C2'" "H2'"  sing N N 21  
A   "O2'" "HO2'" sing N N 22  
A   "C1'" N9     sing N N 23  
A   "C1'" "H1'"  sing N N 24  
A   N9    C8     sing Y N 25  
A   N9    C4     sing Y N 26  
A   C8    N7     doub Y N 27  
A   C8    H8     sing N N 28  
A   N7    C5     sing Y N 29  
A   C5    C6     sing Y N 30  
A   C5    C4     doub Y N 31  
A   C6    N6     sing N N 32  
A   C6    N1     doub Y N 33  
A   N6    H61    sing N N 34  
A   N6    H62    sing N N 35  
A   N1    C2     sing Y N 36  
A   C2    N3     doub Y N 37  
A   C2    H2     sing N N 38  
A   N3    C4     sing Y N 39  
C   OP3   P      sing N N 40  
C   OP3   HOP3   sing N N 41  
C   P     OP1    doub N N 42  
C   P     OP2    sing N N 43  
C   P     "O5'"  sing N N 44  
C   OP2   HOP2   sing N N 45  
C   "O5'" "C5'"  sing N N 46  
C   "C5'" "C4'"  sing N N 47  
C   "C5'" "H5'"  sing N N 48  
C   "C5'" "H5''" sing N N 49  
C   "C4'" "O4'"  sing N N 50  
C   "C4'" "C3'"  sing N N 51  
C   "C4'" "H4'"  sing N N 52  
C   "O4'" "C1'"  sing N N 53  
C   "C3'" "O3'"  sing N N 54  
C   "C3'" "C2'"  sing N N 55  
C   "C3'" "H3'"  sing N N 56  
C   "O3'" "HO3'" sing N N 57  
C   "C2'" "O2'"  sing N N 58  
C   "C2'" "C1'"  sing N N 59  
C   "C2'" "H2'"  sing N N 60  
C   "O2'" "HO2'" sing N N 61  
C   "C1'" N1     sing N N 62  
C   "C1'" "H1'"  sing N N 63  
C   N1    C2     sing N N 64  
C   N1    C6     sing N N 65  
C   C2    O2     doub N N 66  
C   C2    N3     sing N N 67  
C   N3    C4     doub N N 68  
C   C4    N4     sing N N 69  
C   C4    C5     sing N N 70  
C   N4    H41    sing N N 71  
C   N4    H42    sing N N 72  
C   C5    C6     doub N N 73  
C   C5    H5     sing N N 74  
C   C6    H6     sing N N 75  
CCC PC    O1C    doub N N 76  
CCC PC    O2C    sing N N 77  
CCC PC    "O3'"  sing N N 78  
CCC PC    "O2'"  sing N N 79  
CCC O2C   HOC2   sing N N 80  
CCC P     OP1    doub N N 81  
CCC P     OP2    sing N N 82  
CCC P     OP3    sing N N 83  
CCC P     "O5'"  sing N N 84  
CCC OP2   HOP2   sing N N 85  
CCC OP3   HOP3   sing N N 86  
CCC "O5'" "C5'"  sing N N 87  
CCC "C5'" "C4'"  sing N N 88  
CCC "C5'" "H5'"  sing N N 89  
CCC "C5'" "H5''" sing N N 90  
CCC "C4'" "O4'"  sing N N 91  
CCC "C4'" "C3'"  sing N N 92  
CCC "C4'" "H4'"  sing N N 93  
CCC "O4'" "C1'"  sing N N 94  
CCC "C3'" "O3'"  sing N N 95  
CCC "C3'" "C2'"  sing N N 96  
CCC "C3'" "H3'"  sing N N 97  
CCC "C2'" "O2'"  sing N N 98  
CCC "C2'" "C1'"  sing N N 99  
CCC "C2'" "H2'"  sing N N 100 
CCC "C1'" N1     sing N N 101 
CCC "C1'" "H1'"  sing N N 102 
CCC N1    C2     sing N N 103 
CCC N1    C6     sing N N 104 
CCC C2    O2     doub N N 105 
CCC C2    N3     sing N N 106 
CCC N3    C4     doub N N 107 
CCC C4    N4     sing N N 108 
CCC C4    C5     sing N N 109 
CCC N4    H41    sing N N 110 
CCC N4    H42    sing N N 111 
CCC C5    C6     doub N N 112 
CCC C5    H5     sing N N 113 
CCC C6    H6     sing N N 114 
G   OP3   P      sing N N 115 
G   OP3   HOP3   sing N N 116 
G   P     OP1    doub N N 117 
G   P     OP2    sing N N 118 
G   P     "O5'"  sing N N 119 
G   OP2   HOP2   sing N N 120 
G   "O5'" "C5'"  sing N N 121 
G   "C5'" "C4'"  sing N N 122 
G   "C5'" "H5'"  sing N N 123 
G   "C5'" "H5''" sing N N 124 
G   "C4'" "O4'"  sing N N 125 
G   "C4'" "C3'"  sing N N 126 
G   "C4'" "H4'"  sing N N 127 
G   "O4'" "C1'"  sing N N 128 
G   "C3'" "O3'"  sing N N 129 
G   "C3'" "C2'"  sing N N 130 
G   "C3'" "H3'"  sing N N 131 
G   "O3'" "HO3'" sing N N 132 
G   "C2'" "O2'"  sing N N 133 
G   "C2'" "C1'"  sing N N 134 
G   "C2'" "H2'"  sing N N 135 
G   "O2'" "HO2'" sing N N 136 
G   "C1'" N9     sing N N 137 
G   "C1'" "H1'"  sing N N 138 
G   N9    C8     sing Y N 139 
G   N9    C4     sing Y N 140 
G   C8    N7     doub Y N 141 
G   C8    H8     sing N N 142 
G   N7    C5     sing Y N 143 
G   C5    C6     sing N N 144 
G   C5    C4     doub Y N 145 
G   C6    O6     doub N N 146 
G   C6    N1     sing N N 147 
G   N1    C2     sing N N 148 
G   N1    H1     sing N N 149 
G   C2    N2     sing N N 150 
G   C2    N3     doub N N 151 
G   N2    H21    sing N N 152 
G   N2    H22    sing N N 153 
G   N3    C4     sing N N 154 
GMP "O5'" "C5'"  sing N N 155 
GMP "O5'" "HO5'" sing N N 156 
GMP "C5'" "C4'"  sing N N 157 
GMP "C5'" "H5'1" sing N N 158 
GMP "C5'" "H5'2" sing N N 159 
GMP "C4'" "O4'"  sing N N 160 
GMP "C4'" "C3'"  sing N N 161 
GMP "C4'" "H4'"  sing N N 162 
GMP "O4'" "C1'"  sing N N 163 
GMP "C3'" "O3'"  sing N N 164 
GMP "C3'" "C2'"  sing N N 165 
GMP "C3'" "H3'"  sing N N 166 
GMP "O3'" "HO3'" sing N N 167 
GMP "C2'" "O2'"  sing N N 168 
GMP "C2'" "C1'"  sing N N 169 
GMP "C2'" "H2'"  sing N N 170 
GMP "O2'" "HO2'" sing N N 171 
GMP "C1'" N9     sing N N 172 
GMP "C1'" "H1'"  sing N N 173 
GMP N9    C8     sing Y N 174 
GMP N9    C4     sing Y N 175 
GMP C8    N7     doub Y N 176 
GMP C8    H8     sing N N 177 
GMP N7    C5     sing Y N 178 
GMP C5    C6     sing N N 179 
GMP C5    C4     doub Y N 180 
GMP C6    O6     doub N N 181 
GMP C6    N1     sing N N 182 
GMP N1    C2     sing N N 183 
GMP N1    HN1    sing N N 184 
GMP C2    N2     sing N N 185 
GMP C2    N3     doub N N 186 
GMP N2    HN21   sing N N 187 
GMP N2    HN22   sing N N 188 
GMP N3    C4     sing N N 189 
GTP PG    O1G    doub N N 190 
GTP PG    O2G    sing N N 191 
GTP PG    O3G    sing N N 192 
GTP PG    O3B    sing N N 193 
GTP O2G   HOG2   sing N N 194 
GTP O3G   HOG3   sing N N 195 
GTP O3B   PB     sing N N 196 
GTP PB    O1B    doub N N 197 
GTP PB    O2B    sing N N 198 
GTP PB    O3A    sing N N 199 
GTP O2B   HOB2   sing N N 200 
GTP O3A   PA     sing N N 201 
GTP PA    O1A    doub N N 202 
GTP PA    O2A    sing N N 203 
GTP PA    "O5'"  sing N N 204 
GTP O2A   HOA2   sing N N 205 
GTP "O5'" "C5'"  sing N N 206 
GTP "C5'" "C4'"  sing N N 207 
GTP "C5'" "H5'"  sing N N 208 
GTP "C5'" "H5''" sing N N 209 
GTP "C4'" "O4'"  sing N N 210 
GTP "C4'" "C3'"  sing N N 211 
GTP "C4'" "H4'"  sing N N 212 
GTP "O4'" "C1'"  sing N N 213 
GTP "C3'" "O3'"  sing N N 214 
GTP "C3'" "C2'"  sing N N 215 
GTP "C3'" "H3'"  sing N N 216 
GTP "O3'" "HO3'" sing N N 217 
GTP "C2'" "O2'"  sing N N 218 
GTP "C2'" "C1'"  sing N N 219 
GTP "C2'" "H2'"  sing N N 220 
GTP "O2'" "HO2'" sing N N 221 
GTP "C1'" N9     sing N N 222 
GTP "C1'" "H1'"  sing N N 223 
GTP N9    C8     sing Y N 224 
GTP N9    C4     sing Y N 225 
GTP C8    N7     doub Y N 226 
GTP C8    H8     sing N N 227 
GTP N7    C5     sing Y N 228 
GTP C5    C6     sing N N 229 
GTP C5    C4     doub Y N 230 
GTP C6    O6     doub N N 231 
GTP C6    N1     sing N N 232 
GTP N1    C2     sing N N 233 
GTP N1    HN1    sing N N 234 
GTP C2    N2     sing N N 235 
GTP C2    N3     doub N N 236 
GTP N2    HN21   sing N N 237 
GTP N2    HN22   sing N N 238 
GTP N3    C4     sing N N 239 
HOH O     H1     sing N N 240 
HOH O     H2     sing N N 241 
U   OP3   P      sing N N 242 
U   OP3   HOP3   sing N N 243 
U   P     OP1    doub N N 244 
U   P     OP2    sing N N 245 
U   P     "O5'"  sing N N 246 
U   OP2   HOP2   sing N N 247 
U   "O5'" "C5'"  sing N N 248 
U   "C5'" "C4'"  sing N N 249 
U   "C5'" "H5'"  sing N N 250 
U   "C5'" "H5''" sing N N 251 
U   "C4'" "O4'"  sing N N 252 
U   "C4'" "C3'"  sing N N 253 
U   "C4'" "H4'"  sing N N 254 
U   "O4'" "C1'"  sing N N 255 
U   "C3'" "O3'"  sing N N 256 
U   "C3'" "C2'"  sing N N 257 
U   "C3'" "H3'"  sing N N 258 
U   "O3'" "HO3'" sing N N 259 
U   "C2'" "O2'"  sing N N 260 
U   "C2'" "C1'"  sing N N 261 
U   "C2'" "H2'"  sing N N 262 
U   "O2'" "HO2'" sing N N 263 
U   "C1'" N1     sing N N 264 
U   "C1'" "H1'"  sing N N 265 
U   N1    C2     sing N N 266 
U   N1    C6     sing N N 267 
U   C2    O2     doub N N 268 
U   C2    N3     sing N N 269 
U   N3    C4     sing N N 270 
U   N3    H3     sing N N 271 
U   C4    O4     doub N N 272 
U   C4    C5     sing N N 273 
U   C5    C6     doub N N 274 
U   C5    H5     sing N N 275 
U   C6    H6     sing N N 276 
# 
loop_
_ndb_struct_conf_na.entry_id 
_ndb_struct_conf_na.feature 
9UW0 'double helix'         
9UW0 'a-form double helix'  
9UW0 'hairpin loop'         
9UW0 'mismatched base pair' 
9UW0 'three-way junction'   
# 
loop_
_ndb_struct_na_base_pair.model_number 
_ndb_struct_na_base_pair.i_label_asym_id 
_ndb_struct_na_base_pair.i_label_comp_id 
_ndb_struct_na_base_pair.i_label_seq_id 
_ndb_struct_na_base_pair.i_symmetry 
_ndb_struct_na_base_pair.j_label_asym_id 
_ndb_struct_na_base_pair.j_label_comp_id 
_ndb_struct_na_base_pair.j_label_seq_id 
_ndb_struct_na_base_pair.j_symmetry 
_ndb_struct_na_base_pair.shear 
_ndb_struct_na_base_pair.stretch 
_ndb_struct_na_base_pair.stagger 
_ndb_struct_na_base_pair.buckle 
_ndb_struct_na_base_pair.propeller 
_ndb_struct_na_base_pair.opening 
_ndb_struct_na_base_pair.pair_number 
_ndb_struct_na_base_pair.pair_name 
_ndb_struct_na_base_pair.i_auth_asym_id 
_ndb_struct_na_base_pair.i_auth_seq_id 
_ndb_struct_na_base_pair.i_PDB_ins_code 
_ndb_struct_na_base_pair.j_auth_asym_id 
_ndb_struct_na_base_pair.j_auth_seq_id 
_ndb_struct_na_base_pair.j_PDB_ins_code 
_ndb_struct_na_base_pair.hbond_type_28 
_ndb_struct_na_base_pair.hbond_type_12 
1 A GTP 1  1_555 A CCC 65 1_555 -0.291 -0.284 -0.193 -10.297 -9.298  -3.366   1  X_GTP5:CCC69_X X 5  ? X 69 ? 19 1 
1 A G   2  1_555 A U   64 1_555 -2.272 -0.630 0.091  0.532   -13.671 2.410    2  X_G6:U68_X     X 6  ? X 68 ? 28 1 
1 A C   3  1_555 A G   63 1_555 0.152  -0.145 0.141  2.459   -15.638 0.178    3  X_C7:G67_X     X 7  ? X 67 ? 19 1 
1 A G   4  1_555 A C   62 1_555 -0.153 -0.129 0.088  -6.029  -22.191 0.924    4  X_G8:C66_X     X 8  ? X 66 ? 19 1 
1 A U   5  1_555 A G   61 1_555 2.399  -0.627 0.326  -7.545  -16.413 -0.988   5  X_U9:G65_X     X 9  ? X 65 ? 28 1 
1 A A   6  1_555 A U   60 1_555 0.348  -0.169 0.334  -0.204  -7.033  -7.279   6  X_A10:U64_X    X 10 ? X 64 ? 20 1 
1 A U   24 1_555 A U   16 1_555 -2.474 -1.798 0.030  -7.383  -22.858 15.109   7  X_U28:U20_X    X 28 ? X 20 ? 16 1 
1 A U   25 1_555 A A   15 1_555 -0.114 -0.060 0.098  -13.403 -6.011  3.888    8  X_U29:A19_X    X 29 ? X 19 ? 20 1 
1 A U   26 1_555 A A   14 1_555 -0.037 -0.052 -0.044 -1.070  -7.972  1.980    9  X_U30:A18_X    X 30 ? X 18 ? 20 1 
1 A A   27 1_555 A U   13 1_555 0.281  -0.131 0.094  0.387   -11.544 0.842    10 X_A31:U17_X    X 31 ? X 17 ? 20 1 
1 A A   28 1_555 A U   12 1_555 0.074  -0.142 0.055  3.064   -8.907  -1.615   11 X_A32:U16_X    X 32 ? X 16 ? 20 1 
1 A G   29 1_555 A C   11 1_555 -0.257 -0.143 -0.019 5.218   -6.068  -0.590   12 X_G33:C15_X    X 33 ? X 15 ? 19 1 
1 A G   30 1_555 A C   10 1_555 -0.218 -0.143 -0.137 -5.525  -10.648 0.373    13 X_G34:C14_X    X 34 ? X 14 ? 19 1 
1 A G   31 1_555 A C   37 1_555 -0.260 -0.183 0.147  -3.730  0.148   -3.817   14 X_G35:C41_X    X 35 ? X 41 ? 19 1 
1 A U   7  1_555 A A   36 1_555 0.066  0.017  -0.376 20.956  -5.177  -0.215   15 X_U11:A40_X    X 11 ? X 40 ? 20 1 
1 A G   22 1_555 A C   46 1_555 0.224  -0.285 0.416  4.821   -6.891  -4.962   16 X_G26:C50_X    X 26 ? X 50 ? 19 1 
1 A G   23 1_555 A C   45 1_555 -0.113 -0.154 0.181  14.646  -8.540  -1.604   17 X_G27:C49_X    X 27 ? X 49 ? 19 1 
1 A U   52 1_555 A A   44 1_555 0.195  -0.252 -0.124 10.973  -11.080 8.145    18 X_U56:A48_X    X 56 ? X 48 ? 20 1 
1 A U   53 1_555 A A   43 1_555 -0.030 -0.065 0.180  -8.847  -1.130  5.377    19 X_U57:A47_X    X 57 ? X 47 ? 20 1 
1 A U   54 1_555 A A   42 1_555 0.038  -0.118 -0.109 4.360   -5.133  1.459    20 X_U58:A46_X    X 58 ? X 46 ? 20 1 
1 A C   55 1_555 A G   41 1_555 0.269  -0.037 -0.102 3.221   -7.272  -0.803   21 X_C59:G45_X    X 59 ? X 45 ? 19 1 
1 A U   56 1_555 A A   40 1_555 0.188  -0.052 -0.187 6.649   -0.278  6.824    22 X_U60:A44_X    X 60 ? X 44 ? 20 1 
1 A U   57 1_555 A U   39 1_555 2.382  -1.853 -0.304 15.523  -4.016  11.042   23 X_U61:U43_X    X 61 ? X 43 ? 16 1 
1 A U   9  1_555 A A   38 1_555 -0.381 3.388  0.082  -3.319  9.707   -65.904  24 X_U13:A42_X    X 13 ? X 42 ? 23 3 
1 A A   18 1_555 A A   51 1_555 3.726  1.825  -0.168 -14.608 -4.298  -109.122 25 X_A22:A55_X    X 22 ? X 55 ? 5  4 
1 A U   19 1_555 A A   50 1_555 3.466  -0.938 -0.043 2.484   -1.588  -94.745  26 X_U23:A54_X    X 23 ? X 54 ? 24 4 
# 
loop_
_ndb_struct_na_base_pair_step.model_number 
_ndb_struct_na_base_pair_step.i_label_asym_id_1 
_ndb_struct_na_base_pair_step.i_label_comp_id_1 
_ndb_struct_na_base_pair_step.i_label_seq_id_1 
_ndb_struct_na_base_pair_step.i_symmetry_1 
_ndb_struct_na_base_pair_step.j_label_asym_id_1 
_ndb_struct_na_base_pair_step.j_label_comp_id_1 
_ndb_struct_na_base_pair_step.j_label_seq_id_1 
_ndb_struct_na_base_pair_step.j_symmetry_1 
_ndb_struct_na_base_pair_step.i_label_asym_id_2 
_ndb_struct_na_base_pair_step.i_label_comp_id_2 
_ndb_struct_na_base_pair_step.i_label_seq_id_2 
_ndb_struct_na_base_pair_step.i_symmetry_2 
_ndb_struct_na_base_pair_step.j_label_asym_id_2 
_ndb_struct_na_base_pair_step.j_label_comp_id_2 
_ndb_struct_na_base_pair_step.j_label_seq_id_2 
_ndb_struct_na_base_pair_step.j_symmetry_2 
_ndb_struct_na_base_pair_step.shift 
_ndb_struct_na_base_pair_step.slide 
_ndb_struct_na_base_pair_step.rise 
_ndb_struct_na_base_pair_step.tilt 
_ndb_struct_na_base_pair_step.roll 
_ndb_struct_na_base_pair_step.twist 
_ndb_struct_na_base_pair_step.x_displacement 
_ndb_struct_na_base_pair_step.y_displacement 
_ndb_struct_na_base_pair_step.helical_rise 
_ndb_struct_na_base_pair_step.inclination 
_ndb_struct_na_base_pair_step.tip 
_ndb_struct_na_base_pair_step.helical_twist 
_ndb_struct_na_base_pair_step.step_number 
_ndb_struct_na_base_pair_step.step_name 
_ndb_struct_na_base_pair_step.i_auth_asym_id_1 
_ndb_struct_na_base_pair_step.i_auth_seq_id_1 
_ndb_struct_na_base_pair_step.i_PDB_ins_code_1 
_ndb_struct_na_base_pair_step.j_auth_asym_id_1 
_ndb_struct_na_base_pair_step.j_auth_seq_id_1 
_ndb_struct_na_base_pair_step.j_PDB_ins_code_1 
_ndb_struct_na_base_pair_step.i_auth_asym_id_2 
_ndb_struct_na_base_pair_step.i_auth_seq_id_2 
_ndb_struct_na_base_pair_step.i_PDB_ins_code_2 
_ndb_struct_na_base_pair_step.j_auth_asym_id_2 
_ndb_struct_na_base_pair_step.j_auth_seq_id_2 
_ndb_struct_na_base_pair_step.j_PDB_ins_code_2 
1 A GTP 1  1_555 A CCC 65 1_555 A G 2  1_555 A U 64 1_555 0.003  -2.225 2.683 -4.956  12.466  20.768  -7.635 -0.973 1.151 30.781  
12.236  24.684   1  XX_GTP5G6:U68CCC69_XX X 5  ? X 69 ? X 6  ? X 68 ? 
1 A G   2  1_555 A U   64 1_555 A C 3  1_555 A G 63 1_555 -0.104 -1.093 3.135 -1.012  7.074   43.231  -2.096 0.050  2.931 9.523   
1.362   43.790   2  XX_G6C7:G67U68_XX     X 6  ? X 68 ? X 7  ? X 67 ? 
1 A C   3  1_555 A G   63 1_555 A G 4  1_555 A C 62 1_555 0.258  -1.837 3.217 2.838   13.875  28.981  -5.460 -0.026 2.151 25.867  
-5.290  32.189   3  XX_C7G8:C66G67_XX     X 7  ? X 67 ? X 8  ? X 66 ? 
1 A G   4  1_555 A C   62 1_555 A U 5  1_555 A G 61 1_555 0.009  -0.959 3.226 0.091   2.018   45.946  -1.398 -0.004 3.183 2.584   
-0.116  45.988   4  XX_G8U9:G65C66_XX     X 8  ? X 66 ? X 9  ? X 65 ? 
1 A U   5  1_555 A G   61 1_555 A A 6  1_555 A U 60 1_555 -0.583 -1.715 2.772 4.920   8.270   25.351  -5.235 2.180  1.978 18.037  
-10.729 27.088   5  XX_U9A10:U64G65_XX    X 9  ? X 65 ? X 10 ? X 64 ? 
1 A U   24 1_555 A U   16 1_555 A U 25 1_555 A A 15 1_555 -0.647 -1.360 3.450 -1.345  5.616   42.748  -2.420 0.744  3.272 7.663   
1.835   43.118   6  XX_U28U29:A19U20_XX   X 28 ? X 20 ? X 29 ? X 19 ? 
1 A U   25 1_555 A A   15 1_555 A U 26 1_555 A A 14 1_555 -0.349 -2.078 3.035 3.065   3.461   19.628  -7.311 2.215  2.550 9.973   
-8.833  20.159   7  XX_U29U30:A18A19_XX   X 29 ? X 19 ? X 30 ? X 18 ? 
1 A U   26 1_555 A A   14 1_555 A A 27 1_555 A U 13 1_555 0.376  -1.324 3.202 -0.546  9.215   35.580  -3.272 -0.667 2.779 14.776  
0.875   36.720   8  XX_U30A31:U17A18_XX   X 30 ? X 18 ? X 31 ? X 17 ? 
1 A A   27 1_555 A U   13 1_555 A A 28 1_555 A U 12 1_555 -0.625 -1.365 3.228 -0.101  4.886   32.201  -3.250 1.097  2.995 8.746   
0.180   32.560   9  XX_A31A32:U16U17_XX   X 31 ? X 17 ? X 32 ? X 16 ? 
1 A A   28 1_555 A U   12 1_555 A G 29 1_555 A C 11 1_555 0.239  -1.667 3.217 0.022   5.191   27.144  -4.673 -0.496 2.855 10.933  
-0.045  27.627   10 XX_A32G33:C15U16_XX   X 32 ? X 16 ? X 33 ? X 15 ? 
1 A G   29 1_555 A C   11 1_555 A G 30 1_555 A C 10 1_555 0.547  -2.116 3.447 0.865   7.919   33.109  -4.858 -0.800 2.892 13.651  
-1.490  34.027   11 XX_G33G34:C14C15_XX   X 33 ? X 15 ? X 34 ? X 14 ? 
1 A G   30 1_555 A C   10 1_555 A G 31 1_555 A C 37 1_555 2.574  -0.919 2.971 5.613   1.989   54.368  -1.114 -2.485 3.169 2.170   
-6.122  54.669   12 XX_G34G35:C41C14_XX   X 34 ? X 14 ? X 35 ? X 41 ? 
1 A G   31 1_555 A C   37 1_555 A U 7  1_555 A A 36 1_555 -1.851 -0.300 2.708 4.213   7.782   47.123  -0.861 2.546  2.467 9.634   
-5.216  47.900   13 XX_G35U11:A40C41_XX   X 35 ? X 41 ? X 11 ? X 40 ? 
1 A G   22 1_555 A C   46 1_555 A G 23 1_555 A C 45 1_555 1.066  -1.310 3.044 4.330   13.687  26.728  -4.900 -1.284 2.262 27.254  
-8.621  30.277   14 XX_G26G27:C49C50_XX   X 26 ? X 50 ? X 27 ? X 49 ? 
1 A G   23 1_555 A C   45 1_555 A U 52 1_555 A A 44 1_555 -1.830 -0.605 3.130 -3.530  5.154   55.389  -0.935 1.761  3.168 5.525   
3.785   55.713   15 XX_G27U56:A48C49_XX   X 27 ? X 49 ? X 56 ? X 48 ? 
1 A U   52 1_555 A A   44 1_555 A U 53 1_555 A A 43 1_555 -0.453 -2.512 3.606 -4.604  6.589   31.270  -5.734 -0.032 3.061 11.977  
8.369   32.261   16 XX_U56U57:A47A48_XX   X 56 ? X 48 ? X 57 ? X 47 ? 
1 A U   53 1_555 A A   43 1_555 A U 54 1_555 A A 42 1_555 -0.659 -1.968 2.920 2.028   0.018   25.541  -4.442 1.993  2.859 0.041   
-4.577  25.620   17 XX_U57U58:A46A47_XX   X 57 ? X 47 ? X 58 ? X 46 ? 
1 A U   54 1_555 A A   42 1_555 A C 55 1_555 A G 41 1_555 -0.199 -1.999 3.321 -1.090  8.511   30.817  -5.075 0.177  2.693 15.638  
2.003   31.961   18 XX_U58C59:G45A46_XX   X 58 ? X 46 ? X 59 ? X 45 ? 
1 A C   55 1_555 A G   41 1_555 A U 56 1_555 A A 40 1_555 0.208  -1.850 3.178 -1.616  7.940   27.337  -5.378 -0.752 2.534 16.350  
3.328   28.491   19 XX_C59U60:A44G45_XX   X 59 ? X 45 ? X 60 ? X 44 ? 
1 A U   56 1_555 A A   40 1_555 A U 57 1_555 A U 39 1_555 0.264  -1.302 3.119 1.440   7.380   34.724  -3.124 -0.241 2.800 12.189  
-2.379  35.504   20 XX_U60U61:U43A44_XX   X 60 ? X 44 ? X 61 ? X 43 ? 
1 A U   57 1_555 A U   39 1_555 A U 9  1_555 A A 38 1_555 -4.533 0.599  1.041 119.460 115.294 -66.755 -1.048 -1.505 2.947 -59.821 
61.983  -168.336 21 XX_U61U13:A42U43_XX   X 61 ? X 43 ? X 13 ? X 42 ? 
1 A A   18 1_555 A A   51 1_555 A U 19 1_555 A A 50 1_555 0.377  -1.244 3.255 3.900   4.438   32.919  -2.881 -0.026 3.089 7.754   
-6.813  33.430   22 XX_A22U23:A54A55_XX   X 22 ? X 55 ? X 23 ? X 54 ? 
# 
_pdbx_audit_support.funding_organization   'National Natural Science Foundation of China (NSFC)' 
_pdbx_audit_support.country                China 
_pdbx_audit_support.grant_number           ? 
_pdbx_audit_support.ordinal                1 
# 
_pdbx_initial_refinement_model.id               1 
_pdbx_initial_refinement_model.entity_id_list   ? 
_pdbx_initial_refinement_model.type             'experimental model' 
_pdbx_initial_refinement_model.source_name      PDB 
_pdbx_initial_refinement_model.accession_code   9LKU 
_pdbx_initial_refinement_model.details          ? 
# 
_atom_sites.entry_id                    9UW0 
_atom_sites.Cartn_transf_matrix[1][1]   ? 
_atom_sites.Cartn_transf_matrix[1][2]   ? 
_atom_sites.Cartn_transf_matrix[1][3]   ? 
_atom_sites.Cartn_transf_matrix[2][1]   ? 
_atom_sites.Cartn_transf_matrix[2][2]   ? 
_atom_sites.Cartn_transf_matrix[2][3]   ? 
_atom_sites.Cartn_transf_matrix[3][1]   ? 
_atom_sites.Cartn_transf_matrix[3][2]   ? 
_atom_sites.Cartn_transf_matrix[3][3]   ? 
_atom_sites.Cartn_transf_vector[1]      ? 
_atom_sites.Cartn_transf_vector[2]      ? 
_atom_sites.Cartn_transf_vector[3]      ? 
_atom_sites.Cartn_transform_axes        ? 
_atom_sites.fract_transf_matrix[1][1]   0.01198704 
_atom_sites.fract_transf_matrix[1][2]   -0.01594854 
_atom_sites.fract_transf_matrix[1][3]   0.00712156 
_atom_sites.fract_transf_matrix[2][1]   0.01162325 
_atom_sites.fract_transf_matrix[2][2]   0.00801872 
_atom_sites.fract_transf_matrix[2][3]   -0.00160660 
_atom_sites.fract_transf_matrix[3][1]   -0.00089942 
_atom_sites.fract_transf_matrix[3][2]   0.00291495 
_atom_sites.fract_transf_matrix[3][3]   0.00804185 
_atom_sites.fract_transf_vector[1]      0.229906 
_atom_sites.fract_transf_vector[2]      0.412201 
_atom_sites.fract_transf_vector[3]      0.194044 
_atom_sites.solution_primary            ? 
_atom_sites.solution_secondary          ? 
_atom_sites.solution_hydrogens          ? 
_atom_sites.special_details             ? 
# 
loop_
_atom_type.symbol 
C  
MG 
MN 
N  
O  
P  
# 
loop_
_atom_site.group_PDB 
_atom_site.id 
_atom_site.type_symbol 
_atom_site.label_atom_id 
_atom_site.label_alt_id 
_atom_site.label_comp_id 
_atom_site.label_asym_id 
_atom_site.label_entity_id 
_atom_site.label_seq_id 
_atom_site.pdbx_PDB_ins_code 
_atom_site.Cartn_x 
_atom_site.Cartn_y 
_atom_site.Cartn_z 
_atom_site.occupancy 
_atom_site.B_iso_or_equiv 
_atom_site.pdbx_formal_charge 
_atom_site.auth_seq_id 
_atom_site.auth_comp_id 
_atom_site.auth_asym_id 
_atom_site.auth_atom_id 
_atom_site.pdbx_PDB_model_num 
HETATM 1    P  PG    . GTP A 1 1  ? -10.107 0.110   -20.560 1.00 79.78  ? 5   GTP X PG    1 
HETATM 2    O  O1G   . GTP A 1 1  ? -9.822  0.850   -21.857 1.00 61.00  ? 5   GTP X O1G   1 
HETATM 3    O  O2G   . GTP A 1 1  ? -9.094  0.398   -19.467 1.00 72.59  ? 5   GTP X O2G   1 
HETATM 4    O  O3G   . GTP A 1 1  ? -10.346 -1.371  -20.754 1.00 64.15  ? 5   GTP X O3G   1 
HETATM 5    O  O3B   . GTP A 1 1  ? -11.509 0.707   -20.041 1.00 60.19  ? 5   GTP X O3B   1 
HETATM 6    P  PB    . GTP A 1 1  ? -12.985 0.484   -20.608 1.00 60.53  ? 5   GTP X PB    1 
HETATM 7    O  O1B   . GTP A 1 1  ? -13.832 1.675   -20.297 1.00 57.66  ? 5   GTP X O1B   1 
HETATM 8    O  O2B   . GTP A 1 1  ? -12.878 -0.020  -22.005 1.00 53.74  ? 5   GTP X O2B   1 
HETATM 9    O  O3A   . GTP A 1 1  ? -13.476 -0.730  -19.698 1.00 56.11  ? 5   GTP X O3A   1 
HETATM 10   P  PA    . GTP A 1 1  ? -13.299 -1.090  -18.152 1.00 47.59  ? 5   GTP X PA    1 
HETATM 11   O  O1A   . GTP A 1 1  ? -11.897 -1.560  -17.955 1.00 52.26  ? 5   GTP X O1A   1 
HETATM 12   O  O2A   . GTP A 1 1  ? -13.818 0.040   -17.328 1.00 50.95  ? 5   GTP X O2A   1 
HETATM 13   O  "O5'" . GTP A 1 1  ? -14.307 -2.335  -18.081 1.00 49.57  ? 5   GTP X "O5'" 1 
HETATM 14   C  "C5'" . GTP A 1 1  ? -15.732 -2.092  -18.219 1.00 47.86  ? 5   GTP X "C5'" 1 
HETATM 15   C  "C4'" . GTP A 1 1  ? -16.450 -3.382  -18.546 1.00 43.02  ? 5   GTP X "C4'" 1 
HETATM 16   O  "O4'" . GTP A 1 1  ? -16.461 -3.594  -19.982 1.00 44.56  ? 5   GTP X "O4'" 1 
HETATM 17   C  "C3'" . GTP A 1 1  ? -15.859 -4.680  -17.984 1.00 43.00  ? 5   GTP X "C3'" 1 
HETATM 18   O  "O3'" . GTP A 1 1  ? -16.186 -4.909  -16.618 1.00 48.27  ? 5   GTP X "O3'" 1 
HETATM 19   C  "C2'" . GTP A 1 1  ? -16.477 -5.702  -18.940 1.00 43.35  ? 5   GTP X "C2'" 1 
HETATM 20   O  "O2'" . GTP A 1 1  ? -17.846 -5.905  -18.673 1.00 47.80  ? 5   GTP X "O2'" 1 
HETATM 21   C  "C1'" . GTP A 1 1  ? -16.283 -4.967  -20.264 1.00 43.89  ? 5   GTP X "C1'" 1 
HETATM 22   N  N9    . GTP A 1 1  ? -14.957 -5.171  -20.835 1.00 40.08  ? 5   GTP X N9    1 
HETATM 23   C  C8    . GTP A 1 1  ? -13.931 -4.266  -20.937 1.00 40.33  ? 5   GTP X C8    1 
HETATM 24   N  N7    . GTP A 1 1  ? -12.847 -4.777  -21.471 1.00 39.20  ? 5   GTP X N7    1 
HETATM 25   C  C5    . GTP A 1 1  ? -13.169 -6.106  -21.708 1.00 37.05  ? 5   GTP X C5    1 
HETATM 26   C  C6    . GTP A 1 1  ? -12.396 -7.157  -22.261 1.00 37.55  ? 5   GTP X C6    1 
HETATM 27   O  O6    . GTP A 1 1  ? -11.226 -7.131  -22.661 1.00 41.38  ? 5   GTP X O6    1 
HETATM 28   N  N1    . GTP A 1 1  ? -13.120 -8.343  -22.322 1.00 37.73  ? 5   GTP X N1    1 
HETATM 29   C  C2    . GTP A 1 1  ? -14.419 -8.505  -21.914 1.00 36.37  ? 5   GTP X C2    1 
HETATM 30   N  N2    . GTP A 1 1  ? -14.941 -9.729  -22.051 1.00 38.74  ? 5   GTP X N2    1 
HETATM 31   N  N3    . GTP A 1 1  ? -15.149 -7.527  -21.387 1.00 38.92  ? 5   GTP X N3    1 
HETATM 32   C  C4    . GTP A 1 1  ? -14.466 -6.362  -21.318 1.00 39.79  ? 5   GTP X C4    1 
ATOM   33   P  P     . G   A 1 2  ? -15.128 -5.474  -15.622 1.00 47.94  ? 6   G   X P     1 
ATOM   34   O  OP1   . G   A 1 2  ? -16.152 -5.210  -14.577 1.00 53.15  ? 6   G   X OP1   1 
ATOM   35   O  OP2   . G   A 1 2  ? -13.690 -5.179  -15.364 1.00 43.12  ? 6   G   X OP2   1 
ATOM   36   O  "O5'" . G   A 1 2  ? -15.214 -7.022  -15.967 1.00 41.28  ? 6   G   X "O5'" 1 
ATOM   37   C  "C5'" . G   A 1 2  ? -16.464 -7.675  -16.037 1.00 43.75  ? 6   G   X "C5'" 1 
ATOM   38   C  "C4'" . G   A 1 2  ? -16.292 -9.116  -16.428 1.00 42.67  ? 6   G   X "C4'" 1 
ATOM   39   O  "O4'" . G   A 1 2  ? -15.968 -9.218  -17.838 1.00 44.63  ? 6   G   X "O4'" 1 
ATOM   40   C  "C3'" . G   A 1 2  ? -15.165 -9.866  -15.746 1.00 45.71  ? 6   G   X "C3'" 1 
ATOM   41   O  "O3'" . G   A 1 2  ? -15.504 -10.280 -14.429 1.00 53.11  ? 6   G   X "O3'" 1 
ATOM   42   C  "C2'" . G   A 1 2  ? -14.925 -11.025 -16.707 1.00 44.34  ? 6   G   X "C2'" 1 
ATOM   43   O  "O2'" . G   A 1 2  ? -15.928 -12.012 -16.544 1.00 47.02  ? 6   G   X "O2'" 1 
ATOM   44   C  "C1'" . G   A 1 2  ? -15.150 -10.349 -18.062 1.00 42.71  ? 6   G   X "C1'" 1 
ATOM   45   N  N9    . G   A 1 2  ? -13.880 -9.925  -18.689 1.00 40.05  ? 6   G   X N9    1 
ATOM   46   C  C8    . G   A 1 2  ? -13.343 -8.658  -18.726 1.00 41.35  ? 6   G   X C8    1 
ATOM   47   N  N7    . G   A 1 2  ? -12.185 -8.600  -19.335 1.00 40.40  ? 6   G   X N7    1 
ATOM   48   C  C5    . G   A 1 2  ? -11.950 -9.914  -19.727 1.00 38.15  ? 6   G   X C5    1 
ATOM   49   C  C6    . G   A 1 2  ? -10.862 -10.475 -20.438 1.00 36.04  ? 6   G   X C6    1 
ATOM   50   O  O6    . G   A 1 2  ? -9.847  -9.919  -20.884 1.00 37.83  ? 6   G   X O6    1 
ATOM   51   N  N1    . G   A 1 2  ? -11.027 -11.840 -20.628 1.00 36.32  ? 6   G   X N1    1 
ATOM   52   C  C2    . G   A 1 2  ? -12.100 -12.575 -20.191 1.00 37.99  ? 6   G   X C2    1 
ATOM   53   N  N2    . G   A 1 2  ? -12.071 -13.884 -20.469 1.00 36.26  ? 6   G   X N2    1 
ATOM   54   N  N3    . G   A 1 2  ? -13.120 -12.061 -19.536 1.00 39.73  ? 6   G   X N3    1 
ATOM   55   C  C4    . G   A 1 2  ? -12.984 -10.737 -19.336 1.00 36.18  ? 6   G   X C4    1 
ATOM   56   P  P     . C   A 1 3  ? -14.366 -10.519 -13.319 1.00 50.26  ? 7   C   X P     1 
ATOM   57   O  OP1   . C   A 1 3  ? -15.041 -10.920 -12.072 1.00 51.04  ? 7   C   X OP1   1 
ATOM   58   O  OP2   . C   A 1 3  ? -13.462 -9.332  -13.292 1.00 43.94  ? 7   C   X OP2   1 
ATOM   59   O  "O5'" . C   A 1 3  ? -13.505 -11.733 -13.889 1.00 44.55  ? 7   C   X "O5'" 1 
ATOM   60   C  "C5'" . C   A 1 3  ? -13.958 -13.077 -13.834 1.00 40.82  ? 7   C   X "C5'" 1 
ATOM   61   C  "C4'" . C   A 1 3  ? -12.986 -14.013 -14.517 1.00 42.64  ? 7   C   X "C4'" 1 
ATOM   62   O  "O4'" . C   A 1 3  ? -12.836 -13.634 -15.918 1.00 46.58  ? 7   C   X "O4'" 1 
ATOM   63   C  "C3'" . C   A 1 3  ? -11.549 -14.021 -14.006 1.00 46.86  ? 7   C   X "C3'" 1 
ATOM   64   O  "O3'" . C   A 1 3  ? -11.331 -14.717 -12.787 1.00 48.17  ? 7   C   X "O3'" 1 
ATOM   65   C  "C2'" . C   A 1 3  ? -10.799 -14.612 -15.190 1.00 44.44  ? 7   C   X "C2'" 1 
ATOM   66   O  "O2'" . C   A 1 3  ? -11.044 -16.007 -15.280 1.00 46.43  ? 7   C   X "O2'" 1 
ATOM   67   C  "C1'" . C   A 1 3  ? -11.512 -13.923 -16.353 1.00 43.21  ? 7   C   X "C1'" 1 
ATOM   68   N  N1    . C   A 1 3  ? -10.822 -12.658 -16.731 1.00 40.44  ? 7   C   X N1    1 
ATOM   69   C  C2    . C   A 1 3  ? -9.675  -12.714 -17.546 1.00 37.45  ? 7   C   X C2    1 
ATOM   70   O  O2    . C   A 1 3  ? -9.269  -13.805 -17.973 1.00 38.41  ? 7   C   X O2    1 
ATOM   71   N  N3    . C   A 1 3  ? -9.028  -11.574 -17.885 1.00 35.98  ? 7   C   X N3    1 
ATOM   72   C  C4    . C   A 1 3  ? -9.455  -10.397 -17.447 1.00 34.08  ? 7   C   X C4    1 
ATOM   73   N  N4    . C   A 1 3  ? -8.765  -9.313  -17.819 1.00 32.00  ? 7   C   X N4    1 
ATOM   74   C  C5    . C   A 1 3  ? -10.603 -10.303 -16.610 1.00 39.26  ? 7   C   X C5    1 
ATOM   75   C  C6    . C   A 1 3  ? -11.250 -11.439 -16.280 1.00 39.32  ? 7   C   X C6    1 
ATOM   76   P  P     . G   A 1 4  ? -10.188 -14.196 -11.766 1.00 55.84  ? 8   G   X P     1 
ATOM   77   O  OP1   . G   A 1 4  ? -10.289 -14.999 -10.521 1.00 63.00  ? 8   G   X OP1   1 
ATOM   78   O  OP2   . G   A 1 4  ? -10.242 -12.706 -11.699 1.00 49.54  ? 8   G   X OP2   1 
ATOM   79   O  "O5'" . G   A 1 4  ? -8.804  -14.568 -12.466 1.00 45.42  ? 8   G   X "O5'" 1 
ATOM   80   C  "C5'" . G   A 1 4  ? -8.425  -15.917 -12.656 1.00 45.74  ? 8   G   X "C5'" 1 
ATOM   81   C  "C4'" . G   A 1 4  ? -7.246  -16.026 -13.585 1.00 42.18  ? 8   G   X "C4'" 1 
ATOM   82   O  "O4'" . G   A 1 4  ? -7.516  -15.305 -14.812 1.00 46.89  ? 8   G   X "O4'" 1 
ATOM   83   C  "C3'" . G   A 1 4  ? -5.939  -15.428 -13.099 1.00 40.64  ? 8   G   X "C3'" 1 
ATOM   84   O  "O3'" . G   A 1 4  ? -5.259  -16.267 -12.176 1.00 43.97  ? 8   G   X "O3'" 1 
ATOM   85   C  "C2'" . G   A 1 4  ? -5.179  -15.235 -14.402 1.00 39.85  ? 8   G   X "C2'" 1 
ATOM   86   O  "O2'" . G   A 1 4  ? -4.682  -16.478 -14.862 1.00 44.32  ? 8   G   X "O2'" 1 
ATOM   87   C  "C1'" . G   A 1 4  ? -6.304  -14.808 -15.348 1.00 40.96  ? 8   G   X "C1'" 1 
ATOM   88   N  N9    . G   A 1 4  ? -6.386  -13.335 -15.489 1.00 37.16  ? 8   G   X N9    1 
ATOM   89   C  C8    . G   A 1 4  ? -7.295  -12.466 -14.932 1.00 36.90  ? 8   G   X C8    1 
ATOM   90   N  N7    . G   A 1 4  ? -7.068  -11.205 -15.227 1.00 36.74  ? 8   G   X N7    1 
ATOM   91   C  C5    . G   A 1 4  ? -5.941  -11.250 -16.046 1.00 35.98  ? 8   G   X C5    1 
ATOM   92   C  C6    . G   A 1 4  ? -5.219  -10.200 -16.690 1.00 32.46  ? 8   G   X C6    1 
ATOM   93   O  O6    . G   A 1 4  ? -5.450  -8.986  -16.664 1.00 29.38  ? 8   G   X O6    1 
ATOM   94   N  N1    . G   A 1 4  ? -4.127  -10.684 -17.404 1.00 30.78  ? 8   G   X N1    1 
ATOM   95   C  C2    . G   A 1 4  ? -3.777  -12.007 -17.489 1.00 34.24  ? 8   G   X C2    1 
ATOM   96   N  N2    . G   A 1 4  ? -2.693  -12.296 -18.232 1.00 32.11  ? 8   G   X N2    1 
ATOM   97   N  N3    . G   A 1 4  ? -4.446  -12.994 -16.895 1.00 36.28  ? 8   G   X N3    1 
ATOM   98   C  C4    . G   A 1 4  ? -5.508  -12.548 -16.199 1.00 35.90  ? 8   G   X C4    1 
ATOM   99   P  P     . U   A 1 5  ? -4.305  -15.649 -11.036 1.00 46.65  ? 9   U   X P     1 
ATOM   100  O  OP1   . U   A 1 5  ? -3.917  -16.747 -10.115 1.00 47.42  ? 9   U   X OP1   1 
ATOM   101  O  OP2   . U   A 1 5  ? -4.980  -14.445 -10.471 1.00 44.41  ? 9   U   X OP2   1 
ATOM   102  O  "O5'" . U   A 1 5  ? -3.009  -15.130 -11.820 1.00 43.83  ? 9   U   X "O5'" 1 
ATOM   103  C  "C5'" . U   A 1 5  ? -2.209  -15.980 -12.637 1.00 34.73  ? 9   U   X "C5'" 1 
ATOM   104  C  "C4'" . U   A 1 5  ? -1.290  -15.167 -13.527 1.00 39.61  ? 9   U   X "C4'" 1 
ATOM   105  O  "O4'" . U   A 1 5  ? -2.086  -14.364 -14.443 1.00 42.03  ? 9   U   X "O4'" 1 
ATOM   106  C  "C3'" . U   A 1 5  ? -0.403  -14.151 -12.814 1.00 38.46  ? 9   U   X "C3'" 1 
ATOM   107  O  "O3'" . U   A 1 5  ? 0.787   -14.733 -12.297 1.00 40.60  ? 9   U   X "O3'" 1 
ATOM   108  C  "C2'" . U   A 1 5  ? -0.150  -13.103 -13.894 1.00 36.67  ? 9   U   X "C2'" 1 
ATOM   109  O  "O2'" . U   A 1 5  ? 0.855   -13.534 -14.792 1.00 35.40  ? 9   U   X "O2'" 1 
ATOM   110  C  "C1'" . U   A 1 5  ? -1.476  -13.111 -14.651 1.00 36.43  ? 9   U   X "C1'" 1 
ATOM   111  N  N1    . U   A 1 5  ? -2.397  -12.051 -14.192 1.00 32.42  ? 9   U   X N1    1 
ATOM   112  C  C2    . U   A 1 5  ? -2.210  -10.779 -14.696 1.00 31.73  ? 9   U   X C2    1 
ATOM   113  O  O2    . U   A 1 5  ? -1.306  -10.514 -15.463 1.00 33.42  ? 9   U   X O2    1 
ATOM   114  N  N3    . U   A 1 5  ? -3.101  -9.830  -14.263 1.00 31.10  ? 9   U   X N3    1 
ATOM   115  C  C4    . U   A 1 5  ? -4.142  -10.031 -13.399 1.00 31.49  ? 9   U   X C4    1 
ATOM   116  O  O4    . U   A 1 5  ? -4.852  -9.087  -13.099 1.00 32.41  ? 9   U   X O4    1 
ATOM   117  C  C5    . U   A 1 5  ? -4.286  -11.369 -12.926 1.00 33.60  ? 9   U   X C5    1 
ATOM   118  C  C6    . U   A 1 5  ? -3.426  -12.312 -13.324 1.00 36.39  ? 9   U   X C6    1 
ATOM   119  P  P     . A   A 1 6  ? 1.516   -14.113 -11.002 1.00 40.06  ? 10  A   X P     1 
ATOM   120  O  OP1   . A   A 1 6  ? 2.566   -15.069 -10.576 1.00 43.21  ? 10  A   X OP1   1 
ATOM   121  O  OP2   . A   A 1 6  ? 0.516   -13.616 -10.032 1.00 35.58  ? 10  A   X OP2   1 
ATOM   122  O  "O5'" . A   A 1 6  ? 2.264   -12.829 -11.572 1.00 33.09  ? 10  A   X "O5'" 1 
ATOM   123  C  "C5'" . A   A 1 6  ? 3.454   -12.952 -12.337 1.00 34.08  ? 10  A   X "C5'" 1 
ATOM   124  C  "C4'" . A   A 1 6  ? 3.965   -11.593 -12.745 1.00 31.15  ? 10  A   X "C4'" 1 
ATOM   125  O  "O4'" . A   A 1 6  ? 3.007   -10.978 -13.638 1.00 33.22  ? 10  A   X "O4'" 1 
ATOM   126  C  "C3'" . A   A 1 6  ? 4.106   -10.581 -11.620 1.00 34.36  ? 10  A   X "C3'" 1 
ATOM   127  O  "O3'" . A   A 1 6  ? 5.287   -10.758 -10.849 1.00 35.18  ? 10  A   X "O3'" 1 
ATOM   128  C  "C2'" . A   A 1 6  ? 4.026   -9.248  -12.364 1.00 32.38  ? 10  A   X "C2'" 1 
ATOM   129  O  "O2'" . A   A 1 6  ? 5.249   -8.943  -13.019 1.00 31.54  ? 10  A   X "O2'" 1 
ATOM   130  C  "C1'" . A   A 1 6  ? 2.999   -9.572  -13.447 1.00 36.11  ? 10  A   X "C1'" 1 
ATOM   131  N  N9    . A   A 1 6  ? 1.644   -9.106  -13.076 1.00 32.13  ? 10  A   X N9    1 
ATOM   132  C  C8    . A   A 1 6  ? 0.685   -9.743  -12.328 1.00 32.24  ? 10  A   X C8    1 
ATOM   133  N  N7    . A   A 1 6  ? -0.403  -9.030  -12.156 1.00 29.91  ? 10  A   X N7    1 
ATOM   134  C  C5    . A   A 1 6  ? -0.144  -7.848  -12.831 1.00 26.42  ? 10  A   X C5    1 
ATOM   135  C  C6    . A   A 1 6  ? -0.902  -6.690  -13.028 1.00 28.53  ? 10  A   X C6    1 
ATOM   136  N  N6    . A   A 1 6  ? -2.134  -6.529  -12.536 1.00 24.70  ? 10  A   X N6    1 
ATOM   137  N  N1    . A   A 1 6  ? -0.346  -5.685  -13.746 1.00 28.42  ? 10  A   X N1    1 
ATOM   138  C  C2    . A   A 1 6  ? 0.892   -5.844  -14.226 1.00 26.83  ? 10  A   X C2    1 
ATOM   139  N  N3    . A   A 1 6  ? 1.694   -6.897  -14.114 1.00 27.24  ? 10  A   X N3    1 
ATOM   140  C  C4    . A   A 1 6  ? 1.111   -7.877  -13.399 1.00 29.16  ? 10  A   X C4    1 
ATOM   141  P  P     . U   A 1 7  ? 5.209   -11.299 -9.338  1.00 34.21  ? 11  U   X P     1 
ATOM   142  O  OP1   . U   A 1 7  ? 6.570   -11.178 -8.782  1.00 33.42  ? 11  U   X OP1   1 
ATOM   143  O  OP2   . U   A 1 7  ? 4.470   -12.586 -9.316  1.00 37.80  ? 11  U   X OP2   1 
ATOM   144  O  "O5'" . U   A 1 7  ? 4.340   -10.211 -8.576  1.00 33.83  ? 11  U   X "O5'" 1 
ATOM   145  C  "C5'" . U   A 1 7  ? 3.581   -10.514 -7.411  1.00 31.41  ? 11  U   X "C5'" 1 
ATOM   146  C  "C4'" . U   A 1 7  ? 2.489   -9.488  -7.193  1.00 30.84  ? 11  U   X "C4'" 1 
ATOM   147  O  "O4'" . U   A 1 7  ? 3.089   -8.176  -6.960  1.00 32.50  ? 11  U   X "O4'" 1 
ATOM   148  C  "C3'" . U   A 1 7  ? 1.543   -9.310  -8.382  1.00 31.11  ? 11  U   X "C3'" 1 
ATOM   149  O  "O3'" . U   A 1 7  ? 0.261   -8.922  -7.902  1.00 34.94  ? 11  U   X "O3'" 1 
ATOM   150  C  "C2'" . U   A 1 7  ? 2.158   -8.131  -9.113  1.00 29.15  ? 11  U   X "C2'" 1 
ATOM   151  O  "O2'" . U   A 1 7  ? 1.271   -7.450  -9.970  1.00 31.29  ? 11  U   X "O2'" 1 
ATOM   152  C  "C1'" . U   A 1 7  ? 2.612   -7.263  -7.935  1.00 30.77  ? 11  U   X "C1'" 1 
ATOM   153  N  N1    . U   A 1 7  ? 3.678   -6.320  -8.302  1.00 28.01  ? 11  U   X N1    1 
ATOM   154  C  C2    . U   A 1 7  ? 3.379   -4.969  -8.361  1.00 28.42  ? 11  U   X C2    1 
ATOM   155  O  O2    . U   A 1 7  ? 2.285   -4.509  -8.068  1.00 28.94  ? 11  U   X O2    1 
ATOM   156  N  N3    . U   A 1 7  ? 4.427   -4.163  -8.749  1.00 26.62  ? 11  U   X N3    1 
ATOM   157  C  C4    . U   A 1 7  ? 5.699   -4.562  -9.108  1.00 29.62  ? 11  U   X C4    1 
ATOM   158  O  O4    . U   A 1 7  ? 6.522   -3.718  -9.469  1.00 28.80  ? 11  U   X O4    1 
ATOM   159  C  C5    . U   A 1 7  ? 5.925   -5.976  -9.043  1.00 25.95  ? 11  U   X C5    1 
ATOM   160  C  C6    . U   A 1 7  ? 4.924   -6.780  -8.654  1.00 28.39  ? 11  U   X C6    1 
ATOM   161  P  P     . A   A 1 8  ? -0.804  -10.034 -7.445  1.00 37.85  ? 12  A   X P     1 
ATOM   162  O  OP1   . A   A 1 8  ? -0.397  -11.336 -7.998  1.00 34.53  ? 12  A   X OP1   1 
ATOM   163  O  OP2   . A   A 1 8  ? -2.158  -9.478  -7.759  1.00 36.62  ? 12  A   X OP2   1 
ATOM   164  O  "O5'" . A   A 1 8  ? -0.599  -10.095 -5.869  1.00 35.47  ? 12  A   X "O5'" 1 
ATOM   165  C  "C5'" . A   A 1 8  ? -0.841  -8.953  -5.072  1.00 36.77  ? 12  A   X "C5'" 1 
ATOM   166  C  "C4'" . A   A 1 8  ? -0.237  -9.101  -3.706  1.00 35.80  ? 12  A   X "C4'" 1 
ATOM   167  O  "O4'" . A   A 1 8  ? 1.107   -9.605  -3.827  1.00 33.09  ? 12  A   X "O4'" 1 
ATOM   168  C  "C3'" . A   A 1 8  ? -0.087  -7.817  -2.910  1.00 37.53  ? 12  A   X "C3'" 1 
ATOM   169  O  "O3'" . A   A 1 8  ? -1.286  -7.486  -2.219  1.00 38.29  ? 12  A   X "O3'" 1 
ATOM   170  C  "C2'" . A   A 1 8  ? 1.076   -8.123  -1.964  1.00 31.25  ? 12  A   X "C2'" 1 
ATOM   171  O  "O2'" . A   A 1 8  ? 0.593   -8.753  -0.787  1.00 35.45  ? 12  A   X "O2'" 1 
ATOM   172  C  "C1'" . A   A 1 8  ? 1.896   -9.139  -2.766  1.00 32.17  ? 12  A   X "C1'" 1 
ATOM   173  N  N9    . A   A 1 8  ? 3.163   -8.606  -3.308  1.00 31.59  ? 12  A   X N9    1 
ATOM   174  C  C8    . A   A 1 8  ? 4.361   -9.286  -3.330  1.00 32.06  ? 12  A   X C8    1 
ATOM   175  N  N7    . A   A 1 8  ? 5.351   -8.602  -3.868  1.00 33.54  ? 12  A   X N7    1 
ATOM   176  C  C5    . A   A 1 8  ? 4.770   -7.391  -4.234  1.00 32.41  ? 12  A   X C5    1 
ATOM   177  C  C6    . A   A 1 8  ? 5.280   -6.223  -4.843  1.00 32.19  ? 12  A   X C6    1 
ATOM   178  N  N6    . A   A 1 8  ? 6.549   -6.043  -5.239  1.00 29.29  ? 12  A   X N6    1 
ATOM   179  N  N1    . A   A 1 8  ? 4.420   -5.204  -5.053  1.00 30.20  ? 12  A   X N1    1 
ATOM   180  C  C2    . A   A 1 8  ? 3.149   -5.343  -4.688  1.00 27.74  ? 12  A   X C2    1 
ATOM   181  N  N3    . A   A 1 8  ? 2.564   -6.375  -4.111  1.00 33.01  ? 12  A   X N3    1 
ATOM   182  C  C4    . A   A 1 8  ? 3.421   -7.387  -3.899  1.00 30.08  ? 12  A   X C4    1 
ATOM   183  P  P     . U   A 1 9  ? -2.132  -6.178  -2.615  1.00 43.27  ? 13  U   X P     1 
ATOM   184  O  OP1   . U   A 1 9  ? -3.367  -6.117  -1.784  1.00 46.58  ? 13  U   X OP1   1 
ATOM   185  O  OP2   . U   A 1 9  ? -2.189  -6.150  -4.094  1.00 41.20  ? 13  U   X OP2   1 
ATOM   186  O  "O5'" . U   A 1 9  ? -1.198  -4.969  -2.203  1.00 41.94  ? 13  U   X "O5'" 1 
ATOM   187  C  "C5'" . U   A 1 9  ? -0.450  -4.285  -3.190  1.00 39.33  ? 13  U   X "C5'" 1 
ATOM   188  C  "C4'" . U   A 1 9  ? -0.499  -2.812  -2.937  1.00 43.23  ? 13  U   X "C4'" 1 
ATOM   189  O  "O4'" . U   A 1 9  ? -1.558  -2.223  -3.754  1.00 43.83  ? 13  U   X "O4'" 1 
ATOM   190  C  "C3'" . U   A 1 9  ? -0.810  -2.458  -1.481  1.00 43.74  ? 13  U   X "C3'" 1 
ATOM   191  O  "O3'" . U   A 1 9  ? 0.093   -1.493  -0.968  1.00 40.72  ? 13  U   X "O3'" 1 
ATOM   192  C  "C2'" . U   A 1 9  ? -2.222  -1.881  -1.539  1.00 49.16  ? 13  U   X "C2'" 1 
ATOM   193  O  "O2'" . U   A 1 9  ? -2.504  -0.880  -0.582  1.00 50.21  ? 13  U   X "O2'" 1 
ATOM   194  C  "C1'" . U   A 1 9  ? -2.311  -1.338  -2.966  1.00 44.58  ? 13  U   X "C1'" 1 
ATOM   195  N  N1    . U   A 1 9  ? -3.717  -1.288  -3.401  1.00 42.18  ? 13  U   X N1    1 
ATOM   196  C  C2    . U   A 1 9  ? -4.252  -0.038  -3.638  1.00 41.95  ? 13  U   X C2    1 
ATOM   197  O  O2    . U   A 1 9  ? -3.568  0.977   -3.636  1.00 46.19  ? 13  U   X O2    1 
ATOM   198  N  N3    . U   A 1 9  ? -5.595  -0.024  -3.920  1.00 36.27  ? 13  U   X N3    1 
ATOM   199  C  C4    . U   A 1 9  ? -6.418  -1.120  -3.938  1.00 35.41  ? 13  U   X C4    1 
ATOM   200  O  O4    . U   A 1 9  ? -7.591  -0.960  -4.210  1.00 41.41  ? 13  U   X O4    1 
ATOM   201  C  C5    . U   A 1 9  ? -5.802  -2.369  -3.645  1.00 39.02  ? 13  U   X C5    1 
ATOM   202  C  C6    . U   A 1 9  ? -4.502  -2.411  -3.367  1.00 38.34  ? 13  U   X C6    1 
ATOM   203  P  P     . C   A 1 10 ? 0.627   -1.661  0.531   1.00 41.41  ? 14  C   X P     1 
ATOM   204  O  OP1   . C   A 1 10 ? -0.508  -2.110  1.388   1.00 49.81  ? 14  C   X OP1   1 
ATOM   205  O  OP2   . C   A 1 10 ? 1.376   -0.449  0.908   1.00 38.96  ? 14  C   X OP2   1 
ATOM   206  O  "O5'" . C   A 1 10 ? 1.698   -2.833  0.422   1.00 40.55  ? 14  C   X "O5'" 1 
ATOM   207  C  "C5'" . C   A 1 10 ? 1.376   -4.190  0.693   1.00 34.53  ? 14  C   X "C5'" 1 
ATOM   208  C  "C4'" . C   A 1 10 ? 2.585   -5.051  0.435   1.00 34.56  ? 14  C   X "C4'" 1 
ATOM   209  O  "O4'" . C   A 1 10 ? 2.877   -5.049  -0.992  1.00 34.53  ? 14  C   X "O4'" 1 
ATOM   210  C  "C3'" . C   A 1 10 ? 3.878   -4.560  1.074   1.00 30.71  ? 14  C   X "C3'" 1 
ATOM   211  O  "O3'" . C   A 1 10 ? 3.998   -4.920  2.442   1.00 30.11  ? 14  C   X "O3'" 1 
ATOM   212  C  "C2'" . C   A 1 10 ? 4.949   -5.161  0.163   1.00 30.52  ? 14  C   X "C2'" 1 
ATOM   213  O  "O2'" . C   A 1 10 ? 5.133   -6.543  0.425   1.00 34.32  ? 14  C   X "O2'" 1 
ATOM   214  C  "C1'" . C   A 1 10 ? 4.279   -5.029  -1.204  1.00 33.66  ? 14  C   X "C1'" 1 
ATOM   215  N  N1    . C   A 1 10 ? 4.643   -3.749  -1.868  1.00 29.50  ? 14  C   X N1    1 
ATOM   216  C  C2    . C   A 1 10 ? 5.946   -3.592  -2.362  1.00 31.42  ? 14  C   X C2    1 
ATOM   217  O  O2    . C   A 1 10 ? 6.773   -4.514  -2.238  1.00 30.24  ? 14  C   X O2    1 
ATOM   218  N  N3    . C   A 1 10 ? 6.284   -2.426  -2.948  1.00 30.53  ? 14  C   X N3    1 
ATOM   219  C  C4    . C   A 1 10 ? 5.386   -1.446  -3.073  1.00 29.22  ? 14  C   X C4    1 
ATOM   220  N  N4    . C   A 1 10 ? 5.783   -0.324  -3.671  1.00 30.58  ? 14  C   X N4    1 
ATOM   221  C  C5    . C   A 1 10 ? 4.056   -1.574  -2.586  1.00 32.25  ? 14  C   X C5    1 
ATOM   222  C  C6    . C   A 1 10 ? 3.734   -2.734  -1.991  1.00 33.48  ? 14  C   X C6    1 
ATOM   223  P  P     . C   A 1 11 ? 4.831   -4.006  3.461   1.00 36.06  ? 15  C   X P     1 
ATOM   224  O  OP1   . C   A 1 11 ? 4.594   -4.529  4.828   1.00 36.04  ? 15  C   X OP1   1 
ATOM   225  O  OP2   . C   A 1 11 ? 4.641   -2.568  3.142   1.00 32.86  ? 15  C   X OP2   1 
ATOM   226  O  "O5'" . C   A 1 11 ? 6.353   -4.262  3.094   1.00 33.66  ? 15  C   X "O5'" 1 
ATOM   227  C  "C5'" . C   A 1 11 ? 6.957   -5.544  3.176   1.00 31.18  ? 15  C   X "C5'" 1 
ATOM   228  C  "C4'" . C   A 1 11 ? 8.425   -5.422  2.841   1.00 29.90  ? 15  C   X "C4'" 1 
ATOM   229  O  "O4'" . C   A 1 11 ? 8.583   -5.154  1.417   1.00 33.77  ? 15  C   X "O4'" 1 
ATOM   230  C  "C3'" . C   A 1 11 ? 9.153   -4.259  3.499   1.00 30.08  ? 15  C   X "C3'" 1 
ATOM   231  O  "O3'" . C   A 1 11 ? 9.527   -4.510  4.844   1.00 28.69  ? 15  C   X "O3'" 1 
ATOM   232  C  "C2'" . C   A 1 11 ? 10.333  -4.056  2.567   1.00 32.57  ? 15  C   X "C2'" 1 
ATOM   233  O  "O2'" . C   A 1 11 ? 11.277  -5.095  2.755   1.00 33.15  ? 15  C   X "O2'" 1 
ATOM   234  C  "C1'" . C   A 1 11 ? 9.676   -4.278  1.212   1.00 31.08  ? 15  C   X "C1'" 1 
ATOM   235  N  N1    . C   A 1 11 ? 9.181   -3.012  0.616   1.00 31.61  ? 15  C   X N1    1 
ATOM   236  C  C2    . C   A 1 11 ? 10.105  -2.156  0.005   1.00 29.23  ? 15  C   X C2    1 
ATOM   237  O  O2    . C   A 1 11 ? 11.301  -2.460  -0.001  1.00 30.52  ? 15  C   X O2    1 
ATOM   238  N  N3    . C   A 1 11 ? 9.686   -1.008  -0.551  1.00 29.72  ? 15  C   X N3    1 
ATOM   239  C  C4    . C   A 1 11 ? 8.386   -0.696  -0.518  1.00 30.97  ? 15  C   X C4    1 
ATOM   240  N  N4    . C   A 1 11 ? 8.011   0.454   -1.083  1.00 25.75  ? 15  C   X N4    1 
ATOM   241  C  C5    . C   A 1 11 ? 7.422   -1.552  0.083   1.00 28.79  ? 15  C   X C5    1 
ATOM   242  C  C6    . C   A 1 11 ? 7.856   -2.681  0.631   1.00 28.91  ? 15  C   X C6    1 
ATOM   243  P  P     . U   A 1 12 ? 9.724   -3.305  5.889   1.00 32.98  ? 16  U   X P     1 
ATOM   244  O  OP1   . U   A 1 12 ? 9.829   -3.912  7.231   1.00 33.71  ? 16  U   X OP1   1 
ATOM   245  O  OP2   . U   A 1 12 ? 8.674   -2.277  5.696   1.00 27.40  ? 16  U   X OP2   1 
ATOM   246  O  "O5'" . U   A 1 12 ? 11.124  -2.668  5.479   1.00 31.22  ? 16  U   X "O5'" 1 
ATOM   247  C  "C5'" . U   A 1 12 ? 12.299  -3.455  5.364   1.00 29.65  ? 16  U   X "C5'" 1 
ATOM   248  C  "C4'" . U   A 1 12 ? 13.411  -2.656  4.725   1.00 29.76  ? 16  U   X "C4'" 1 
ATOM   249  O  "O4'" . U   A 1 12 ? 13.088  -2.372  3.336   1.00 28.13  ? 16  U   X "O4'" 1 
ATOM   250  C  "C3'" . U   A 1 12 ? 13.647  -1.277  5.319   1.00 30.64  ? 16  U   X "C3'" 1 
ATOM   251  O  "O3'" . U   A 1 12 ? 14.403  -1.296  6.509   1.00 31.87  ? 16  U   X "O3'" 1 
ATOM   252  C  "C2'" . U   A 1 12 ? 14.348  -0.548  4.185   1.00 31.51  ? 16  U   X "C2'" 1 
ATOM   253  O  "O2'" . U   A 1 12 ? 15.699  -0.960  4.097   1.00 30.59  ? 16  U   X "O2'" 1 
ATOM   254  C  "C1'" . U   A 1 12 ? 13.608  -1.097  2.978   1.00 29.43  ? 16  U   X "C1'" 1 
ATOM   255  N  N1    . U   A 1 12 ? 12.500  -0.203  2.584   1.00 27.69  ? 16  U   X N1    1 
ATOM   256  C  C2    . U   A 1 12 ? 12.837  0.908   1.848   1.00 29.48  ? 16  U   X C2    1 
ATOM   257  O  O2    . U   A 1 12 ? 13.976  1.165   1.555   1.00 31.03  ? 16  U   X O2    1 
ATOM   258  N  N3    . U   A 1 12 ? 11.804  1.715   1.463   1.00 28.21  ? 16  U   X N3    1 
ATOM   259  C  C4    . U   A 1 12 ? 10.481  1.510   1.759   1.00 29.79  ? 16  U   X C4    1 
ATOM   260  O  O4    . U   A 1 12 ? 9.658   2.320   1.359   1.00 30.92  ? 16  U   X O4    1 
ATOM   261  C  C5    . U   A 1 12 ? 10.200  0.334   2.524   1.00 30.49  ? 16  U   X C5    1 
ATOM   262  C  C6    . U   A 1 12 ? 11.197  -0.465  2.906   1.00 29.14  ? 16  U   X C6    1 
ATOM   263  P  P     . U   A 1 13 ? 14.211  -0.117  7.576   1.00 35.64  ? 17  U   X P     1 
ATOM   264  O  OP1   . U   A 1 13 ? 14.974  -0.499  8.785   1.00 39.87  ? 17  U   X OP1   1 
ATOM   265  O  OP2   . U   A 1 13 ? 12.769  0.211   7.620   1.00 32.14  ? 17  U   X OP2   1 
ATOM   266  O  "O5'" . U   A 1 13 ? 14.924  1.142   6.920   1.00 32.23  ? 17  U   X "O5'" 1 
ATOM   267  C  "C5'" . U   A 1 13 ? 16.318  1.148   6.670   1.00 30.47  ? 17  U   X "C5'" 1 
ATOM   268  C  "C4'" . U   A 1 13 ? 16.682  2.301   5.779   1.00 31.97  ? 17  U   X "C4'" 1 
ATOM   269  O  "O4'" . U   A 1 13 ? 15.884  2.245   4.573   1.00 35.99  ? 17  U   X "O4'" 1 
ATOM   270  C  "C3'" . U   A 1 13 ? 16.375  3.679   6.345   1.00 35.11  ? 17  U   X "C3'" 1 
ATOM   271  O  "O3'" . U   A 1 13 ? 17.375  4.132   7.236   1.00 35.74  ? 17  U   X "O3'" 1 
ATOM   272  C  "C2'" . U   A 1 13 ? 16.265  4.528   5.094   1.00 32.93  ? 17  U   X "C2'" 1 
ATOM   273  O  "O2'" . U   A 1 13 ? 17.558  4.785   4.584   1.00 35.19  ? 17  U   X "O2'" 1 
ATOM   274  C  "C1'" . U   A 1 13 ? 15.579  3.561   4.140   1.00 34.45  ? 17  U   X "C1'" 1 
ATOM   275  N  N1    . U   A 1 13 ? 14.107  3.747   4.099   1.00 32.62  ? 17  U   X N1    1 
ATOM   276  C  C2    . U   A 1 13 ? 13.650  4.814   3.355   1.00 31.46  ? 17  U   X C2    1 
ATOM   277  O  O2    . U   A 1 13 ? 14.400  5.577   2.787   1.00 32.84  ? 17  U   X O2    1 
ATOM   278  N  N3    . U   A 1 13 ? 12.301  4.964   3.306   1.00 28.98  ? 17  U   X N3    1 
ATOM   279  C  C4    . U   A 1 13 ? 11.359  4.164   3.919   1.00 31.22  ? 17  U   X C4    1 
ATOM   280  O  O4    . U   A 1 13 ? 10.170  4.429   3.787   1.00 33.23  ? 17  U   X O4    1 
ATOM   281  C  C5    . U   A 1 13 ? 11.899  3.087   4.676   1.00 31.31  ? 17  U   X C5    1 
ATOM   282  C  C6    . U   A 1 13 ? 13.220  2.919   4.733   1.00 31.36  ? 17  U   X C6    1 
ATOM   283  P  P     . A   A 1 14 ? 17.001  5.139   8.428   1.00 34.55  ? 18  A   X P     1 
ATOM   284  O  OP1   . A   A 1 14 ? 18.215  5.202   9.264   1.00 42.16  ? 18  A   X OP1   1 
ATOM   285  O  OP2   . A   A 1 14 ? 15.691  4.810   9.021   1.00 35.76  ? 18  A   X OP2   1 
ATOM   286  O  "O5'" . A   A 1 14 ? 16.843  6.552   7.707   1.00 40.18  ? 18  A   X "O5'" 1 
ATOM   287  C  "C5'" . A   A 1 14 ? 17.911  7.114   6.960   1.00 33.65  ? 18  A   X "C5'" 1 
ATOM   288  C  "C4'" . A   A 1 14 ? 17.507  8.447   6.381   1.00 36.13  ? 18  A   X "C4'" 1 
ATOM   289  O  "O4'" . A   A 1 14 ? 16.646  8.268   5.223   1.00 31.40  ? 18  A   X "O4'" 1 
ATOM   290  C  "C3'" . A   A 1 14 ? 16.702  9.340   7.303   1.00 34.45  ? 18  A   X "C3'" 1 
ATOM   291  O  "O3'" . A   A 1 14 ? 17.536  10.011  8.223   1.00 40.58  ? 18  A   X "O3'" 1 
ATOM   292  C  "C2'" . A   A 1 14 ? 15.990  10.261  6.320   1.00 36.08  ? 18  A   X "C2'" 1 
ATOM   293  O  "O2'" . A   A 1 14 ? 16.896  11.226  5.812   1.00 35.36  ? 18  A   X "O2'" 1 
ATOM   294  C  "C1'" . A   A 1 14 ? 15.676  9.289   5.180   1.00 34.46  ? 18  A   X "C1'" 1 
ATOM   295  N  N9    . A   A 1 14 ? 14.352  8.662   5.323   1.00 31.04  ? 18  A   X N9    1 
ATOM   296  C  C8    . A   A 1 14 ? 14.096  7.491   5.978   1.00 32.30  ? 18  A   X C8    1 
ATOM   297  N  N7    . A   A 1 14 ? 12.839  7.146   5.959   1.00 33.56  ? 18  A   X N7    1 
ATOM   298  C  C5    . A   A 1 14 ? 12.234  8.153   5.239   1.00 30.10  ? 18  A   X C5    1 
ATOM   299  C  C6    . A   A 1 14 ? 10.898  8.350   4.878   1.00 32.55  ? 18  A   X C6    1 
ATOM   300  N  N6    . A   A 1 14 ? 9.926   7.497   5.211   1.00 30.33  ? 18  A   X N6    1 
ATOM   301  N  N1    . A   A 1 14 ? 10.595  9.456   4.162   1.00 35.37  ? 18  A   X N1    1 
ATOM   302  C  C2    . A   A 1 14 ? 11.592  10.294  3.833   1.00 32.89  ? 18  A   X C2    1 
ATOM   303  N  N3    . A   A 1 14 ? 12.886  10.206  4.113   1.00 32.90  ? 18  A   X N3    1 
ATOM   304  C  C4    . A   A 1 14 ? 13.147  9.099   4.838   1.00 32.50  ? 18  A   X C4    1 
ATOM   305  P  P     . A   A 1 15 ? 16.990  10.472  9.660   1.00 37.71  ? 19  A   X P     1 
ATOM   306  O  OP1   . A   A 1 15 ? 18.167  10.844  10.489  1.00 39.97  ? 19  A   X OP1   1 
ATOM   307  O  OP2   . A   A 1 15 ? 16.006  9.494   10.180  1.00 34.77  ? 19  A   X OP2   1 
ATOM   308  O  "O5'" . A   A 1 15 ? 16.292  11.855  9.314   1.00 37.95  ? 19  A   X "O5'" 1 
ATOM   309  C  "C5'" . A   A 1 15 ? 14.960  12.142  9.682   1.00 36.57  ? 19  A   X "C5'" 1 
ATOM   310  C  "C4'" . A   A 1 15 ? 14.357  13.084  8.682   1.00 34.32  ? 19  A   X "C4'" 1 
ATOM   311  O  "O4'" . A   A 1 15 ? 13.963  12.324  7.512   1.00 36.19  ? 19  A   X "O4'" 1 
ATOM   312  C  "C3'" . A   A 1 15 ? 13.090  13.798  9.118   1.00 36.98  ? 19  A   X "C3'" 1 
ATOM   313  O  "O3'" . A   A 1 15 ? 13.355  14.985  9.855   1.00 37.82  ? 19  A   X "O3'" 1 
ATOM   314  C  "C2'" . A   A 1 15 ? 12.388  14.051  7.794   1.00 37.57  ? 19  A   X "C2'" 1 
ATOM   315  O  "O2'" . A   A 1 15 ? 13.012  15.132  7.120   1.00 43.99  ? 19  A   X "O2'" 1 
ATOM   316  C  "C1'" . A   A 1 15 ? 12.720  12.775  7.033   1.00 34.60  ? 19  A   X "C1'" 1 
ATOM   317  N  N9    . A   A 1 15 ? 11.729  11.708  7.278   1.00 35.72  ? 19  A   X N9    1 
ATOM   318  C  C8    . A   A 1 15 ? 11.957  10.533  7.941   1.00 33.59  ? 19  A   X C8    1 
ATOM   319  N  N7    . A   A 1 15 ? 10.907  9.764   8.031   1.00 36.33  ? 19  A   X N7    1 
ATOM   320  C  C5    . A   A 1 15 ? 9.924   10.472  7.374   1.00 35.03  ? 19  A   X C5    1 
ATOM   321  C  C6    . A   A 1 15 ? 8.576   10.179  7.133   1.00 38.74  ? 19  A   X C6    1 
ATOM   322  N  N6    . A   A 1 15 ? 7.997   9.047   7.543   1.00 39.65  ? 19  A   X N6    1 
ATOM   323  N  N1    . A   A 1 15 ? 7.842   11.090  6.458   1.00 36.55  ? 19  A   X N1    1 
ATOM   324  C  C2    . A   A 1 15 ? 8.442   12.218  6.057   1.00 35.78  ? 19  A   X C2    1 
ATOM   325  N  N3    . A   A 1 15 ? 9.708   12.602  6.230   1.00 37.41  ? 19  A   X N3    1 
ATOM   326  C  C4    . A   A 1 15 ? 10.406  11.673  6.906   1.00 34.69  ? 19  A   X C4    1 
ATOM   327  P  P     . U   A 1 16 ? 12.385  15.410  11.064  1.00 43.45  ? 20  U   X P     1 
ATOM   328  O  OP1   . U   A 1 16 ? 12.717  16.779  11.521  1.00 44.35  ? 20  U   X OP1   1 
ATOM   329  O  OP2   . U   A 1 16 ? 12.391  14.289  12.030  1.00 40.79  ? 20  U   X OP2   1 
ATOM   330  O  "O5'" . U   A 1 16 ? 10.952  15.473  10.384  1.00 40.22  ? 20  U   X "O5'" 1 
ATOM   331  C  "C5'" . U   A 1 16 ? 10.621  16.489  9.452   1.00 39.40  ? 20  U   X "C5'" 1 
ATOM   332  C  "C4'" . U   A 1 16 ? 9.184   16.343  9.040   1.00 40.23  ? 20  U   X "C4'" 1 
ATOM   333  O  "O4'" . U   A 1 16 ? 9.010   15.069  8.365   1.00 41.84  ? 20  U   X "O4'" 1 
ATOM   334  C  "C3'" . U   A 1 16 ? 8.203   16.287  10.200  1.00 40.90  ? 20  U   X "C3'" 1 
ATOM   335  O  "O3'" . U   A 1 16 ? 7.832   17.575  10.655  1.00 45.80  ? 20  U   X "O3'" 1 
ATOM   336  C  "C2'" . U   A 1 16 ? 7.043   15.478  9.632   1.00 41.97  ? 20  U   X "C2'" 1 
ATOM   337  O  "O2'" . U   A 1 16 ? 6.219   16.284  8.803   1.00 41.15  ? 20  U   X "O2'" 1 
ATOM   338  C  "C1'" . U   A 1 16 ? 7.777   14.485  8.739   1.00 40.71  ? 20  U   X "C1'" 1 
ATOM   339  N  N1    . U   A 1 16 ? 8.025   13.196  9.425   1.00 39.34  ? 20  U   X N1    1 
ATOM   340  C  C2    . U   A 1 16 ? 6.948   12.331  9.436   1.00 41.11  ? 20  U   X C2    1 
ATOM   341  O  O2    . U   A 1 16 ? 5.882   12.615  8.926   1.00 42.47  ? 20  U   X O2    1 
ATOM   342  N  N3    . U   A 1 16 ? 7.153   11.135  10.062  1.00 36.22  ? 20  U   X N3    1 
ATOM   343  C  C4    . U   A 1 16 ? 8.318   10.721  10.658  1.00 37.51  ? 20  U   X C4    1 
ATOM   344  O  O4    . U   A 1 16 ? 8.328   9.607   11.168  1.00 37.47  ? 20  U   X O4    1 
ATOM   345  C  C5    . U   A 1 16 ? 9.403   11.664  10.617  1.00 34.82  ? 20  U   X C5    1 
ATOM   346  C  C6    . U   A 1 16 ? 9.227   12.849  10.011  1.00 35.63  ? 20  U   X C6    1 
ATOM   347  P  P     . G   A 1 17 ? 7.642   17.862  12.222  1.00 49.04  ? 21  G   X P     1 
ATOM   348  O  OP1   . G   A 1 17 ? 7.437   19.329  12.305  1.00 49.80  ? 21  G   X OP1   1 
ATOM   349  O  OP2   . G   A 1 17 ? 8.691   17.181  13.034  1.00 45.45  ? 21  G   X OP2   1 
ATOM   350  O  "O5'" . G   A 1 17 ? 6.251   17.171  12.569  1.00 46.18  ? 21  G   X "O5'" 1 
ATOM   351  C  "C5'" . G   A 1 17 ? 5.083   17.536  11.855  1.00 45.20  ? 21  G   X "C5'" 1 
ATOM   352  C  "C4'" . G   A 1 17 ? 3.955   16.584  12.134  1.00 48.56  ? 21  G   X "C4'" 1 
ATOM   353  O  "O4'" . G   A 1 17 ? 4.265   15.286  11.568  1.00 49.19  ? 21  G   X "O4'" 1 
ATOM   354  C  "C3'" . G   A 1 17 ? 3.680   16.287  13.596  1.00 52.97  ? 21  G   X "C3'" 1 
ATOM   355  O  "O3'" . G   A 1 17 ? 2.927   17.308  14.234  1.00 61.74  ? 21  G   X "O3'" 1 
ATOM   356  C  "C2'" . G   A 1 17 ? 2.959   14.945  13.526  1.00 54.86  ? 21  G   X "C2'" 1 
ATOM   357  O  "O2'" . G   A 1 17 ? 1.600   15.131  13.157  1.00 52.80  ? 21  G   X "O2'" 1 
ATOM   358  C  "C1'" . G   A 1 17 ? 3.685   14.270  12.357  1.00 51.18  ? 21  G   X "C1'" 1 
ATOM   359  N  N9    . G   A 1 17 ? 4.743   13.344  12.804  1.00 47.69  ? 21  G   X N9    1 
ATOM   360  C  C8    . G   A 1 17 ? 6.070   13.621  13.013  1.00 45.01  ? 21  G   X C8    1 
ATOM   361  N  N7    . G   A 1 17 ? 6.746   12.578  13.414  1.00 45.72  ? 21  G   X N7    1 
ATOM   362  C  C5    . G   A 1 17 ? 5.823   11.547  13.466  1.00 44.45  ? 21  G   X C5    1 
ATOM   363  C  C6    . G   A 1 17 ? 5.974   10.178  13.835  1.00 45.62  ? 21  G   X C6    1 
ATOM   364  O  O6    . G   A 1 17 ? 6.993   9.568   14.201  1.00 48.21  ? 21  G   X O6    1 
ATOM   365  N  N1    . G   A 1 17 ? 4.766   9.501   13.747  1.00 46.10  ? 21  G   X N1    1 
ATOM   366  C  C2    . G   A 1 17 ? 3.574   10.065  13.356  1.00 47.00  ? 21  G   X C2    1 
ATOM   367  N  N2    . G   A 1 17 ? 2.513   9.251   13.333  1.00 54.01  ? 21  G   X N2    1 
ATOM   368  N  N3    . G   A 1 17 ? 3.419   11.329  13.016  1.00 46.93  ? 21  G   X N3    1 
ATOM   369  C  C4    . G   A 1 17 ? 4.578   12.010  13.095  1.00 47.05  ? 21  G   X C4    1 
ATOM   370  P  P     . A   A 1 18 ? 2.963   17.478  15.836  1.00 60.83  ? 22  A   X P     1 
ATOM   371  O  OP1   . A   A 1 18 ? 2.411   18.834  16.093  1.00 57.28  ? 22  A   X OP1   1 
ATOM   372  O  OP2   . A   A 1 18 ? 4.294   17.071  16.365  1.00 55.85  ? 22  A   X OP2   1 
ATOM   373  O  "O5'" . A   A 1 18 ? 1.944   16.379  16.384  1.00 65.47  ? 22  A   X "O5'" 1 
ATOM   374  C  "C5'" . A   A 1 18 ? 0.571   16.418  16.029  1.00 64.37  ? 22  A   X "C5'" 1 
ATOM   375  C  "C4'" . A   A 1 18 ? -0.148  15.109  16.300  1.00 65.77  ? 22  A   X "C4'" 1 
ATOM   376  O  "O4'" . A   A 1 18 ? 0.444   14.004  15.567  1.00 64.03  ? 22  A   X "O4'" 1 
ATOM   377  C  "C3'" . A   A 1 18 ? -0.184  14.587  17.725  1.00 66.92  ? 22  A   X "C3'" 1 
ATOM   378  O  "O3'" . A   A 1 18 ? -1.060  15.316  18.571  1.00 70.61  ? 22  A   X "O3'" 1 
ATOM   379  C  "C2'" . A   A 1 18 ? -0.625  13.141  17.510  1.00 62.44  ? 22  A   X "C2'" 1 
ATOM   380  O  "O2'" . A   A 1 18 ? -2.020  13.095  17.255  1.00 58.49  ? 22  A   X "O2'" 1 
ATOM   381  C  "C1'" . A   A 1 18 ? 0.090   12.791  16.202  1.00 58.09  ? 22  A   X "C1'" 1 
ATOM   382  N  N9    . A   A 1 18 ? 1.268   11.922  16.403  1.00 55.68  ? 22  A   X N9    1 
ATOM   383  C  C8    . A   A 1 18 ? 2.605   12.212  16.446  1.00 54.06  ? 22  A   X C8    1 
ATOM   384  N  N7    . A   A 1 18 ? 3.366   11.153  16.637  1.00 53.78  ? 22  A   X N7    1 
ATOM   385  C  C5    . A   A 1 18 ? 2.484   10.090  16.723  1.00 51.57  ? 22  A   X C5    1 
ATOM   386  C  C6    . A   A 1 18 ? 2.649   8.702   16.919  1.00 56.28  ? 22  A   X C6    1 
ATOM   387  N  N6    . A   A 1 18 ? 3.816   8.075   17.078  1.00 56.97  ? 22  A   X N6    1 
ATOM   388  N  N1    . A   A 1 18 ? 1.539   7.939   16.959  1.00 56.34  ? 22  A   X N1    1 
ATOM   389  C  C2    . A   A 1 18 ? 0.352   8.533   16.805  1.00 54.18  ? 22  A   X C2    1 
ATOM   390  N  N3    . A   A 1 18 ? 0.067   9.817   16.609  1.00 57.65  ? 22  A   X N3    1 
ATOM   391  C  C4    . A   A 1 18 ? 1.190   10.556  16.581  1.00 57.16  ? 22  A   X C4    1 
ATOM   392  P  P     . U   A 1 19 ? -0.892  15.248  20.172  1.00 72.58  ? 23  U   X P     1 
ATOM   393  O  OP1   . U   A 1 19 ? -1.904  16.176  20.736  1.00 69.43  ? 23  U   X OP1   1 
ATOM   394  O  OP2   . U   A 1 19 ? 0.548   15.385  20.524  1.00 73.91  ? 23  U   X OP2   1 
ATOM   395  O  "O5'" . U   A 1 19 ? -1.312  13.761  20.559  1.00 70.73  ? 23  U   X "O5'" 1 
ATOM   396  C  "C5'" . U   A 1 19 ? -2.636  13.308  20.313  1.00 68.55  ? 23  U   X "C5'" 1 
ATOM   397  C  "C4'" . U   A 1 19 ? -2.770  11.821  20.505  1.00 67.96  ? 23  U   X "C4'" 1 
ATOM   398  O  "O4'" . U   A 1 19 ? -1.679  11.136  19.833  1.00 67.85  ? 23  U   X "O4'" 1 
ATOM   399  C  "C3'" . U   A 1 19 ? -2.762  11.348  21.958  1.00 73.22  ? 23  U   X "C3'" 1 
ATOM   400  O  "O3'" . U   A 1 19 ? -3.817  10.411  22.161  1.00 76.95  ? 23  U   X "O3'" 1 
ATOM   401  C  "C2'" . U   A 1 19 ? -1.392  10.681  22.121  1.00 71.60  ? 23  U   X "C2'" 1 
ATOM   402  O  "O2'" . U   A 1 19 ? -1.360  9.613   23.048  1.00 73.08  ? 23  U   X "O2'" 1 
ATOM   403  C  "C1'" . U   A 1 19 ? -1.082  10.199  20.706  1.00 67.14  ? 23  U   X "C1'" 1 
ATOM   404  N  N1    . U   A 1 19 ? 0.364   10.153  20.424  1.00 63.95  ? 23  U   X N1    1 
ATOM   405  C  C2    . U   A 1 19 ? 1.010   8.926   20.449  1.00 63.73  ? 23  U   X C2    1 
ATOM   406  O  O2    . U   A 1 19 ? 0.440   7.877   20.664  1.00 63.95  ? 23  U   X O2    1 
ATOM   407  N  N3    . U   A 1 19 ? 2.360   8.954   20.205  1.00 63.82  ? 23  U   X N3    1 
ATOM   408  C  C4    . U   A 1 19 ? 3.114   10.081  19.951  1.00 61.99  ? 23  U   X C4    1 
ATOM   409  O  O4    . U   A 1 19 ? 4.314   9.954   19.747  1.00 62.70  ? 23  U   X O4    1 
ATOM   410  C  C5    . U   A 1 19 ? 2.385   11.316  19.947  1.00 63.10  ? 23  U   X C5    1 
ATOM   411  C  C6    . U   A 1 19 ? 1.067   11.312  20.184  1.00 63.48  ? 23  U   X C6    1 
ATOM   412  P  P     . A   A 1 20 ? -5.224  10.925  22.761  1.00 84.36  ? 24  A   X P     1 
ATOM   413  O  OP1   . A   A 1 20 ? -6.300  10.779  21.739  1.00 76.58  ? 24  A   X OP1   1 
ATOM   414  O  OP2   . A   A 1 20 ? -4.991  12.265  23.366  1.00 82.62  ? 24  A   X OP2   1 
ATOM   415  O  "O5'" . A   A 1 20 ? -5.511  9.887   23.927  1.00 78.49  ? 24  A   X "O5'" 1 
ATOM   416  C  "C5'" . A   A 1 20 ? -5.168  8.520   23.746  1.00 75.30  ? 24  A   X "C5'" 1 
ATOM   417  C  "C4'" . A   A 1 20 ? -5.955  7.881   22.627  1.00 71.56  ? 24  A   X "C4'" 1 
ATOM   418  O  "O4'" . A   A 1 20 ? -5.127  6.856   22.035  1.00 64.39  ? 24  A   X "O4'" 1 
ATOM   419  C  "C3'" . A   A 1 20 ? -7.225  7.176   23.071  1.00 74.24  ? 24  A   X "C3'" 1 
ATOM   420  O  "O3'" . A   A 1 20 ? -8.130  7.090   21.965  1.00 79.20  ? 24  A   X "O3'" 1 
ATOM   421  C  "C2'" . A   A 1 20 ? -6.703  5.793   23.447  1.00 71.03  ? 24  A   X "C2'" 1 
ATOM   422  O  "O2'" . A   A 1 20 ? -7.661  4.757   23.407  1.00 76.09  ? 24  A   X "O2'" 1 
ATOM   423  C  "C1'" . A   A 1 20 ? -5.589  5.573   22.421  1.00 60.82  ? 24  A   X "C1'" 1 
ATOM   424  N  N9    . A   A 1 20 ? -4.428  4.889   22.979  1.00 59.85  ? 24  A   X N9    1 
ATOM   425  C  C8    . A   A 1 20 ? -3.181  5.438   23.145  1.00 62.90  ? 24  A   X C8    1 
ATOM   426  N  N7    . A   A 1 20 ? -2.296  4.613   23.652  1.00 63.56  ? 24  A   X N7    1 
ATOM   427  C  C5    . A   A 1 20 ? -3.010  3.442   23.830  1.00 61.48  ? 24  A   X C5    1 
ATOM   428  C  C6    . A   A 1 20 ? -2.635  2.185   24.336  1.00 67.07  ? 24  A   X C6    1 
ATOM   429  N  N6    . A   A 1 20 ? -1.400  1.901   24.771  1.00 69.88  ? 24  A   X N6    1 
ATOM   430  N  N1    . A   A 1 20 ? -3.585  1.222   24.386  1.00 63.04  ? 24  A   X N1    1 
ATOM   431  C  C2    . A   A 1 20 ? -4.819  1.525   23.949  1.00 63.11  ? 24  A   X C2    1 
ATOM   432  N  N3    . A   A 1 20 ? -5.293  2.667   23.450  1.00 60.65  ? 24  A   X N3    1 
ATOM   433  C  C4    . A   A 1 20 ? -4.324  3.593   23.411  1.00 61.39  ? 24  A   X C4    1 
ATOM   434  P  P     . U   A 1 21 ? -9.714  6.946   22.213  0.98 84.54  ? 25  U   X P     1 
ATOM   435  O  OP1   . U   A 1 21 ? -10.038 7.655   23.480  0.98 85.40  ? 25  U   X OP1   1 
ATOM   436  O  OP2   . U   A 1 21 ? -10.068 5.508   22.049  0.98 77.03  ? 25  U   X OP2   1 
ATOM   437  O  "O5'" . U   A 1 21 ? -10.370 7.778   21.024  0.98 82.27  ? 25  U   X "O5'" 1 
ATOM   438  C  "C5'" . U   A 1 21 ? -9.579  8.681   20.264  0.98 83.78  ? 25  U   X "C5'" 1 
ATOM   439  C  "C4'" . U   A 1 21 ? -10.402 9.436   19.254  0.98 87.70  ? 25  U   X "C4'" 1 
ATOM   440  O  "O4'" . U   A 1 21 ? -11.541 10.038  19.926  0.98 93.80  ? 25  U   X "O4'" 1 
ATOM   441  C  "C3'" . U   A 1 21 ? -9.666  10.580  18.557  0.98 88.49  ? 25  U   X "C3'" 1 
ATOM   442  O  "O3'" . U   A 1 21 ? -10.166 10.728  17.228  0.98 87.22  ? 25  U   X "O3'" 1 
ATOM   443  C  "C2'" . U   A 1 21 ? -10.080 11.790  19.388  0.98 91.24  ? 25  U   X "C2'" 1 
ATOM   444  O  "O2'" . U   A 1 21 ? -9.975  13.032  18.722  0.98 90.12  ? 25  U   X "O2'" 1 
ATOM   445  C  "C1'" . U   A 1 21 ? -11.527 11.441  19.715  0.98 96.32  ? 25  U   X "C1'" 1 
ATOM   446  N  N1    . U   A 1 21 ? -12.043 12.107  20.920  0.98 98.17  ? 25  U   X N1    1 
ATOM   447  C  C2    . U   A 1 21 ? -13.362 12.524  20.887  0.98 98.22  ? 25  U   X C2    1 
ATOM   448  O  O2    . U   A 1 21 ? -14.091 12.342  19.922  0.98 97.84  ? 25  U   X O2    1 
ATOM   449  N  N3    . U   A 1 21 ? -13.798 13.147  22.033  0.98 102.24 ? 25  U   X N3    1 
ATOM   450  C  C4    . U   A 1 21 ? -13.061 13.399  23.175  0.98 102.38 ? 25  U   X C4    1 
ATOM   451  O  O4    . U   A 1 21 ? -13.599 13.975  24.125  0.98 95.96  ? 25  U   X O4    1 
ATOM   452  C  C5    . U   A 1 21 ? -11.700 12.942  23.122  0.98 101.42 ? 25  U   X C5    1 
ATOM   453  C  C6    . U   A 1 21 ? -11.246 12.329  22.021  0.98 97.71  ? 25  U   X C6    1 
ATOM   454  P  P     . G   A 1 22 ? -9.200  10.494  15.966  1.00 81.15  ? 26  G   X P     1 
ATOM   455  O  OP1   . G   A 1 22 ? -9.317  11.671  15.065  1.00 73.61  ? 26  G   X OP1   1 
ATOM   456  O  OP2   . G   A 1 22 ? -9.506  9.135   15.446  1.00 81.95  ? 26  G   X OP2   1 
ATOM   457  O  "O5'" . G   A 1 22 ? -7.728  10.477  16.586  1.00 74.49  ? 26  G   X "O5'" 1 
ATOM   458  C  "C5'" . G   A 1 22 ? -6.947  11.665  16.648  1.00 70.33  ? 26  G   X "C5'" 1 
ATOM   459  C  "C4'" . G   A 1 22 ? -5.471  11.367  16.777  1.00 64.13  ? 26  G   X "C4'" 1 
ATOM   460  O  "O4'" . G   A 1 22 ? -5.223  10.654  18.015  1.00 59.82  ? 26  G   X "O4'" 1 
ATOM   461  C  "C3'" . G   A 1 22 ? -4.876  10.472  15.701  1.00 59.36  ? 26  G   X "C3'" 1 
ATOM   462  O  "O3'" . G   A 1 22 ? -4.539  11.180  14.521  1.00 54.50  ? 26  G   X "O3'" 1 
ATOM   463  C  "C2'" . G   A 1 22 ? -3.678  9.855   16.403  1.00 57.23  ? 26  G   X "C2'" 1 
ATOM   464  O  "O2'" . G   A 1 22 ? -2.590  10.762  16.431  1.00 56.88  ? 26  G   X "O2'" 1 
ATOM   465  C  "C1'" . G   A 1 22 ? -4.209  9.693   17.825  1.00 61.11  ? 26  G   X "C1'" 1 
ATOM   466  N  N9    . G   A 1 22 ? -4.799  8.362   18.035  1.00 56.56  ? 26  G   X N9    1 
ATOM   467  C  C8    . G   A 1 22 ? -6.089  8.003   17.749  1.00 56.91  ? 26  G   X C8    1 
ATOM   468  N  N7    . G   A 1 22 ? -6.340  6.764   18.035  1.00 53.13  ? 26  G   X N7    1 
ATOM   469  C  C5    . G   A 1 22 ? -5.148  6.279   18.539  1.00 53.00  ? 26  G   X C5    1 
ATOM   470  C  C6    . G   A 1 22 ? -4.823  4.988   19.017  1.00 53.44  ? 26  G   X C6    1 
ATOM   471  O  O6    . G   A 1 22 ? -5.540  3.994   19.091  1.00 55.38  ? 26  G   X O6    1 
ATOM   472  N  N1    . G   A 1 22 ? -3.503  4.904   19.435  1.00 55.06  ? 26  G   X N1    1 
ATOM   473  C  C2    . G   A 1 22 ? -2.610  5.943   19.410  1.00 52.79  ? 26  G   X C2    1 
ATOM   474  N  N2    . G   A 1 22 ? -1.391  5.630   19.873  1.00 58.39  ? 26  G   X N2    1 
ATOM   475  N  N3    . G   A 1 22 ? -2.894  7.163   18.969  1.00 52.17  ? 26  G   X N3    1 
ATOM   476  C  C4    . G   A 1 22 ? -4.175  7.252   18.545  1.00 54.09  ? 26  G   X C4    1 
ATOM   477  P  P     . G   A 1 23 ? -4.684  10.472  13.089  1.00 59.24  ? 27  G   X P     1 
ATOM   478  O  OP1   . G   A 1 23 ? -4.253  11.451  12.064  1.00 58.51  ? 27  G   X OP1   1 
ATOM   479  O  OP2   . G   A 1 23 ? -6.031  9.854   12.987  1.00 68.08  ? 27  G   X OP2   1 
ATOM   480  O  "O5'" . G   A 1 23 ? -3.631  9.279   13.148  1.00 52.83  ? 27  G   X "O5'" 1 
ATOM   481  C  "C5'" . G   A 1 23 ? -2.241  9.547   13.221  1.00 54.06  ? 27  G   X "C5'" 1 
ATOM   482  C  "C4'" . G   A 1 23 ? -1.444  8.292   13.462  1.00 55.11  ? 27  G   X "C4'" 1 
ATOM   483  O  "O4'" . G   A 1 23 ? -1.779  7.728   14.754  1.00 51.05  ? 27  G   X "O4'" 1 
ATOM   484  C  "C3'" . G   A 1 23 ? -1.679  7.141   12.496  1.00 53.06  ? 27  G   X "C3'" 1 
ATOM   485  O  "O3'" . G   A 1 23 ? -1.000  7.316   11.267  1.00 54.12  ? 27  G   X "O3'" 1 
ATOM   486  C  "C2'" . G   A 1 23 ? -1.189  5.938   13.298  1.00 52.70  ? 27  G   X "C2'" 1 
ATOM   487  O  "O2'" . G   A 1 23 ? 0.223   5.817   13.256  1.00 56.53  ? 27  G   X "O2'" 1 
ATOM   488  C  "C1'" . G   A 1 23 ? -1.603  6.328   14.721  1.00 52.65  ? 27  G   X "C1'" 1 
ATOM   489  N  N9    . G   A 1 23 ? -2.857  5.651   15.085  1.00 52.44  ? 27  G   X N9    1 
ATOM   490  C  C8    . G   A 1 23 ? -4.150  5.988   14.773  1.00 50.77  ? 27  G   X C8    1 
ATOM   491  N  N7    . G   A 1 23 ? -5.008  5.111   15.221  1.00 49.91  ? 27  G   X N7    1 
ATOM   492  C  C5    . G   A 1 23 ? -4.235  4.146   15.845  1.00 49.58  ? 27  G   X C5    1 
ATOM   493  C  C6    . G   A 1 23 ? -4.593  2.955   16.513  1.00 45.68  ? 27  G   X C6    1 
ATOM   494  O  O6    . G   A 1 23 ? -5.721  2.494   16.696  1.00 52.12  ? 27  G   X O6    1 
ATOM   495  N  N1    . G   A 1 23 ? -3.485  2.274   16.995  1.00 47.32  ? 27  G   X N1    1 
ATOM   496  C  C2    . G   A 1 23 ? -2.181  2.680   16.855  1.00 49.53  ? 27  G   X C2    1 
ATOM   497  N  N2    . G   A 1 23 ? -1.235  1.891   17.376  1.00 46.46  ? 27  G   X N2    1 
ATOM   498  N  N3    . G   A 1 23 ? -1.833  3.786   16.231  1.00 52.41  ? 27  G   X N3    1 
ATOM   499  C  C4    . G   A 1 23 ? -2.903  4.459   15.756  1.00 52.37  ? 27  G   X C4    1 
ATOM   500  P  P     . U   A 1 24 ? -1.681  6.931   9.862   1.00 52.79  ? 28  U   X P     1 
ATOM   501  O  OP1   . U   A 1 24 ? -3.078  6.475   10.059  1.00 52.06  ? 28  U   X OP1   1 
ATOM   502  O  OP2   . U   A 1 24 ? -0.723  6.043   9.166   1.00 50.80  ? 28  U   X OP2   1 
ATOM   503  O  "O5'" . U   A 1 24 ? -1.723  8.316   9.082   1.00 47.32  ? 28  U   X "O5'" 1 
ATOM   504  C  "C5'" . U   A 1 24 ? -2.718  9.287   9.368   1.00 49.40  ? 28  U   X "C5'" 1 
ATOM   505  C  "C4'" . U   A 1 24 ? -2.198  10.688  9.169   1.00 47.65  ? 28  U   X "C4'" 1 
ATOM   506  O  "O4'" . U   A 1 24 ? -1.214  10.997  10.192  1.00 49.72  ? 28  U   X "O4'" 1 
ATOM   507  C  "C3'" . U   A 1 24 ? -1.457  10.952  7.869   1.00 49.00  ? 28  U   X "C3'" 1 
ATOM   508  O  "O3'" . U   A 1 24 ? -2.315  11.161  6.764   1.00 48.25  ? 28  U   X "O3'" 1 
ATOM   509  C  "C2'" . U   A 1 24 ? -0.605  12.162  8.219   1.00 49.21  ? 28  U   X "C2'" 1 
ATOM   510  O  "O2'" . U   A 1 24 ? -1.396  13.341  8.234   1.00 51.37  ? 28  U   X "O2'" 1 
ATOM   511  C  "C1'" . U   A 1 24 ? -0.218  11.846  9.660   1.00 47.88  ? 28  U   X "C1'" 1 
ATOM   512  N  N1    . U   A 1 24 ? 1.097   11.170  9.744   1.00 50.18  ? 28  U   X N1    1 
ATOM   513  C  C2    . U   A 1 24 ? 2.216   11.970  9.573   1.00 49.53  ? 28  U   X C2    1 
ATOM   514  O  O2    . U   A 1 24 ? 2.152   13.168  9.362   1.00 47.06  ? 28  U   X O2    1 
ATOM   515  N  N3    . U   A 1 24 ? 3.418   11.318  9.658   1.00 44.06  ? 28  U   X N3    1 
ATOM   516  C  C4    . U   A 1 24 ? 3.610   9.977   9.894   1.00 44.35  ? 28  U   X C4    1 
ATOM   517  O  O4    . U   A 1 24 ? 4.761   9.548   9.940   1.00 40.52  ? 28  U   X O4    1 
ATOM   518  C  C5    . U   A 1 24 ? 2.410   9.215   10.060  1.00 40.65  ? 28  U   X C5    1 
ATOM   519  C  C6    . U   A 1 24 ? 1.223   9.819   9.985   1.00 46.67  ? 28  U   X C6    1 
ATOM   520  P  P     . U   A 1 25 ? -1.925  10.554  5.331   1.00 53.05  ? 29  U   X P     1 
ATOM   521  O  OP1   . U   A 1 25 ? -3.085  10.805  4.432   1.00 59.52  ? 29  U   X OP1   1 
ATOM   522  O  OP2   . U   A 1 25 ? -1.402  9.169   5.533   1.00 49.90  ? 29  U   X OP2   1 
ATOM   523  O  "O5'" . U   A 1 25 ? -0.725  11.486  4.834   1.00 56.00  ? 29  U   X "O5'" 1 
ATOM   524  C  "C5'" . U   A 1 25 ? -0.958  12.853  4.522   1.00 52.64  ? 29  U   X "C5'" 1 
ATOM   525  C  "C4'" . U   A 1 25 ? 0.326   13.621  4.308   1.00 54.77  ? 29  U   X "C4'" 1 
ATOM   526  O  "O4'" . U   A 1 25 ? 1.121   13.627  5.528   1.00 56.18  ? 29  U   X "O4'" 1 
ATOM   527  C  "C3'" . U   A 1 25 ? 1.287   13.075  3.263   1.00 51.23  ? 29  U   X "C3'" 1 
ATOM   528  O  "O3'" . U   A 1 25 ? 0.906   13.347  1.927   1.00 55.74  ? 29  U   X "O3'" 1 
ATOM   529  C  "C2'" . U   A 1 25 ? 2.595   13.731  3.673   1.00 51.51  ? 29  U   X "C2'" 1 
ATOM   530  O  "O2'" . U   A 1 25 ? 2.595   15.106  3.318   1.00 50.04  ? 29  U   X "O2'" 1 
ATOM   531  C  "C1'" . U   A 1 25 ? 2.498   13.628  5.195   1.00 50.12  ? 29  U   X "C1'" 1 
ATOM   532  N  N1    . U   A 1 25 ? 3.111   12.371  5.679   1.00 48.30  ? 29  U   X N1    1 
ATOM   533  C  C2    . U   A 1 25 ? 4.487   12.340  5.733   1.00 44.80  ? 29  U   X C2    1 
ATOM   534  O  O2    . U   A 1 25 ? 5.181   13.286  5.425   1.00 43.04  ? 29  U   X O2    1 
ATOM   535  N  N3    . U   A 1 25 ? 5.028   11.164  6.171   1.00 42.71  ? 29  U   X N3    1 
ATOM   536  C  C4    . U   A 1 25 ? 4.346   10.029  6.537   1.00 40.95  ? 29  U   X C4    1 
ATOM   537  O  O4    . U   A 1 25 ? 4.990   9.054   6.911   1.00 38.27  ? 29  U   X O4    1 
ATOM   538  C  C5    . U   A 1 25 ? 2.922   10.130  6.446   1.00 46.74  ? 29  U   X C5    1 
ATOM   539  C  C6    . U   A 1 25 ? 2.368   11.270  6.025   1.00 47.09  ? 29  U   X C6    1 
ATOM   540  P  P     . U   A 1 26 ? 1.255   12.284  0.773   1.00 63.66  ? 30  U   X P     1 
ATOM   541  O  OP1   . U   A 1 26 ? 0.454   12.657  -0.424  1.00 64.64  ? 30  U   X OP1   1 
ATOM   542  O  OP2   . U   A 1 26 ? 1.231   10.903  1.319   1.00 59.03  ? 30  U   X OP2   1 
ATOM   543  O  "O5'" . U   A 1 26 ? 2.798   12.535  0.472   1.00 54.95  ? 30  U   X "O5'" 1 
ATOM   544  C  "C5'" . U   A 1 26 ? 3.262   13.832  0.166   1.00 49.89  ? 30  U   X "C5'" 1 
ATOM   545  C  "C4'" . U   A 1 26 ? 4.747   13.967  0.368   1.00 45.82  ? 30  U   X "C4'" 1 
ATOM   546  O  "O4'" . U   A 1 26 ? 5.129   13.632  1.730   1.00 45.24  ? 30  U   X "O4'" 1 
ATOM   547  C  "C3'" . U   A 1 26 ? 5.653   13.088  -0.470  1.00 45.68  ? 30  U   X "C3'" 1 
ATOM   548  O  "O3'" . U   A 1 26 ? 5.733   13.486  -1.834  1.00 41.12  ? 30  U   X "O3'" 1 
ATOM   549  C  "C2'" . U   A 1 26 ? 6.969   13.213  0.288   1.00 45.36  ? 30  U   X "C2'" 1 
ATOM   550  O  "O2'" . U   A 1 26 ? 7.566   14.486  0.045   1.00 44.02  ? 30  U   X "O2'" 1 
ATOM   551  C  "C1'" . U   A 1 26 ? 6.475   13.201  1.740   1.00 41.94  ? 30  U   X "C1'" 1 
ATOM   552  N  N1    . U   A 1 26 ? 6.583   11.855  2.360   1.00 40.67  ? 30  U   X N1    1 
ATOM   553  C  C2    . U   A 1 26 ? 7.843   11.500  2.792   1.00 37.25  ? 30  U   X C2    1 
ATOM   554  O  O2    . U   A 1 26 ? 8.793   12.242  2.681   1.00 37.91  ? 30  U   X O2    1 
ATOM   555  N  N3    . U   A 1 26 ? 7.955   10.256  3.359   1.00 37.61  ? 30  U   X N3    1 
ATOM   556  C  C4    . U   A 1 26 ? 6.933   9.342   3.526   1.00 39.40  ? 30  U   X C4    1 
ATOM   557  O  O4    . U   A 1 26 ? 7.180   8.266   4.056   1.00 37.78  ? 30  U   X O4    1 
ATOM   558  C  C5    . U   A 1 26 ? 5.652   9.771   3.055   1.00 40.06  ? 30  U   X C5    1 
ATOM   559  C  C6    . U   A 1 26 ? 5.526   10.985  2.496   1.00 42.79  ? 30  U   X C6    1 
ATOM   560  P  P     . A   A 1 27 ? 6.045   12.397  -2.975  1.00 45.84  ? 31  A   X P     1 
ATOM   561  O  OP1   . A   A 1 27 ? 5.755   12.951  -4.332  1.00 43.93  ? 31  A   X OP1   1 
ATOM   562  O  OP2   . A   A 1 27 ? 5.437   11.127  -2.518  1.00 48.42  ? 31  A   X OP2   1 
ATOM   563  O  "O5'" . A   A 1 27 ? 7.616   12.169  -2.891  1.00 41.97  ? 31  A   X "O5'" 1 
ATOM   564  C  "C5'" . A   A 1 27 ? 8.529   13.254  -2.920  1.00 43.29  ? 31  A   X "C5'" 1 
ATOM   565  C  "C4'" . A   A 1 27 ? 9.895   12.814  -2.463  1.00 43.06  ? 31  A   X "C4'" 1 
ATOM   566  O  "O4'" . A   A 1 27 ? 9.850   12.467  -1.055  1.00 38.29  ? 31  A   X "O4'" 1 
ATOM   567  C  "C3'" . A   A 1 27 ? 10.440  11.560  -3.124  1.00 36.66  ? 31  A   X "C3'" 1 
ATOM   568  O  "O3'" . A   A 1 27 ? 10.991  11.797  -4.406  1.00 37.99  ? 31  A   X "O3'" 1 
ATOM   569  C  "C2'" . A   A 1 27 ? 11.455  11.064  -2.100  1.00 38.51  ? 31  A   X "C2'" 1 
ATOM   570  O  "O2'" . A   A 1 27 ? 12.658  11.822  -2.149  1.00 38.55  ? 31  A   X "O2'" 1 
ATOM   571  C  "C1'" . A   A 1 27 ? 10.748  11.407  -0.795  1.00 38.38  ? 31  A   X "C1'" 1 
ATOM   572  N  N9    . A   A 1 27 ? 10.000  10.259  -0.260  1.00 36.75  ? 31  A   X N9    1 
ATOM   573  C  C8    . A   A 1 27 ? 8.661   9.987   -0.329  1.00 38.23  ? 31  A   X C8    1 
ATOM   574  N  N7    . A   A 1 27 ? 8.326   8.878   0.282   1.00 37.20  ? 31  A   X N7    1 
ATOM   575  C  C5    . A   A 1 27 ? 9.527   8.389   0.779   1.00 33.65  ? 31  A   X C5    1 
ATOM   576  C  C6    . A   A 1 27 ? 9.857   7.248   1.525   1.00 32.80  ? 31  A   X C6    1 
ATOM   577  N  N6    . A   A 1 27 ? 8.969   6.345   1.919   1.00 32.32  ? 31  A   X N6    1 
ATOM   578  N  N1    . A   A 1 27 ? 11.141  7.066   1.860   1.00 32.97  ? 31  A   X N1    1 
ATOM   579  C  C2    . A   A 1 27 ? 12.043  7.969   1.470   1.00 35.00  ? 31  A   X C2    1 
ATOM   580  N  N3    . A   A 1 27 ? 11.848  9.090   0.770   1.00 33.82  ? 31  A   X N3    1 
ATOM   581  C  C4    . A   A 1 27 ? 10.563  9.233   0.452   1.00 32.73  ? 31  A   X C4    1 
ATOM   582  P  P     . A   A 1 28 ? 11.024  10.610  -5.488  1.00 41.44  ? 32  A   X P     1 
ATOM   583  O  OP1   . A   A 1 28 ? 11.314  11.160  -6.834  1.00 44.43  ? 32  A   X OP1   1 
ATOM   584  O  OP2   . A   A 1 28 ? 9.788   9.822   -5.303  1.00 40.94  ? 32  A   X OP2   1 
ATOM   585  O  "O5'" . A   A 1 28 ? 12.280  9.741   -5.044  1.00 37.09  ? 32  A   X "O5'" 1 
ATOM   586  C  "C5'" . A   A 1 28 ? 13.587  10.284  -5.074  1.00 35.46  ? 32  A   X "C5'" 1 
ATOM   587  C  "C4'" . A   A 1 28 ? 14.603  9.325   -4.499  1.00 37.45  ? 32  A   X "C4'" 1 
ATOM   588  O  "O4'" . A   A 1 28 ? 14.395  9.161   -3.064  1.00 35.88  ? 32  A   X "O4'" 1 
ATOM   589  C  "C3'" . A   A 1 28 ? 14.575  7.900   -5.031  1.00 33.60  ? 32  A   X "C3'" 1 
ATOM   590  O  "O3'" . A   A 1 28 ? 15.208  7.763   -6.287  1.00 38.28  ? 32  A   X "O3'" 1 
ATOM   591  C  "C2'" . A   A 1 28 ? 15.277  7.144   -3.918  1.00 34.08  ? 32  A   X "C2'" 1 
ATOM   592  O  "O2'" . A   A 1 28 ? 16.662  7.440   -3.932  1.00 31.78  ? 32  A   X "O2'" 1 
ATOM   593  C  "C1'" . A   A 1 28 ? 14.684  7.828   -2.694  1.00 35.90  ? 32  A   X "C1'" 1 
ATOM   594  N  N9    . A   A 1 28 ? 13.424  7.184   -2.284  1.00 36.25  ? 32  A   X N9    1 
ATOM   595  C  C8    . A   A 1 28 ? 12.159  7.573   -2.644  1.00 33.84  ? 32  A   X C8    1 
ATOM   596  N  N7    . A   A 1 28 ? 11.223  6.807   -2.141  1.00 33.26  ? 32  A   X N7    1 
ATOM   597  C  C5    . A   A 1 28 ? 11.922  5.859   -1.404  1.00 31.71  ? 32  A   X C5    1 
ATOM   598  C  C6    . A   A 1 28 ? 11.481  4.772   -0.632  1.00 30.69  ? 32  A   X C6    1 
ATOM   599  N  N6    . A   A 1 28 ? 10.182  4.475   -0.483  1.00 25.15  ? 32  A   X N6    1 
ATOM   600  N  N1    . A   A 1 28 ? 12.430  4.011   -0.035  1.00 29.58  ? 32  A   X N1    1 
ATOM   601  C  C2    . A   A 1 28 ? 13.725  4.330   -0.187  1.00 32.31  ? 32  A   X C2    1 
ATOM   602  N  N3    . A   A 1 28 ? 14.256  5.337   -0.892  1.00 32.04  ? 32  A   X N3    1 
ATOM   603  C  C4    . A   A 1 28 ? 13.287  6.070   -1.483  1.00 31.08  ? 32  A   X C4    1 
ATOM   604  P  P     . G   A 1 29 ? 14.717  6.644   -7.335  1.00 40.04  ? 33  G   X P     1 
ATOM   605  O  OP1   . G   A 1 29 ? 15.468  6.938   -8.567  1.00 40.46  ? 33  G   X OP1   1 
ATOM   606  O  OP2   . G   A 1 29 ? 13.248  6.537   -7.354  1.00 36.76  ? 33  G   X OP2   1 
ATOM   607  O  "O5'" . G   A 1 29 ? 15.231  5.269   -6.703  1.00 37.63  ? 33  G   X "O5'" 1 
ATOM   608  C  "C5'" . G   A 1 29 ? 16.619  5.013   -6.545  1.00 34.86  ? 33  G   X "C5'" 1 
ATOM   609  C  "C4'" . G   A 1 29 ? 16.866  3.826   -5.651  1.00 36.92  ? 33  G   X "C4'" 1 
ATOM   610  O  "O4'" . G   A 1 29 ? 16.309  4.065   -4.328  1.00 37.87  ? 33  G   X "O4'" 1 
ATOM   611  C  "C3'" . G   A 1 29 ? 16.207  2.524   -6.075  1.00 38.32  ? 33  G   X "C3'" 1 
ATOM   612  O  "O3'" . G   A 1 29 ? 16.864  1.874   -7.147  1.00 39.29  ? 33  G   X "O3'" 1 
ATOM   613  C  "C2'" . G   A 1 29 ? 16.202  1.740   -4.768  1.00 36.77  ? 33  G   X "C2'" 1 
ATOM   614  O  "O2'" . G   A 1 29 ? 17.507  1.288   -4.440  1.00 37.27  ? 33  G   X "O2'" 1 
ATOM   615  C  "C1'" . G   A 1 29 ? 15.823  2.846   -3.787  1.00 35.16  ? 33  G   X "C1'" 1 
ATOM   616  N  N9    . G   A 1 29 ? 14.353  2.928   -3.649  1.00 32.98  ? 33  G   X N9    1 
ATOM   617  C  C8    . G   A 1 29 ? 13.481  3.825   -4.223  1.00 31.12  ? 33  G   X C8    1 
ATOM   618  N  N7    . G   A 1 29 ? 12.227  3.603   -3.912  1.00 31.44  ? 33  G   X N7    1 
ATOM   619  C  C5    . G   A 1 29 ? 12.279  2.480   -3.092  1.00 29.37  ? 33  G   X C5    1 
ATOM   620  C  C6    . G   A 1 29 ? 11.254  1.758   -2.440  1.00 29.88  ? 33  G   X C6    1 
ATOM   621  O  O6    . G   A 1 29 ? 10.040  1.952   -2.450  1.00 31.43  ? 33  G   X O6    1 
ATOM   622  N  N1    . G   A 1 29 ? 11.754  0.683   -1.715  1.00 29.89  ? 33  G   X N1    1 
ATOM   623  C  C2    . G   A 1 29 ? 13.070  0.334   -1.615  1.00 29.69  ? 33  G   X C2    1 
ATOM   624  N  N2    . G   A 1 29 ? 13.337  -0.747  -0.858  1.00 29.12  ? 33  G   X N2    1 
ATOM   625  N  N3    . G   A 1 29 ? 14.045  0.999   -2.221  1.00 32.40  ? 33  G   X N3    1 
ATOM   626  C  C4    . G   A 1 29 ? 13.579  2.045   -2.936  1.00 31.98  ? 33  G   X C4    1 
ATOM   627  P  P     . G   A 1 30 ? 16.049  0.916   -8.143  1.00 41.05  ? 34  G   X P     1 
ATOM   628  O  OP1   . G   A 1 30 ? 17.047  0.510   -9.160  1.00 50.94  ? 34  G   X OP1   1 
ATOM   629  O  OP2   . G   A 1 30 ? 14.750  1.497   -8.561  1.00 40.09  ? 34  G   X OP2   1 
ATOM   630  O  "O5'" . G   A 1 30 ? 15.646  -0.338  -7.248  1.00 35.30  ? 34  G   X "O5'" 1 
ATOM   631  C  "C5'" . G   A 1 30 ? 16.615  -1.205  -6.683  1.00 34.51  ? 34  G   X "C5'" 1 
ATOM   632  C  "C4'" . G   A 1 30 ? 15.960  -2.207  -5.757  1.00 33.80  ? 34  G   X "C4'" 1 
ATOM   633  O  "O4'" . G   A 1 30 ? 15.252  -1.526  -4.691  1.00 33.24  ? 34  G   X "O4'" 1 
ATOM   634  C  "C3'" . G   A 1 30 ? 14.894  -3.094  -6.370  1.00 29.71  ? 34  G   X "C3'" 1 
ATOM   635  O  "O3'" . G   A 1 30 ? 15.435  -4.169  -7.102  1.00 34.04  ? 34  G   X "O3'" 1 
ATOM   636  C  "C2'" . G   A 1 30 ? 14.129  -3.557  -5.146  1.00 29.55  ? 34  G   X "C2'" 1 
ATOM   637  O  "O2'" . G   A 1 30 ? 14.881  -4.546  -4.461  1.00 35.65  ? 34  G   X "O2'" 1 
ATOM   638  C  "C1'" . G   A 1 30 ? 14.124  -2.285  -4.304  1.00 30.69  ? 34  G   X "C1'" 1 
ATOM   639  N  N9    . G   A 1 30 ? 12.888  -1.503  -4.544  1.00 31.93  ? 34  G   X N9    1 
ATOM   640  C  C8    . G   A 1 30 ? 12.740  -0.317  -5.240  1.00 31.48  ? 34  G   X C8    1 
ATOM   641  N  N7    . G   A 1 30 ? 11.501  0.107   -5.301  1.00 31.13  ? 34  G   X N7    1 
ATOM   642  C  C5    . G   A 1 30 ? 10.778  -0.853  -4.606  1.00 30.16  ? 34  G   X C5    1 
ATOM   643  C  C6    . G   A 1 30 ? 9.387   -0.936  -4.340  1.00 28.09  ? 34  G   X C6    1 
ATOM   644  O  O6    . G   A 1 30 ? 8.489   -0.150  -4.683  1.00 29.72  ? 34  G   X O6    1 
ATOM   645  N  N1    . G   A 1 30 ? 9.064   -2.086  -3.619  1.00 29.34  ? 34  G   X N1    1 
ATOM   646  C  C2    . G   A 1 30 ? 9.972   -3.034  -3.209  1.00 28.91  ? 34  G   X C2    1 
ATOM   647  N  N2    . G   A 1 30 ? 9.470   -4.065  -2.519  1.00 27.53  ? 34  G   X N2    1 
ATOM   648  N  N3    . G   A 1 30 ? 11.280  -2.959  -3.443  1.00 28.47  ? 34  G   X N3    1 
ATOM   649  C  C4    . G   A 1 30 ? 11.615  -1.861  -4.149  1.00 29.49  ? 34  G   X C4    1 
ATOM   650  P  P     . G   A 1 31 ? 14.721  -4.669  -8.441  1.00 33.06  ? 35  G   X P     1 
ATOM   651  O  OP1   . G   A 1 31 ? 15.565  -5.774  -8.946  1.00 36.99  ? 35  G   X OP1   1 
ATOM   652  O  OP2   . G   A 1 31 ? 14.420  -3.502  -9.289  1.00 37.13  ? 35  G   X OP2   1 
ATOM   653  O  "O5'" . G   A 1 31 ? 13.315  -5.234  -7.961  1.00 31.17  ? 35  G   X "O5'" 1 
ATOM   654  C  "C5'" . G   A 1 31 ? 13.218  -6.356  -7.105  1.00 28.86  ? 35  G   X "C5'" 1 
ATOM   655  C  "C4'" . G   A 1 31 ? 11.787  -6.593  -6.714  1.00 30.51  ? 35  G   X "C4'" 1 
ATOM   656  O  "O4'" . G   A 1 31 ? 11.302  -5.483  -5.917  1.00 31.36  ? 35  G   X "O4'" 1 
ATOM   657  C  "C3'" . G   A 1 31 ? 10.796  -6.672  -7.862  1.00 31.91  ? 35  G   X "C3'" 1 
ATOM   658  O  "O3'" . G   A 1 31 ? 10.804  -7.935  -8.481  1.00 32.31  ? 35  G   X "O3'" 1 
ATOM   659  C  "C2'" . G   A 1 31 ? 9.480   -6.329  -7.183  1.00 32.49  ? 35  G   X "C2'" 1 
ATOM   660  O  "O2'" . G   A 1 31 ? 8.997   -7.434  -6.435  1.00 30.90  ? 35  G   X "O2'" 1 
ATOM   661  C  "C1'" . G   A 1 31 ? 9.933   -5.253  -6.202  1.00 32.98  ? 35  G   X "C1'" 1 
ATOM   662  N  N9    . G   A 1 31 ? 9.791   -3.901  -6.782  1.00 28.42  ? 35  G   X N9    1 
ATOM   663  C  C8    . G   A 1 31 ? 10.768  -3.195  -7.428  1.00 27.16  ? 35  G   X C8    1 
ATOM   664  N  N7    . G   A 1 31 ? 10.349  -2.035  -7.850  1.00 29.02  ? 35  G   X N7    1 
ATOM   665  C  C5    . G   A 1 31 ? 9.017   -1.979  -7.444  1.00 29.71  ? 35  G   X C5    1 
ATOM   666  C  C6    . G   A 1 31 ? 8.058   -0.954  -7.619  1.00 29.70  ? 35  G   X C6    1 
ATOM   667  O  O6    . G   A 1 31 ? 8.192   0.143   -8.173  1.00 29.70  ? 35  G   X O6    1 
ATOM   668  N  N1    . G   A 1 31 ? 6.836   -1.298  -7.067  1.00 29.54  ? 35  G   X N1    1 
ATOM   669  C  C2    . G   A 1 31 ? 6.556   -2.479  -6.436  1.00 31.17  ? 35  G   X C2    1 
ATOM   670  N  N2    . G   A 1 31 ? 5.303   -2.590  -5.990  1.00 27.76  ? 35  G   X N2    1 
ATOM   671  N  N3    . G   A 1 31 ? 7.440   -3.455  -6.263  1.00 31.90  ? 35  G   X N3    1 
ATOM   672  C  C4    . G   A 1 31 ? 8.652   -3.130  -6.787  1.00 26.26  ? 35  G   X C4    1 
ATOM   673  P  P     . C   A 1 32 ? 10.407  -8.113  -10.028 0.84 32.46  ? 36  C   X P     1 
ATOM   674  O  OP1   . C   A 1 32 ? 9.261   -7.238  -10.300 0.84 32.74  ? 36  C   X OP1   1 
ATOM   675  O  OP2   . C   A 1 32 ? 10.316  -9.575  -10.278 0.84 33.13  ? 36  C   X OP2   1 
ATOM   676  O  "O5'" . C   A 1 32 ? 11.725  -7.833  -10.870 0.84 38.25  ? 36  C   X "O5'" 1 
ATOM   677  C  "C5'" . C   A 1 32 ? 12.435  -6.625  -10.797 0.84 37.22  ? 36  C   X "C5'" 1 
ATOM   678  C  "C4'" . C   A 1 32 ? 12.916  -6.213  -12.154 0.84 41.17  ? 36  C   X "C4'" 1 
ATOM   679  O  "O4'" . C   A 1 32 ? 14.331  -6.492  -12.295 0.84 51.26  ? 36  C   X "O4'" 1 
ATOM   680  C  "C3'" . C   A 1 32 ? 12.301  -6.926  -13.344 0.84 42.40  ? 36  C   X "C3'" 1 
ATOM   681  O  "O3'" . C   A 1 32 ? 10.978  -6.516  -13.642 0.84 43.07  ? 36  C   X "O3'" 1 
ATOM   682  C  "C2'" . C   A 1 32 ? 13.311  -6.612  -14.438 0.84 43.75  ? 36  C   X "C2'" 1 
ATOM   683  O  "O2'" . C   A 1 32 ? 13.179  -5.264  -14.863 0.84 45.35  ? 36  C   X "O2'" 1 
ATOM   684  C  "C1'" . C   A 1 32 ? 14.626  -6.730  -13.658 0.84 53.07  ? 36  C   X "C1'" 1 
ATOM   685  N  N1    . C   A 1 32 ? 15.221  -8.076  -13.807 0.84 52.43  ? 36  C   X N1    1 
ATOM   686  C  C2    . C   A 1 32 ? 16.006  -8.273  -14.945 0.84 55.92  ? 36  C   X C2    1 
ATOM   687  O  O2    . C   A 1 32 ? 16.169  -7.318  -15.716 0.84 55.42  ? 36  C   X O2    1 
ATOM   688  N  N3    . C   A 1 32 ? 16.572  -9.481  -15.163 0.84 60.89  ? 36  C   X N3    1 
ATOM   689  C  C4    . C   A 1 32 ? 16.363  -10.473 -14.291 0.84 59.64  ? 36  C   X C4    1 
ATOM   690  N  N4    . C   A 1 32 ? 16.953  -11.638 -14.562 0.84 62.45  ? 36  C   X N4    1 
ATOM   691  C  C5    . C   A 1 32 ? 15.552  -10.310 -13.120 0.84 56.07  ? 36  C   X C5    1 
ATOM   692  C  C6    . C   A 1 32 ? 14.997  -9.103  -12.919 0.84 54.70  ? 36  C   X C6    1 
ATOM   693  P  P     . A   A 1 33 ? 10.170  -7.210  -14.863 1.00 47.18  ? 37  A   X P     1 
ATOM   694  O  OP1   . A   A 1 33 ? 8.728   -7.111  -14.519 1.00 37.39  ? 37  A   X OP1   1 
ATOM   695  O  OP2   . A   A 1 33 ? 10.780  -8.546  -15.071 1.00 44.98  ? 37  A   X OP2   1 
ATOM   696  O  "O5'" . A   A 1 33 ? 10.479  -6.269  -16.116 1.00 36.94  ? 37  A   X "O5'" 1 
ATOM   697  C  "C5'" . A   A 1 33 ? 10.264  -4.860  -16.035 1.00 32.18  ? 37  A   X "C5'" 1 
ATOM   698  C  "C4'" . A   A 1 33 ? 10.752  -4.139  -17.273 1.00 34.74  ? 37  A   X "C4'" 1 
ATOM   699  O  "O4'" . A   A 1 33 ? 10.124  -4.710  -18.453 1.00 30.23  ? 37  A   X "O4'" 1 
ATOM   700  C  "C3'" . A   A 1 33 ? 10.418  -2.656  -17.378 1.00 33.97  ? 37  A   X "C3'" 1 
ATOM   701  O  "O3'" . A   A 1 33 ? 11.249  -1.812  -16.592 1.00 31.30  ? 37  A   X "O3'" 1 
ATOM   702  C  "C2'" . A   A 1 33 ? 10.524  -2.417  -18.877 1.00 31.30  ? 37  A   X "C2'" 1 
ATOM   703  O  "O2'" . A   A 1 33 ? 11.882  -2.414  -19.274 1.00 29.98  ? 37  A   X "O2'" 1 
ATOM   704  C  "C1'" . A   A 1 33 ? 9.893   -3.700  -19.415 1.00 30.79  ? 37  A   X "C1'" 1 
ATOM   705  N  N9    . A   A 1 33 ? 8.436   -3.546  -19.584 1.00 30.59  ? 37  A   X N9    1 
ATOM   706  C  C8    . A   A 1 33 ? 7.422   -4.290  -19.021 1.00 29.72  ? 37  A   X C8    1 
ATOM   707  N  N7    . A   A 1 33 ? 6.219   -3.888  -19.362 1.00 31.50  ? 37  A   X N7    1 
ATOM   708  C  C5    . A   A 1 33 ? 6.454   -2.794  -20.188 1.00 28.66  ? 37  A   X C5    1 
ATOM   709  C  C6    . A   A 1 33 ? 5.602   -1.908  -20.869 1.00 27.47  ? 37  A   X C6    1 
ATOM   710  N  N6    . A   A 1 33 ? 4.265   -1.959  -20.847 1.00 30.29  ? 37  A   X N6    1 
ATOM   711  N  N1    . A   A 1 33 ? 6.173   -0.928  -21.601 1.00 28.94  ? 37  A   X N1    1 
ATOM   712  C  C2    . A   A 1 33 ? 7.501   -0.851  -21.653 1.00 30.71  ? 37  A   X C2    1 
ATOM   713  N  N3    . A   A 1 33 ? 8.400   -1.630  -21.049 1.00 31.45  ? 37  A   X N3    1 
ATOM   714  C  C4    . A   A 1 33 ? 7.809   -2.581  -20.327 1.00 26.47  ? 37  A   X C4    1 
ATOM   715  P  P     . A   A 1 34 ? 10.581  -0.808  -15.530 1.00 33.53  ? 38  A   X P     1 
ATOM   716  O  OP1   . A   A 1 34 ? 11.631  -0.094  -14.765 1.00 43.78  ? 38  A   X OP1   1 
ATOM   717  O  OP2   . A   A 1 34 ? 9.567   -1.619  -14.800 1.00 34.31  ? 38  A   X OP2   1 
ATOM   718  O  "O5'" . A   A 1 34 ? 9.831   0.290   -16.402 1.00 32.33  ? 38  A   X "O5'" 1 
ATOM   719  C  "C5'" . A   A 1 34 ? 10.485  1.040   -17.416 1.00 32.08  ? 38  A   X "C5'" 1 
ATOM   720  C  "C4'" . A   A 1 34 ? 9.477   1.783   -18.263 1.00 33.98  ? 38  A   X "C4'" 1 
ATOM   721  O  "O4'" . A   A 1 34 ? 8.653   0.818   -18.974 1.00 34.02  ? 38  A   X "O4'" 1 
ATOM   722  C  "C3'" . A   A 1 34 ? 8.469   2.653   -17.514 1.00 33.24  ? 38  A   X "C3'" 1 
ATOM   723  O  "O3'" . A   A 1 34 ? 8.960   3.949   -17.200 1.00 40.09  ? 38  A   X "O3'" 1 
ATOM   724  C  "C2'" . A   A 1 34 ? 7.282   2.687   -18.465 1.00 34.76  ? 38  A   X "C2'" 1 
ATOM   725  O  "O2'" . A   A 1 34 ? 7.506   3.621   -19.511 1.00 31.96  ? 38  A   X "O2'" 1 
ATOM   726  C  "C1'" . A   A 1 34 ? 7.321   1.273   -19.048 1.00 32.14  ? 38  A   X "C1'" 1 
ATOM   727  N  N9    . A   A 1 34 ? 6.483   0.354   -18.266 1.00 28.93  ? 38  A   X N9    1 
ATOM   728  C  C8    . A   A 1 34 ? 6.880   -0.624  -17.391 1.00 28.70  ? 38  A   X C8    1 
ATOM   729  N  N7    . A   A 1 34 ? 5.878   -1.266  -16.851 1.00 27.31  ? 38  A   X N7    1 
ATOM   730  C  C5    . A   A 1 34 ? 4.741   -0.660  -17.389 1.00 29.01  ? 38  A   X C5    1 
ATOM   731  C  C6    . A   A 1 34 ? 3.346   -0.878  -17.238 1.00 29.05  ? 38  A   X C6    1 
ATOM   732  N  N6    . A   A 1 34 ? 2.788   -1.797  -16.439 1.00 28.01  ? 38  A   X N6    1 
ATOM   733  N  N1    . A   A 1 34 ? 2.507   -0.082  -17.951 1.00 27.97  ? 38  A   X N1    1 
ATOM   734  C  C2    . A   A 1 34 ? 3.022   0.844   -18.766 1.00 29.23  ? 38  A   X C2    1 
ATOM   735  N  N3    . A   A 1 34 ? 4.303   1.127   -18.994 1.00 28.29  ? 38  A   X N3    1 
ATOM   736  C  C4    . A   A 1 34 ? 5.112   0.336   -18.272 1.00 29.70  ? 38  A   X C4    1 
ATOM   737  P  P     . U   A 1 35 ? 8.785   4.561   -15.721 1.00 38.50  ? 39  U   X P     1 
ATOM   738  O  OP1   . U   A 1 35 ? 9.440   5.891   -15.725 1.00 45.61  ? 39  U   X OP1   1 
ATOM   739  O  OP2   . U   A 1 35 ? 9.257   3.552   -14.748 1.00 37.21  ? 39  U   X OP2   1 
ATOM   740  O  "O5'" . U   A 1 35 ? 7.202   4.677   -15.519 1.00 36.75  ? 39  U   X "O5'" 1 
ATOM   741  C  "C5'" . U   A 1 35 ? 6.383   5.478   -16.356 1.00 33.58  ? 39  U   X "C5'" 1 
ATOM   742  C  "C4'" . U   A 1 35 ? 4.923   5.142   -16.159 1.00 33.80  ? 39  U   X "C4'" 1 
ATOM   743  O  "O4'" . U   A 1 35 ? 4.654   3.797   -16.662 1.00 33.73  ? 39  U   X "O4'" 1 
ATOM   744  C  "C3'" . U   A 1 35 ? 4.437   5.092   -14.714 1.00 36.01  ? 39  U   X "C3'" 1 
ATOM   745  O  "O3'" . U   A 1 35 ? 4.124   6.361   -14.169 1.00 35.11  ? 39  U   X "O3'" 1 
ATOM   746  C  "C2'" . U   A 1 35 ? 3.226   4.180   -14.809 1.00 34.12  ? 39  U   X "C2'" 1 
ATOM   747  O  "O2'" . U   A 1 35 ? 2.132   4.890   -15.351 1.00 29.92  ? 39  U   X "O2'" 1 
ATOM   748  C  "C1'" . U   A 1 35 ? 3.705   3.151   -15.828 1.00 29.78  ? 39  U   X "C1'" 1 
ATOM   749  N  N1    . U   A 1 35 ? 4.373   2.019   -15.139 1.00 29.38  ? 39  U   X N1    1 
ATOM   750  C  C2    . U   A 1 35 ? 3.582   1.036   -14.572 1.00 30.62  ? 39  U   X C2    1 
ATOM   751  O  O2    . U   A 1 35 ? 2.357   1.048   -14.624 1.00 30.57  ? 39  U   X O2    1 
ATOM   752  N  N3    . U   A 1 35 ? 4.276   0.018   -13.943 1.00 28.24  ? 39  U   X N3    1 
ATOM   753  C  C4    . U   A 1 35 ? 5.635   -0.093  -13.802 1.00 28.03  ? 39  U   X C4    1 
ATOM   754  O  O4    . U   A 1 35 ? 6.101   -1.056  -13.200 1.00 31.24  ? 39  U   X O4    1 
ATOM   755  C  C5    . U   A 1 35 ? 6.387   0.960   -14.401 1.00 30.73  ? 39  U   X C5    1 
ATOM   756  C  C6    . U   A 1 35 ? 5.745   1.953   -15.023 1.00 30.57  ? 39  U   X C6    1 
ATOM   757  P  P     . A   A 1 36 ? 4.223   6.608   -12.581 1.00 38.61  ? 40  A   X P     1 
ATOM   758  O  OP1   . A   A 1 36 ? 3.855   8.021   -12.356 1.00 43.53  ? 40  A   X OP1   1 
ATOM   759  O  OP2   . A   A 1 36 ? 5.550   6.151   -12.135 1.00 36.92  ? 40  A   X OP2   1 
ATOM   760  O  "O5'" . A   A 1 36 ? 3.075   5.692   -11.947 1.00 37.64  ? 40  A   X "O5'" 1 
ATOM   761  C  "C5'" . A   A 1 36 ? 1.704   6.045   -12.083 1.00 30.85  ? 40  A   X "C5'" 1 
ATOM   762  C  "C4'" . A   A 1 36 ? 0.795   5.002   -11.484 1.00 31.50  ? 40  A   X "C4'" 1 
ATOM   763  O  "O4'" . A   A 1 36 ? 1.113   3.709   -12.056 1.00 33.75  ? 40  A   X "O4'" 1 
ATOM   764  C  "C3'" . A   A 1 36 ? 0.910   4.787   -9.986  1.00 31.29  ? 40  A   X "C3'" 1 
ATOM   765  O  "O3'" . A   A 1 36 ? 0.118   5.694   -9.248  1.00 33.54  ? 40  A   X "O3'" 1 
ATOM   766  C  "C2'" . A   A 1 36 ? 0.455   3.344   -9.813  1.00 33.40  ? 40  A   X "C2'" 1 
ATOM   767  O  "O2'" . A   A 1 36 ? -0.958  3.264   -9.886  1.00 29.08  ? 40  A   X "O2'" 1 
ATOM   768  C  "C1'" . A   A 1 36 ? 0.999   2.701   -11.077 1.00 30.63  ? 40  A   X "C1'" 1 
ATOM   769  N  N9    . A   A 1 36 ? 2.323   2.064   -10.914 1.00 27.05  ? 40  A   X N9    1 
ATOM   770  C  C8    . A   A 1 36 ? 3.532   2.525   -11.368 1.00 29.23  ? 40  A   X C8    1 
ATOM   771  N  N7    . A   A 1 36 ? 4.540   1.712   -11.137 1.00 28.72  ? 40  A   X N7    1 
ATOM   772  C  C5    . A   A 1 36 ? 3.939   0.641   -10.499 1.00 26.88  ? 40  A   X C5    1 
ATOM   773  C  C6    . A   A 1 36 ? 4.458   -0.559  -10.012 1.00 27.22  ? 40  A   X C6    1 
ATOM   774  N  N6    . A   A 1 36 ? 5.753   -0.878  -10.083 1.00 30.94  ? 40  A   X N6    1 
ATOM   775  N  N1    . A   A 1 36 ? 3.607   -1.418  -9.427  1.00 27.70  ? 40  A   X N1    1 
ATOM   776  C  C2    . A   A 1 36 ? 2.303   -1.108  -9.361  1.00 30.67  ? 40  A   X C2    1 
ATOM   777  N  N3    . A   A 1 36 ? 1.694   -0.001  -9.784  1.00 27.68  ? 40  A   X N3    1 
ATOM   778  C  C4    . A   A 1 36 ? 2.580   0.837   -10.358 1.00 30.20  ? 40  A   X C4    1 
ATOM   779  P  P     . C   A 1 37 ? 0.656   6.265   -7.848  1.00 35.32  ? 41  C   X P     1 
ATOM   780  O  OP1   . C   A 1 37 ? -0.356  7.214   -7.355  1.00 38.33  ? 41  C   X OP1   1 
ATOM   781  O  OP2   . C   A 1 37 ? 2.067   6.638   -8.054  1.00 31.34  ? 41  C   X OP2   1 
ATOM   782  O  "O5'" . C   A 1 37 ? 0.652   5.022   -6.852  1.00 30.90  ? 41  C   X "O5'" 1 
ATOM   783  C  "C5'" . C   A 1 37 ? -0.548  4.337   -6.520  1.00 29.25  ? 41  C   X "C5'" 1 
ATOM   784  C  "C4'" . C   A 1 37 ? -0.245  3.025   -5.841  1.00 33.00  ? 41  C   X "C4'" 1 
ATOM   785  O  "O4'" . C   A 1 37 ? 0.459   2.157   -6.766  1.00 31.66  ? 41  C   X "O4'" 1 
ATOM   786  C  "C3'" . C   A 1 37 ? 0.668   3.110   -4.630  1.00 32.32  ? 41  C   X "C3'" 1 
ATOM   787  O  "O3'" . C   A 1 37 ? -0.055  3.397   -3.446  1.00 36.31  ? 41  C   X "O3'" 1 
ATOM   788  C  "C2'" . C   A 1 37 ? 1.329   1.738   -4.598  1.00 31.75  ? 41  C   X "C2'" 1 
ATOM   789  O  "O2'" . C   A 1 37 ? 0.471   0.787   -3.986  1.00 32.06  ? 41  C   X "O2'" 1 
ATOM   790  C  "C1'" . C   A 1 37 ? 1.426   1.399   -6.083  1.00 29.14  ? 41  C   X "C1'" 1 
ATOM   791  N  N1    . C   A 1 37 ? 2.753   1.693   -6.667  1.00 27.05  ? 41  C   X N1    1 
ATOM   792  C  C2    . C   A 1 37 ? 3.721   0.688   -6.620  1.00 27.67  ? 41  C   X C2    1 
ATOM   793  O  O2    . C   A 1 37 ? 3.449   -0.382  -6.056  1.00 25.94  ? 41  C   X O2    1 
ATOM   794  N  N3    . C   A 1 37 ? 4.932   0.912   -7.166  1.00 26.46  ? 41  C   X N3    1 
ATOM   795  C  C4    . C   A 1 37 ? 5.200   2.077   -7.763  1.00 29.30  ? 41  C   X C4    1 
ATOM   796  N  N4    . C   A 1 37 ? 6.423   2.240   -8.286  1.00 28.12  ? 41  C   X N4    1 
ATOM   797  C  C5    . C   A 1 37 ? 4.223   3.118   -7.842  1.00 29.74  ? 41  C   X C5    1 
ATOM   798  C  C6    . C   A 1 37 ? 3.023   2.880   -7.288  1.00 30.68  ? 41  C   X C6    1 
ATOM   799  P  P     . A   A 1 38 ? -0.010  4.864   -2.786  1.00 40.35  ? 42  A   X P     1 
ATOM   800  O  OP1   . A   A 1 38 ? 1.245   5.559   -3.132  1.00 34.76  ? 42  A   X OP1   1 
ATOM   801  O  OP2   . A   A 1 38 ? -0.418  4.689   -1.373  1.00 39.40  ? 42  A   X OP2   1 
ATOM   802  O  "O5'" . A   A 1 38 ? -1.164  5.637   -3.558  1.00 41.98  ? 42  A   X "O5'" 1 
ATOM   803  C  "C5'" . A   A 1 38 ? -2.490  5.621   -3.071  1.00 34.89  ? 42  A   X "C5'" 1 
ATOM   804  C  "C4'" . A   A 1 38 ? -3.387  6.452   -3.941  1.00 39.50  ? 42  A   X "C4'" 1 
ATOM   805  O  "O4'" . A   A 1 38 ? -3.754  5.689   -5.124  1.00 38.84  ? 42  A   X "O4'" 1 
ATOM   806  C  "C3'" . A   A 1 38 ? -4.715  6.836   -3.311  1.00 39.60  ? 42  A   X "C3'" 1 
ATOM   807  O  "O3'" . A   A 1 38 ? -4.617  7.989   -2.493  1.00 40.76  ? 42  A   X "O3'" 1 
ATOM   808  C  "C2'" . A   A 1 38 ? -5.608  7.031   -4.524  1.00 40.43  ? 42  A   X "C2'" 1 
ATOM   809  O  "O2'" . A   A 1 38 ? -5.335  8.278   -5.137  1.00 42.50  ? 42  A   X "O2'" 1 
ATOM   810  C  "C1'" . A   A 1 38 ? -5.107  5.915   -5.440  1.00 35.09  ? 42  A   X "C1'" 1 
ATOM   811  N  N9    . A   A 1 38 ? -5.842  4.666   -5.187  1.00 38.19  ? 42  A   X N9    1 
ATOM   812  C  C8    . A   A 1 38 ? -5.349  3.479   -4.707  1.00 39.36  ? 42  A   X C8    1 
ATOM   813  N  N7    . A   A 1 38 ? -6.251  2.543   -4.563  1.00 36.03  ? 42  A   X N7    1 
ATOM   814  C  C5    . A   A 1 38 ? -7.431  3.154   -4.966  1.00 38.03  ? 42  A   X C5    1 
ATOM   815  C  C6    . A   A 1 38 ? -8.761  2.700   -5.056  1.00 36.50  ? 42  A   X C6    1 
ATOM   816  N  N6    . A   A 1 38 ? -9.161  1.475   -4.729  1.00 38.66  ? 42  A   X N6    1 
ATOM   817  N  N1    . A   A 1 38 ? -9.695  3.567   -5.509  1.00 39.71  ? 42  A   X N1    1 
ATOM   818  C  C2    . A   A 1 38 ? -9.303  4.806   -5.835  1.00 37.95  ? 42  A   X C2    1 
ATOM   819  N  N3    . A   A 1 38 ? -8.091  5.348   -5.794  1.00 38.34  ? 42  A   X N3    1 
ATOM   820  C  C4    . A   A 1 38 ? -7.189  4.465   -5.349  1.00 38.71  ? 42  A   X C4    1 
ATOM   821  P  P     . U   A 1 39 ? -5.027  7.939   -0.939  1.00 44.70  ? 43  U   X P     1 
ATOM   822  O  OP1   . U   A 1 39 ? -4.733  9.292   -0.375  1.00 46.41  ? 43  U   X OP1   1 
ATOM   823  O  OP2   . U   A 1 39 ? -4.425  6.732   -0.315  1.00 39.81  ? 43  U   X OP2   1 
ATOM   824  O  "O5'" . U   A 1 39 ? -6.603  7.704   -0.956  1.00 38.73  ? 43  U   X "O5'" 1 
ATOM   825  C  "C5'" . U   A 1 39 ? -7.457  8.544   -1.711  1.00 41.67  ? 43  U   X "C5'" 1 
ATOM   826  C  "C4'" . U   A 1 39 ? -8.805  7.903   -1.939  1.00 40.32  ? 43  U   X "C4'" 1 
ATOM   827  O  "O4'" . U   A 1 39 ? -8.659  6.758   -2.823  1.00 38.79  ? 43  U   X "O4'" 1 
ATOM   828  C  "C3'" . U   A 1 39 ? -9.490  7.331   -0.712  1.00 39.36  ? 43  U   X "C3'" 1 
ATOM   829  O  "O3'" . U   A 1 39 ? -10.147 8.310   0.079   1.00 41.20  ? 43  U   X "O3'" 1 
ATOM   830  C  "C2'" . U   A 1 39 ? -10.419 6.291   -1.320  1.00 40.22  ? 43  U   X "C2'" 1 
ATOM   831  O  "O2'" . U   A 1 39 ? -11.533 6.914   -1.947  1.00 44.82  ? 43  U   X "O2'" 1 
ATOM   832  C  "C1'" . U   A 1 39 ? -9.541  5.730   -2.426  1.00 38.32  ? 43  U   X "C1'" 1 
ATOM   833  N  N1    . U   A 1 39 ? -8.757  4.555   -1.971  1.00 38.79  ? 43  U   X N1    1 
ATOM   834  C  C2    . U   A 1 39 ? -9.429  3.351   -1.977  1.00 38.78  ? 43  U   X C2    1 
ATOM   835  O  O2    . U   A 1 39 ? -10.596 3.282   -2.332  1.00 39.48  ? 43  U   X O2    1 
ATOM   836  N  N3    . U   A 1 39 ? -8.699  2.259   -1.557  1.00 32.80  ? 43  U   X N3    1 
ATOM   837  C  C4    . U   A 1 39 ? -7.383  2.265   -1.146  1.00 37.04  ? 43  U   X C4    1 
ATOM   838  O  O4    . U   A 1 39 ? -6.857  1.204   -0.795  1.00 37.32  ? 43  U   X O4    1 
ATOM   839  C  C5    . U   A 1 39 ? -6.749  3.550   -1.169  1.00 36.99  ? 43  U   X C5    1 
ATOM   840  C  C6    . U   A 1 39 ? -7.437  4.625   -1.568  1.00 37.76  ? 43  U   X C6    1 
ATOM   841  P  P     . A   A 1 40 ? -10.188 8.181   1.682   1.00 47.52  ? 44  A   X P     1 
ATOM   842  O  OP1   . A   A 1 40 ? -10.739 9.456   2.184   1.00 56.34  ? 44  A   X OP1   1 
ATOM   843  O  OP2   . A   A 1 40 ? -8.908  7.668   2.236   1.00 45.39  ? 44  A   X OP2   1 
ATOM   844  O  "O5'" . A   A 1 40 ? -11.290 7.077   1.954   1.00 41.58  ? 44  A   X "O5'" 1 
ATOM   845  C  "C5'" . A   A 1 40 ? -12.605 7.238   1.466   1.00 43.36  ? 44  A   X "C5'" 1 
ATOM   846  C  "C4'" . A   A 1 40 ? -13.318 5.916   1.419   1.00 46.38  ? 44  A   X "C4'" 1 
ATOM   847  O  "O4'" . A   A 1 40 ? -12.654 5.023   0.485   1.00 47.65  ? 44  A   X "O4'" 1 
ATOM   848  C  "C3'" . A   A 1 40 ? -13.337 5.126   2.712   1.00 42.88  ? 44  A   X "C3'" 1 
ATOM   849  O  "O3'" . A   A 1 40 ? -14.293 5.613   3.636   1.00 48.04  ? 44  A   X "O3'" 1 
ATOM   850  C  "C2'" . A   A 1 40 ? -13.622 3.724   2.209   1.00 39.24  ? 44  A   X "C2'" 1 
ATOM   851  O  "O2'" . A   A 1 40 ? -14.978 3.625   1.818   1.00 47.76  ? 44  A   X "O2'" 1 
ATOM   852  C  "C1'" . A   A 1 40 ? -12.763 3.694   0.943   1.00 44.43  ? 44  A   X "C1'" 1 
ATOM   853  N  N9    . A   A 1 40 ? -11.413 3.171   1.237   1.00 36.32  ? 44  A   X N9    1 
ATOM   854  C  C8    . A   A 1 40 ? -10.238 3.841   1.449   1.00 39.14  ? 44  A   X C8    1 
ATOM   855  N  N7    . A   A 1 40 ? -9.219  3.058   1.729   1.00 36.27  ? 44  A   X N7    1 
ATOM   856  C  C5    . A   A 1 40 ? -9.776  1.780   1.731   1.00 37.42  ? 44  A   X C5    1 
ATOM   857  C  C6    . A   A 1 40 ? -9.243  0.489   1.955   1.00 34.98  ? 44  A   X C6    1 
ATOM   858  N  N6    . A   A 1 40 ? -7.961  0.225   2.253   1.00 35.05  ? 44  A   X N6    1 
ATOM   859  N  N1    . A   A 1 40 ? -10.093 -0.560  1.865   1.00 35.26  ? 44  A   X N1    1 
ATOM   860  C  C2    . A   A 1 40 ? -11.380 -0.333  1.572   1.00 39.32  ? 44  A   X C2    1 
ATOM   861  N  N3    . A   A 1 40 ? -11.996 0.823   1.338   1.00 37.76  ? 44  A   X N3    1 
ATOM   862  C  C4    . A   A 1 40 ? -11.127 1.847   1.428   1.00 37.05  ? 44  A   X C4    1 
ATOM   863  P  P     . G   A 1 41 ? -14.059 5.478   5.222   1.00 49.01  ? 45  G   X P     1 
ATOM   864  O  OP1   . G   A 1 41 ? -15.119 6.332   5.820   1.00 59.34  ? 45  G   X OP1   1 
ATOM   865  O  OP2   . G   A 1 41 ? -12.652 5.673   5.647   1.00 39.17  ? 45  G   X OP2   1 
ATOM   866  O  "O5'" . G   A 1 41 ? -14.452 3.975   5.527   1.00 43.66  ? 45  G   X "O5'" 1 
ATOM   867  C  "C5'" . G   A 1 41 ? -15.737 3.506   5.163   1.00 43.80  ? 45  G   X "C5'" 1 
ATOM   868  C  "C4'" . G   A 1 41 ? -15.804 2.006   5.200   1.00 43.57  ? 45  G   X "C4'" 1 
ATOM   869  O  "O4'" . G   A 1 41 ? -14.921 1.451   4.191   1.00 44.51  ? 45  G   X "O4'" 1 
ATOM   870  C  "C3'" . G   A 1 41 ? -15.334 1.336   6.477   1.00 42.22  ? 45  G   X "C3'" 1 
ATOM   871  O  "O3'" . G   A 1 41 ? -16.264 1.399   7.542   1.00 42.43  ? 45  G   X "O3'" 1 
ATOM   872  C  "C2'" . G   A 1 41 ? -15.062 -0.072  5.993   1.00 40.16  ? 45  G   X "C2'" 1 
ATOM   873  O  "O2'" . G   A 1 41 ? -16.289 -0.737  5.759   1.00 44.54  ? 45  G   X "O2'" 1 
ATOM   874  C  "C1'" . G   A 1 41 ? -14.405 0.217   4.646   1.00 42.18  ? 45  G   X "C1'" 1 
ATOM   875  N  N9    . G   A 1 41 ? -12.938 0.321   4.804   1.00 36.45  ? 45  G   X N9    1 
ATOM   876  C  C8    . G   A 1 41 ? -12.124 1.423   4.869   1.00 39.43  ? 45  G   X C8    1 
ATOM   877  N  N7    . G   A 1 41 ? -10.862 1.110   5.045   1.00 38.23  ? 45  G   X N7    1 
ATOM   878  C  C5    . G   A 1 41 ? -10.850 -0.283  5.107   1.00 38.00  ? 45  G   X C5    1 
ATOM   879  C  C6    . G   A 1 41 ? -9.792  -1.226  5.283   1.00 38.03  ? 45  G   X C6    1 
ATOM   880  O  O6    . G   A 1 41 ? -8.584  -1.009  5.435   1.00 40.36  ? 45  G   X O6    1 
ATOM   881  N  N1    . G   A 1 41 ? -10.243 -2.546  5.287   1.00 32.72  ? 45  G   X N1    1 
ATOM   882  C  C2    . G   A 1 41 ? -11.555 -2.919  5.127   1.00 36.82  ? 45  G   X C2    1 
ATOM   883  N  N2    . G   A 1 41 ? -11.831 -4.232  5.149   1.00 35.50  ? 45  G   X N2    1 
ATOM   884  N  N3    . G   A 1 41 ? -12.539 -2.055  4.959   1.00 37.30  ? 45  G   X N3    1 
ATOM   885  C  C4    . G   A 1 41 ? -12.124 -0.772  4.969   1.00 34.21  ? 45  G   X C4    1 
ATOM   886  P  P     . A   A 1 42 ? -15.737 1.387   9.064   1.00 45.20  ? 46  A   X P     1 
ATOM   887  O  OP1   . A   A 1 42 ? -16.903 1.624   9.954   1.00 49.67  ? 46  A   X OP1   1 
ATOM   888  O  OP2   . A   A 1 42 ? -14.566 2.288   9.128   1.00 45.44  ? 46  A   X OP2   1 
ATOM   889  O  "O5'" . A   A 1 42 ? -15.228 -0.112  9.293   1.00 43.75  ? 46  A   X "O5'" 1 
ATOM   890  C  "C5'" . A   A 1 42 ? -16.139 -1.200  9.292   1.00 39.51  ? 46  A   X "C5'" 1 
ATOM   891  C  "C4'" . A   A 1 42 ? -15.437 -2.521  9.490   1.00 38.97  ? 46  A   X "C4'" 1 
ATOM   892  O  "O4'" . A   A 1 42 ? -14.505 -2.768  8.403   1.00 39.21  ? 46  A   X "O4'" 1 
ATOM   893  C  "C3'" . A   A 1 42 ? -14.570 -2.664  10.727  1.00 39.33  ? 46  A   X "C3'" 1 
ATOM   894  O  "O3'" . A   A 1 42 ? -15.307 -2.871  11.920  1.00 42.18  ? 46  A   X "O3'" 1 
ATOM   895  C  "C2'" . A   A 1 42 ? -13.684 -3.840  10.352  1.00 36.92  ? 46  A   X "C2'" 1 
ATOM   896  O  "O2'" . A   A 1 42 ? -14.422 -5.050  10.438  1.00 39.61  ? 46  A   X "O2'" 1 
ATOM   897  C  "C1'" . A   A 1 42 ? -13.418 -3.542  8.875   1.00 37.35  ? 46  A   X "C1'" 1 
ATOM   898  N  N9    . A   A 1 42 ? -12.172 -2.766  8.725   1.00 38.15  ? 46  A   X N9    1 
ATOM   899  C  C8    . A   A 1 42 ? -12.012 -1.414  8.564   1.00 37.29  ? 46  A   X C8    1 
ATOM   900  N  N7    . A   A 1 42 ? -10.757 -1.031  8.520   1.00 35.66  ? 46  A   X N7    1 
ATOM   901  C  C5    . A   A 1 42 ? -10.042 -2.200  8.683   1.00 35.19  ? 46  A   X C5    1 
ATOM   902  C  C6    . A   A 1 42 ? -8.666  -2.468  8.718   1.00 36.77  ? 46  A   X C6    1 
ATOM   903  N  N6    . A   A 1 42 ? -7.746  -1.515  8.592   1.00 33.87  ? 46  A   X N6    1 
ATOM   904  N  N1    . A   A 1 42 ? -8.269  -3.752  8.891   1.00 36.25  ? 46  A   X N1    1 
ATOM   905  C  C2    . A   A 1 42 ? -9.213  -4.695  9.022   1.00 36.11  ? 46  A   X C2    1 
ATOM   906  N  N3    . A   A 1 42 ? -10.543 -4.558  9.000   1.00 35.29  ? 46  A   X N3    1 
ATOM   907  C  C4    . A   A 1 42 ? -10.897 -3.279  8.819   1.00 37.03  ? 46  A   X C4    1 
ATOM   908  P  P     . A   A 1 43 ? -14.710 -2.337  13.313  1.00 39.31  ? 47  A   X P     1 
ATOM   909  O  OP1   . A   A 1 43 ? -15.698 -2.601  14.397  1.00 44.79  ? 47  A   X OP1   1 
ATOM   910  O  OP2   . A   A 1 43 ? -14.111 -0.997  13.097  1.00 37.81  ? 47  A   X OP2   1 
ATOM   911  O  "O5'" . A   A 1 43 ? -13.432 -3.240  13.563  1.00 38.50  ? 47  A   X "O5'" 1 
ATOM   912  C  "C5'" . A   A 1 43 ? -13.505 -4.381  14.372  1.00 40.84  ? 47  A   X "C5'" 1 
ATOM   913  C  "C4'" . A   A 1 43 ? -12.368 -5.315  14.090  1.00 39.82  ? 47  A   X "C4'" 1 
ATOM   914  O  "O4'" . A   A 1 43 ? -11.863 -5.100  12.744  1.00 41.64  ? 47  A   X "O4'" 1 
ATOM   915  C  "C3'" . A   A 1 43 ? -11.136 -5.140  14.958  1.00 39.11  ? 47  A   X "C3'" 1 
ATOM   916  O  "O3'" . A   A 1 43 ? -11.288 -5.674  16.264  1.00 44.97  ? 47  A   X "O3'" 1 
ATOM   917  C  "C2'" . A   A 1 43 ? -10.072 -5.827  14.119  1.00 36.25  ? 47  A   X "C2'" 1 
ATOM   918  O  "O2'" . A   A 1 43 ? -10.238 -7.235  14.175  1.00 39.48  ? 47  A   X "O2'" 1 
ATOM   919  C  "C1'" . A   A 1 43 ? -10.469 -5.346  12.717  1.00 37.74  ? 47  A   X "C1'" 1 
ATOM   920  N  N9    . A   A 1 43 ? -9.770  -4.085  12.401  1.00 37.45  ? 47  A   X N9    1 
ATOM   921  C  C8    . A   A 1 43 ? -10.266 -2.818  12.250  1.00 38.05  ? 47  A   X C8    1 
ATOM   922  N  N7    . A   A 1 43 ? -9.335  -1.915  12.023  1.00 36.35  ? 47  A   X N7    1 
ATOM   923  C  C5    . A   A 1 43 ? -8.149  -2.631  12.022  1.00 37.67  ? 47  A   X C5    1 
ATOM   924  C  C6    . A   A 1 43 ? -6.796  -2.266  11.840  1.00 37.59  ? 47  A   X C6    1 
ATOM   925  N  N6    . A   A 1 43 ? -6.372  -1.026  11.603  1.00 35.36  ? 47  A   X N6    1 
ATOM   926  N  N1    . A   A 1 43 ? -5.867  -3.241  11.917  1.00 38.91  ? 47  A   X N1    1 
ATOM   927  C  C2    . A   A 1 43 ? -6.260  -4.497  12.157  1.00 38.60  ? 47  A   X C2    1 
ATOM   928  N  N3    . A   A 1 43 ? -7.494  -4.959  12.337  1.00 38.09  ? 47  A   X N3    1 
ATOM   929  C  C4    . A   A 1 43 ? -8.404  -3.967  12.264  1.00 37.33  ? 47  A   X C4    1 
ATOM   930  P  P     . A   A 1 44 ? -10.591 -4.942  17.521  1.00 44.39  ? 48  A   X P     1 
ATOM   931  O  OP1   . A   A 1 44 ? -11.180 -5.510  18.753  1.00 44.38  ? 48  A   X OP1   1 
ATOM   932  O  OP2   . A   A 1 44 ? -10.561 -3.479  17.286  1.00 39.64  ? 48  A   X OP2   1 
ATOM   933  O  "O5'" . A   A 1 44 ? -9.067  -5.402  17.433  1.00 41.12  ? 48  A   X "O5'" 1 
ATOM   934  C  "C5'" . A   A 1 44 ? -8.723  -6.773  17.304  1.00 44.89  ? 48  A   X "C5'" 1 
ATOM   935  C  "C4'" . A   A 1 44 ? -7.268  -6.943  16.948  1.00 43.05  ? 48  A   X "C4'" 1 
ATOM   936  O  "O4'" . A   A 1 44 ? -6.975  -6.298  15.679  1.00 46.88  ? 48  A   X "O4'" 1 
ATOM   937  C  "C3'" . A   A 1 44 ? -6.276  -6.319  17.908  1.00 44.13  ? 48  A   X "C3'" 1 
ATOM   938  O  "O3'" . A   A 1 44 ? -6.056  -7.134  19.037  1.00 52.15  ? 48  A   X "O3'" 1 
ATOM   939  C  "C2'" . A   A 1 44 ? -5.039  -6.151  17.039  1.00 39.05  ? 48  A   X "C2'" 1 
ATOM   940  O  "O2'" . A   A 1 44 ? -4.373  -7.395  16.877  1.00 39.86  ? 48  A   X "O2'" 1 
ATOM   941  C  "C1'" . A   A 1 44 ? -5.665  -5.778  15.698  1.00 39.47  ? 48  A   X "C1'" 1 
ATOM   942  N  N9    . A   A 1 44 ? -5.716  -4.318  15.473  1.00 40.02  ? 48  A   X N9    1 
ATOM   943  C  C8    . A   A 1 44 ? -6.821  -3.512  15.362  1.00 37.44  ? 48  A   X C8    1 
ATOM   944  N  N7    . A   A 1 44 ? -6.536  -2.248  15.143  1.00 34.88  ? 48  A   X N7    1 
ATOM   945  C  C5    . A   A 1 44 ? -5.146  -2.221  15.096  1.00 38.15  ? 48  A   X C5    1 
ATOM   946  C  C6    . A   A 1 44 ? -4.216  -1.179  14.895  1.00 40.01  ? 48  A   X C6    1 
ATOM   947  N  N6    . A   A 1 44 ? -4.567  0.090   14.687  1.00 40.78  ? 48  A   X N6    1 
ATOM   948  N  N1    . A   A 1 44 ? -2.899  -1.484  14.919  1.00 42.05  ? 48  A   X N1    1 
ATOM   949  C  C2    . A   A 1 44 ? -2.553  -2.757  15.124  1.00 41.46  ? 48  A   X C2    1 
ATOM   950  N  N3    . A   A 1 44 ? -3.331  -3.818  15.312  1.00 39.84  ? 48  A   X N3    1 
ATOM   951  C  C4    . A   A 1 44 ? -4.631  -3.485  15.298  1.00 38.56  ? 48  A   X C4    1 
ATOM   952  P  P     . C   A 1 45 ? -5.876  -6.491  20.492  1.00 48.28  ? 49  C   X P     1 
ATOM   953  O  OP1   . C   A 1 45 ? -5.744  -7.653  21.406  1.00 53.92  ? 49  C   X OP1   1 
ATOM   954  O  OP2   . C   A 1 45 ? -6.907  -5.459  20.756  1.00 41.74  ? 49  C   X OP2   1 
ATOM   955  O  "O5'" . C   A 1 45 ? -4.464  -5.755  20.415  1.00 50.35  ? 49  C   X "O5'" 1 
ATOM   956  C  "C5'" . C   A 1 45 ? -3.268  -6.462  20.106  1.00 47.94  ? 49  C   X "C5'" 1 
ATOM   957  C  "C4'" . C   A 1 45 ? -2.153  -5.497  19.791  1.00 47.23  ? 49  C   X "C4'" 1 
ATOM   958  O  "O4'" . C   A 1 45 ? -2.471  -4.778  18.566  1.00 42.84  ? 49  C   X "O4'" 1 
ATOM   959  C  "C3'" . C   A 1 45 ? -1.944  -4.402  20.827  1.00 51.44  ? 49  C   X "C3'" 1 
ATOM   960  O  "O3'" . C   A 1 45 ? -1.131  -4.818  21.911  1.00 57.42  ? 49  C   X "O3'" 1 
ATOM   961  C  "C2'" . C   A 1 45 ? -1.346  -3.259  20.010  1.00 52.91  ? 49  C   X "C2'" 1 
ATOM   962  O  "O2'" . C   A 1 45 ? 0.048   -3.441  19.824  1.00 52.97  ? 49  C   X "O2'" 1 
ATOM   963  C  "C1'" . C   A 1 45 ? -2.048  -3.436  18.664  1.00 44.98  ? 49  C   X "C1'" 1 
ATOM   964  N  N1    . C   A 1 45 ? -3.222  -2.546  18.518  1.00 44.94  ? 49  C   X N1    1 
ATOM   965  C  C2    . C   A 1 45 ? -2.981  -1.215  18.135  1.00 48.01  ? 49  C   X C2    1 
ATOM   966  O  O2    . C   A 1 45 ? -1.807  -0.843  17.943  1.00 49.32  ? 49  C   X O2    1 
ATOM   967  N  N3    . C   A 1 45 ? -4.017  -0.363  17.981  1.00 41.84  ? 49  C   X N3    1 
ATOM   968  C  C4    . C   A 1 45 ? -5.259  -0.792  18.200  1.00 44.65  ? 49  C   X C4    1 
ATOM   969  N  N4    . C   A 1 45 ? -6.255  0.090   18.035  1.00 44.68  ? 49  C   X N4    1 
ATOM   970  C  C5    . C   A 1 45 ? -5.533  -2.137  18.593  1.00 40.08  ? 49  C   X C5    1 
ATOM   971  C  C6    . C   A 1 45 ? -4.499  -2.980  18.739  1.00 42.81  ? 49  C   X C6    1 
ATOM   972  P  P     . C   A 1 46 ? -1.128  -3.989  23.289  1.00 59.89  ? 50  C   X P     1 
ATOM   973  O  OP1   . C   A 1 46 ? -0.237  -4.728  24.223  1.00 67.23  ? 50  C   X OP1   1 
ATOM   974  O  OP2   . C   A 1 46 ? -2.518  -3.639  23.667  1.00 52.87  ? 50  C   X OP2   1 
ATOM   975  O  "O5'" . C   A 1 46 ? -0.401  -2.617  22.937  1.00 61.19  ? 50  C   X "O5'" 1 
ATOM   976  C  "C5'" . C   A 1 46 ? 0.999   -2.570  22.694  1.00 64.82  ? 50  C   X "C5'" 1 
ATOM   977  C  "C4'" . C   A 1 46 ? 1.462   -1.149  22.508  1.00 62.70  ? 50  C   X "C4'" 1 
ATOM   978  O  "O4'" . C   A 1 46 ? 0.836   -0.583  21.331  1.00 63.06  ? 50  C   X "O4'" 1 
ATOM   979  C  "C3'" . C   A 1 46 ? 1.098   -0.194  23.632  1.00 66.86  ? 50  C   X "C3'" 1 
ATOM   980  O  "O3'" . C   A 1 46 ? 2.051   -0.255  24.682  1.00 78.90  ? 50  C   X "O3'" 1 
ATOM   981  C  "C2'" . C   A 1 46 ? 1.057   1.165   22.938  1.00 65.69  ? 50  C   X "C2'" 1 
ATOM   982  O  "O2'" . C   A 1 46 ? 2.359   1.727   22.863  1.00 69.99  ? 50  C   X "O2'" 1 
ATOM   983  C  "C1'" . C   A 1 46 ? 0.601   0.794   21.521  1.00 62.08  ? 50  C   X "C1'" 1 
ATOM   984  N  N1    . C   A 1 46 ? -0.832  1.070   21.266  1.00 57.59  ? 50  C   X N1    1 
ATOM   985  C  C2    . C   A 1 46 ? -1.215  2.351   20.861  1.00 60.13  ? 50  C   X C2    1 
ATOM   986  O  O2    . C   A 1 46 ? -0.353  3.234   20.740  1.00 64.29  ? 50  C   X O2    1 
ATOM   987  N  N3    . C   A 1 46 ? -2.520  2.603   20.607  1.00 57.27  ? 50  C   X N3    1 
ATOM   988  C  C4    . C   A 1 46 ? -3.424  1.629   20.739  1.00 55.36  ? 50  C   X C4    1 
ATOM   989  N  N4    . C   A 1 46 ? -4.700  1.931   20.473  1.00 50.19  ? 50  C   X N4    1 
ATOM   990  C  C5    . C   A 1 46 ? -3.063  0.311   21.141  1.00 52.31  ? 50  C   X C5    1 
ATOM   991  C  C6    . C   A 1 46 ? -1.768  0.078   21.387  1.00 56.82  ? 50  C   X C6    1 
ATOM   992  P  P     . A   A 1 47 ? 1.613   -0.339  26.226  1.00 84.53  ? 51  A   X P     1 
ATOM   993  O  OP1   . A   A 1 47 ? 2.883   -0.495  26.986  1.00 72.76  ? 51  A   X OP1   1 
ATOM   994  O  OP2   . A   A 1 47 ? 0.518   -1.337  26.384  1.00 72.29  ? 51  A   X OP2   1 
ATOM   995  O  "O5'" . A   A 1 47 ? 1.035   1.110   26.549  1.00 68.12  ? 51  A   X "O5'" 1 
ATOM   996  C  "C5'" . A   A 1 47 ? 1.097   1.635   27.869  1.00 72.28  ? 51  A   X "C5'" 1 
ATOM   997  C  "C4'" . A   A 1 47 ? 1.162   3.138   27.851  1.00 78.54  ? 51  A   X "C4'" 1 
ATOM   998  O  "O4'" . A   A 1 47 ? 0.042   3.635   27.071  1.00 74.58  ? 51  A   X "O4'" 1 
ATOM   999  C  "C3'" . A   A 1 47 ? 1.081   3.815   29.220  1.00 83.99  ? 51  A   X "C3'" 1 
ATOM   1000 O  "O3'" . A   A 1 47 ? 1.943   4.959   29.260  1.00 86.71  ? 51  A   X "O3'" 1 
ATOM   1001 C  "C2'" . A   A 1 47 ? -0.388  4.235   29.316  1.00 76.74  ? 51  A   X "C2'" 1 
ATOM   1002 O  "O2'" . A   A 1 47 ? -0.627  5.366   30.132  1.00 72.53  ? 51  A   X "O2'" 1 
ATOM   1003 C  "C1'" . A   A 1 47 ? -0.753  4.506   27.852  1.00 75.08  ? 51  A   X "C1'" 1 
ATOM   1004 N  N9    . A   A 1 47 ? -2.159  4.221   27.537  1.00 69.27  ? 51  A   X N9    1 
ATOM   1005 C  C8    . A   A 1 47 ? -2.794  2.995   27.561  1.00 67.80  ? 51  A   X C8    1 
ATOM   1006 N  N7    . A   A 1 47 ? -4.064  3.042   27.233  1.00 62.24  ? 51  A   X N7    1 
ATOM   1007 C  C5    . A   A 1 47 ? -4.283  4.392   26.971  1.00 63.36  ? 51  A   X C5    1 
ATOM   1008 C  C6    . A   A 1 47 ? -5.432  5.114   26.572  1.00 66.90  ? 51  A   X C6    1 
ATOM   1009 N  N6    . A   A 1 47 ? -6.629  4.556   26.353  1.00 65.13  ? 51  A   X N6    1 
ATOM   1010 N  N1    . A   A 1 47 ? -5.310  6.453   26.397  1.00 67.81  ? 51  A   X N1    1 
ATOM   1011 C  C2    . A   A 1 47 ? -4.112  7.019   26.612  1.00 69.84  ? 51  A   X C2    1 
ATOM   1012 N  N3    . A   A 1 47 ? -2.966  6.453   26.986  1.00 69.18  ? 51  A   X N3    1 
ATOM   1013 C  C4    . A   A 1 47 ? -3.119  5.125   27.151  1.00 65.95  ? 51  A   X C4    1 
ATOM   1014 P  P     . C   A 1 48 ? 3.396   4.856   29.962  1.00 96.99  ? 52  C   X P     1 
ATOM   1015 O  OP1   . C   A 1 48 ? 4.216   3.791   29.316  1.00 80.78  ? 52  C   X OP1   1 
ATOM   1016 O  OP2   . C   A 1 48 ? 3.174   4.820   31.431  1.00 94.82  ? 52  C   X OP2   1 
ATOM   1017 O  "O5'" . C   A 1 48 ? 4.087   6.246   29.619  1.00 91.00  ? 52  C   X "O5'" 1 
ATOM   1018 C  "C5'" . C   A 1 48 ? 3.325   7.444   29.592  1.00 87.11  ? 52  C   X "C5'" 1 
ATOM   1019 C  "C4'" . C   A 1 48 ? 3.422   8.110   28.247  1.00 87.85  ? 52  C   X "C4'" 1 
ATOM   1020 O  "O4'" . C   A 1 48 ? 2.114   8.088   27.617  1.00 89.84  ? 52  C   X "O4'" 1 
ATOM   1021 C  "C3'" . C   A 1 48 ? 3.859   9.570   28.283  1.00 94.79  ? 52  C   X "C3'" 1 
ATOM   1022 O  "O3'" . C   A 1 48 ? 4.649   9.861   27.129  1.00 96.28  ? 52  C   X "O3'" 1 
ATOM   1023 C  "C2'" . C   A 1 48 ? 2.530   10.324  28.226  1.00 93.33  ? 52  C   X "C2'" 1 
ATOM   1024 O  "O2'" . C   A 1 48 ? 2.617   11.635  27.705  1.00 95.50  ? 52  C   X "O2'" 1 
ATOM   1025 C  "C1'" . C   A 1 48 ? 1.685   9.409   27.339  1.00 89.25  ? 52  C   X "C1'" 1 
ATOM   1026 N  N1    . C   A 1 48 ? 0.240   9.479   27.621  1.00 90.64  ? 52  C   X N1    1 
ATOM   1027 C  C2    . C   A 1 48 ? -0.624  10.155  26.737  1.00 88.71  ? 52  C   X C2    1 
ATOM   1028 O  O2    . C   A 1 48 ? -0.154  10.693  25.720  1.00 85.64  ? 52  C   X O2    1 
ATOM   1029 N  N3    . C   A 1 48 ? -1.952  10.211  27.013  1.00 86.70  ? 52  C   X N3    1 
ATOM   1030 C  C4    . C   A 1 48 ? -2.426  9.626   28.122  1.00 88.11  ? 52  C   X C4    1 
ATOM   1031 N  N4    . C   A 1 48 ? -3.741  9.703   28.359  1.00 81.29  ? 52  C   X N4    1 
ATOM   1032 C  C5    . C   A 1 48 ? -1.571  8.931   29.039  1.00 86.89  ? 52  C   X C5    1 
ATOM   1033 C  C6    . C   A 1 48 ? -0.261  8.879   28.752  1.00 87.66  ? 52  C   X C6    1 
ATOM   1034 P  P     . A   A 1 49 ? 6.229   10.134  27.281  1.00 94.10  ? 53  A   X P     1 
ATOM   1035 O  OP1   . A   A 1 49 ? 6.724   9.418   28.488  1.00 93.18  ? 53  A   X OP1   1 
ATOM   1036 O  OP2   . A   A 1 49 ? 6.423   11.604  27.178  1.00 93.12  ? 53  A   X OP2   1 
ATOM   1037 O  "O5'" . A   A 1 49 ? 6.876   9.413   26.009  1.00 88.85  ? 53  A   X "O5'" 1 
ATOM   1038 C  "C5'" . A   A 1 49 ? 7.994   8.545   26.155  1.00 87.05  ? 53  A   X "C5'" 1 
ATOM   1039 C  "C4'" . A   A 1 49 ? 7.890   7.336   25.255  1.00 86.87  ? 53  A   X "C4'" 1 
ATOM   1040 O  "O4'" . A   A 1 49 ? 6.640   6.637   25.519  1.00 90.10  ? 53  A   X "O4'" 1 
ATOM   1041 C  "C3'" . A   A 1 49 ? 7.854   7.611   23.756  1.00 84.62  ? 53  A   X "C3'" 1 
ATOM   1042 O  "O3'" . A   A 1 49 ? 9.141   7.819   23.187  1.00 86.49  ? 53  A   X "O3'" 1 
ATOM   1043 C  "C2'" . A   A 1 49 ? 7.131   6.383   23.212  1.00 82.59  ? 53  A   X "C2'" 1 
ATOM   1044 O  "O2'" . A   A 1 49 ? 8.009   5.265   23.181  1.00 80.09  ? 53  A   X "O2'" 1 
ATOM   1045 C  "C1'" . A   A 1 49 ? 6.101   6.132   24.311  1.00 83.26  ? 53  A   X "C1'" 1 
ATOM   1046 N  N9    . A   A 1 49 ? 4.799   6.801   24.064  1.00 80.85  ? 53  A   X N9    1 
ATOM   1047 C  C8    . A   A 1 49 ? 4.537   8.137   23.843  1.00 78.47  ? 53  A   X C8    1 
ATOM   1048 N  N7    . A   A 1 49 ? 3.265   8.427   23.687  1.00 71.29  ? 53  A   X N7    1 
ATOM   1049 C  C5    . A   A 1 49 ? 2.636   7.197   23.827  1.00 74.41  ? 53  A   X C5    1 
ATOM   1050 C  C6    . A   A 1 49 ? 1.278   6.817   23.772  1.00 75.92  ? 53  A   X C6    1 
ATOM   1051 N  N6    . A   A 1 49 ? 0.275   7.679   23.550  1.00 72.73  ? 53  A   X N6    1 
ATOM   1052 N  N1    . A   A 1 49 ? 0.984   5.505   23.955  1.00 71.45  ? 53  A   X N1    1 
ATOM   1053 C  C2    . A   A 1 49 ? 1.990   4.643   24.175  1.00 71.85  ? 53  A   X C2    1 
ATOM   1054 N  N3    . A   A 1 49 ? 3.302   4.881   24.249  1.00 75.13  ? 53  A   X N3    1 
ATOM   1055 C  C4    . A   A 1 49 ? 3.563   6.191   24.066  1.00 76.54  ? 53  A   X C4    1 
ATOM   1056 P  P     . A   A 1 50 ? 9.447   9.129   22.298  1.00 82.83  ? 54  A   X P     1 
ATOM   1057 O  OP1   . A   A 1 50 ? 10.912  9.193   22.092  1.00 85.48  ? 54  A   X OP1   1 
ATOM   1058 O  OP2   . A   A 1 50 ? 8.739   10.294  22.902  1.00 79.93  ? 54  A   X OP2   1 
ATOM   1059 O  "O5'" . A   A 1 50 ? 8.794   8.813   20.877  1.00 78.81  ? 54  A   X "O5'" 1 
ATOM   1060 C  "C5'" . A   A 1 50 ? 9.604   8.596   19.729  1.00 82.05  ? 54  A   X "C5'" 1 
ATOM   1061 C  "C4'" . A   A 1 50 ? 9.768   7.123   19.459  1.00 80.38  ? 54  A   X "C4'" 1 
ATOM   1062 O  "O4'" . A   A 1 50 ? 9.001   6.394   20.450  1.00 81.34  ? 54  A   X "O4'" 1 
ATOM   1063 C  "C3'" . A   A 1 50 ? 9.240   6.634   18.112  1.00 73.48  ? 54  A   X "C3'" 1 
ATOM   1064 O  "O3'" . A   A 1 50 ? 10.193  6.817   17.060  1.00 72.69  ? 54  A   X "O3'" 1 
ATOM   1065 C  "C2'" . A   A 1 50 ? 8.799   5.203   18.414  1.00 75.62  ? 54  A   X "C2'" 1 
ATOM   1066 O  "O2'" . A   A 1 50 ? 9.912   4.323   18.466  1.00 72.65  ? 54  A   X "O2'" 1 
ATOM   1067 C  "C1'" . A   A 1 50 ? 8.275   5.351   19.840  1.00 79.63  ? 54  A   X "C1'" 1 
ATOM   1068 N  N9    . A   A 1 50 ? 6.843   5.714   19.931  1.00 74.40  ? 54  A   X N9    1 
ATOM   1069 C  C8    . A   A 1 50 ? 6.296   6.974   19.844  1.00 72.69  ? 54  A   X C8    1 
ATOM   1070 N  N7    . A   A 1 50 ? 4.995   7.013   20.012  1.00 70.77  ? 54  A   X N7    1 
ATOM   1071 C  C5    . A   A 1 50 ? 4.661   5.686   20.248  1.00 69.32  ? 54  A   X C5    1 
ATOM   1072 C  C6    . A   A 1 50 ? 3.423   5.060   20.499  1.00 70.74  ? 54  A   X C6    1 
ATOM   1073 N  N6    . A   A 1 50 ? 2.255   5.720   20.559  1.00 68.52  ? 54  A   X N6    1 
ATOM   1074 N  N1    . A   A 1 50 ? 3.435   3.717   20.684  1.00 68.10  ? 54  A   X N1    1 
ATOM   1075 C  C2    . A   A 1 50 ? 4.606   3.062   20.622  1.00 69.21  ? 54  A   X C2    1 
ATOM   1076 N  N3    . A   A 1 50 ? 5.829   3.541   20.393  1.00 69.74  ? 54  A   X N3    1 
ATOM   1077 C  C4    . A   A 1 50 ? 5.787   4.875   20.211  1.00 70.28  ? 54  A   X C4    1 
ATOM   1078 P  P     . A   A 1 51 ? 10.669  5.668   16.024  1.00 79.95  ? 55  A   X P     1 
ATOM   1079 O  OP1   . A   A 1 51 ? 11.574  4.703   16.692  1.00 75.56  ? 55  A   X OP1   1 
ATOM   1080 O  OP2   . A   A 1 51 ? 11.191  6.390   14.844  1.00 83.31  ? 55  A   X OP2   1 
ATOM   1081 O  "O5'" . A   A 1 51 ? 9.337   4.918   15.564  1.00 80.17  ? 55  A   X "O5'" 1 
ATOM   1082 C  "C5'" . A   A 1 51 ? 9.400   3.824   14.657  1.00 70.92  ? 55  A   X "C5'" 1 
ATOM   1083 C  "C4'" . A   A 1 51 ? 8.585   2.633   15.114  1.00 65.63  ? 55  A   X "C4'" 1 
ATOM   1084 O  "O4'" . A   A 1 51 ? 8.056   2.831   16.457  1.00 66.64  ? 55  A   X "O4'" 1 
ATOM   1085 C  "C3'" . A   A 1 51 ? 7.346   2.329   14.302  1.00 63.50  ? 55  A   X "C3'" 1 
ATOM   1086 O  "O3'" . A   A 1 51 ? 7.609   1.759   13.040  1.00 59.08  ? 55  A   X "O3'" 1 
ATOM   1087 C  "C2'" . A   A 1 51 ? 6.562   1.443   15.252  1.00 65.76  ? 55  A   X "C2'" 1 
ATOM   1088 O  "O2'" . A   A 1 51 ? 7.131   0.147   15.316  1.00 62.87  ? 55  A   X "O2'" 1 
ATOM   1089 C  "C1'" . A   A 1 51 ? 6.810   2.166   16.576  1.00 64.69  ? 55  A   X "C1'" 1 
ATOM   1090 N  N9    . A   A 1 51 ? 5.750   3.168   16.793  1.00 61.98  ? 55  A   X N9    1 
ATOM   1091 C  C8    . A   A 1 51 ? 5.819   4.534   16.729  1.00 65.22  ? 55  A   X C8    1 
ATOM   1092 N  N7    . A   A 1 51 ? 4.667   5.136   16.932  1.00 65.26  ? 55  A   X N7    1 
ATOM   1093 C  C5    . A   A 1 51 ? 3.770   4.093   17.122  1.00 62.53  ? 55  A   X C5    1 
ATOM   1094 C  C6    . A   A 1 51 ? 2.384   4.059   17.378  1.00 62.13  ? 55  A   X C6    1 
ATOM   1095 N  N6    . A   A 1 51 ? 1.608   5.141   17.493  1.00 60.04  ? 55  A   X N6    1 
ATOM   1096 N  N1    . A   A 1 51 ? 1.800   2.852   17.516  1.00 56.40  ? 55  A   X N1    1 
ATOM   1097 C  C2    . A   A 1 51 ? 2.563   1.757   17.402  1.00 63.20  ? 55  A   X C2    1 
ATOM   1098 N  N3    . A   A 1 51 ? 3.870   1.657   17.158  1.00 67.40  ? 55  A   X N3    1 
ATOM   1099 C  C4    . A   A 1 51 ? 4.425   2.877   17.031  1.00 64.18  ? 55  A   X C4    1 
ATOM   1100 P  P     . U   A 1 52 ? 7.042   2.502   11.728  1.00 72.67  ? 56  U   X P     1 
ATOM   1101 O  OP1   . U   A 1 52 ? 8.037   2.368   10.634  1.00 83.86  ? 56  U   X OP1   1 
ATOM   1102 O  OP2   . U   A 1 52 ? 6.591   3.848   12.154  1.00 65.06  ? 56  U   X OP2   1 
ATOM   1103 O  "O5'" . U   A 1 52 ? 5.761   1.652   11.298  1.00 69.79  ? 56  U   X "O5'" 1 
ATOM   1104 C  "C5'" . U   A 1 52 ? 4.569   1.687   12.065  1.00 63.62  ? 56  U   X "C5'" 1 
ATOM   1105 C  "C4'" . U   A 1 52 ? 4.349   0.386   12.792  1.00 60.50  ? 56  U   X "C4'" 1 
ATOM   1106 O  "O4'" . U   A 1 52 ? 3.648   0.642   14.041  1.00 59.85  ? 56  U   X "O4'" 1 
ATOM   1107 C  "C3'" . U   A 1 52 ? 3.485   -0.642  12.072  1.00 55.74  ? 56  U   X "C3'" 1 
ATOM   1108 O  "O3'" . U   A 1 52 ? 4.217   -1.434  11.158  1.00 49.33  ? 56  U   X "O3'" 1 
ATOM   1109 C  "C2'" . U   A 1 52 ? 2.901   -1.446  13.220  1.00 53.79  ? 56  U   X "C2'" 1 
ATOM   1110 O  "O2'" . U   A 1 52 ? 3.860   -2.363  13.719  1.00 53.86  ? 56  U   X "O2'" 1 
ATOM   1111 C  "C1'" . U   A 1 52 ? 2.679   -0.355  14.263  1.00 55.77  ? 56  U   X "C1'" 1 
ATOM   1112 N  N1    . U   A 1 52 ? 1.347   0.263   14.103  1.00 54.89  ? 56  U   X N1    1 
ATOM   1113 C  C2    . U   A 1 52 ? 0.239   -0.455  14.530  1.00 51.72  ? 56  U   X C2    1 
ATOM   1114 O  O2    . U   A 1 52 ? 0.323   -1.569  15.033  1.00 51.65  ? 56  U   X O2    1 
ATOM   1115 N  N3    . U   A 1 52 ? -0.974  0.181   14.350  1.00 46.65  ? 56  U   X N3    1 
ATOM   1116 C  C4    . U   A 1 52 ? -1.193  1.425   13.791  1.00 48.84  ? 56  U   X C4    1 
ATOM   1117 O  O4    . U   A 1 52 ? -2.348  1.864   13.687  1.00 49.88  ? 56  U   X O4    1 
ATOM   1118 C  C5    . U   A 1 52 ? 0.007   2.099   13.369  1.00 55.12  ? 56  U   X C5    1 
ATOM   1119 C  C6    . U   A 1 52 ? 1.201   1.513   13.536  1.00 56.63  ? 56  U   X C6    1 
ATOM   1120 P  P     . U   A 1 53 ? 3.471   -2.186  9.955   1.00 57.68  ? 57  U   X P     1 
ATOM   1121 O  OP1   . U   A 1 53 ? 4.476   -2.927  9.147   1.00 58.74  ? 57  U   X OP1   1 
ATOM   1122 O  OP2   . U   A 1 53 ? 2.568   -1.202  9.306   1.00 59.82  ? 57  U   X OP2   1 
ATOM   1123 O  "O5'" . U   A 1 53 ? 2.564   -3.265  10.682  1.00 49.92  ? 57  U   X "O5'" 1 
ATOM   1124 C  "C5'" . U   A 1 53 ? 3.127   -4.391  11.339  1.00 46.27  ? 57  U   X "C5'" 1 
ATOM   1125 C  "C4'" . U   A 1 53 ? 2.037   -5.365  11.680  1.00 44.05  ? 57  U   X "C4'" 1 
ATOM   1126 O  "O4'" . U   A 1 53 ? 1.148   -4.749  12.651  1.00 43.07  ? 57  U   X "O4'" 1 
ATOM   1127 C  "C3'" . U   A 1 53 ? 1.119   -5.709  10.521  1.00 43.92  ? 57  U   X "C3'" 1 
ATOM   1128 O  "O3'" . U   A 1 53 ? 1.639   -6.695  9.651   1.00 42.25  ? 57  U   X "O3'" 1 
ATOM   1129 C  "C2'" . U   A 1 53 ? -0.167  -6.111  11.218  1.00 42.99  ? 57  U   X "C2'" 1 
ATOM   1130 O  "O2'" . U   A 1 53 ? -0.067  -7.432  11.722  1.00 42.16  ? 57  U   X "O2'" 1 
ATOM   1131 C  "C1'" . U   A 1 53 ? -0.184  -5.133  12.397  1.00 42.08  ? 57  U   X "C1'" 1 
ATOM   1132 N  N1    . U   A 1 53 ? -0.978  -3.914  12.115  1.00 43.01  ? 57  U   X N1    1 
ATOM   1133 C  C2    . U   A 1 53 ? -2.357  -4.054  12.055  1.00 41.55  ? 57  U   X C2    1 
ATOM   1134 O  O2    . U   A 1 53 ? -2.897  -5.125  12.209  1.00 40.94  ? 57  U   X O2    1 
ATOM   1135 N  N3    . U   A 1 53 ? -3.093  -2.915  11.800  1.00 36.33  ? 57  U   X N3    1 
ATOM   1136 C  C4    . U   A 1 53 ? -2.574  -1.660  11.616  1.00 39.61  ? 57  U   X C4    1 
ATOM   1137 O  O4    . U   A 1 53 ? -3.352  -0.736  11.407  1.00 38.45  ? 57  U   X O4    1 
ATOM   1138 C  C5    . U   A 1 53 ? -1.137  -1.577  11.696  1.00 43.26  ? 57  U   X C5    1 
ATOM   1139 C  C6    . U   A 1 53 ? -0.400  -2.676  11.941  1.00 43.33  ? 57  U   X C6    1 
ATOM   1140 P  P     . U   A 1 54 ? 1.219   -6.662  8.105   1.00 46.59  ? 58  U   X P     1 
ATOM   1141 O  OP1   . U   A 1 54 ? 2.148   -7.508  7.320   1.00 42.77  ? 58  U   X OP1   1 
ATOM   1142 O  OP2   . U   A 1 54 ? 1.026   -5.236  7.723   1.00 47.04  ? 58  U   X OP2   1 
ATOM   1143 O  "O5'" . U   A 1 54 ? -0.218  -7.341  8.093   1.00 42.70  ? 58  U   X "O5'" 1 
ATOM   1144 C  "C5'" . U   A 1 54 ? -0.415  -8.629  8.649   1.00 42.83  ? 58  U   X "C5'" 1 
ATOM   1145 C  "C4'" . U   A 1 54 ? -1.880  -8.922  8.828   1.00 45.10  ? 58  U   X "C4'" 1 
ATOM   1146 O  "O4'" . U   A 1 54 ? -2.485  -7.990  9.769   1.00 45.24  ? 58  U   X "O4'" 1 
ATOM   1147 C  "C3'" . U   A 1 54 ? -2.725  -8.757  7.586   1.00 43.37  ? 58  U   X "C3'" 1 
ATOM   1148 O  "O3'" . U   A 1 54 ? -2.589  -9.822  6.677   1.00 40.96  ? 58  U   X "O3'" 1 
ATOM   1149 C  "C2'" . U   A 1 54 ? -4.125  -8.604  8.162   1.00 43.56  ? 58  U   X "C2'" 1 
ATOM   1150 O  "O2'" . U   A 1 54 ? -4.641  -9.864  8.561   1.00 41.33  ? 58  U   X "O2'" 1 
ATOM   1151 C  "C1'" . U   A 1 54 ? -3.840  -7.769  9.409   1.00 38.94  ? 58  U   X "C1'" 1 
ATOM   1152 N  N1    . U   A 1 54 ? -4.066  -6.318  9.162   1.00 42.61  ? 58  U   X N1    1 
ATOM   1153 C  C2    . U   A 1 54 ? -5.378  -5.868  9.208   1.00 36.73  ? 58  U   X C2    1 
ATOM   1154 O  O2    . U   A 1 54 ? -6.315  -6.594  9.448   1.00 37.81  ? 58  U   X O2    1 
ATOM   1155 N  N3    . U   A 1 54 ? -5.568  -4.533  8.980   1.00 34.30  ? 58  U   X N3    1 
ATOM   1156 C  C4    . U   A 1 54 ? -4.596  -3.602  8.707   1.00 37.05  ? 58  U   X C4    1 
ATOM   1157 O  O4    . U   A 1 54 ? -4.934  -2.436  8.523   1.00 39.23  ? 58  U   X O4    1 
ATOM   1158 C  C5    . U   A 1 54 ? -3.265  -4.117  8.668   1.00 37.70  ? 58  U   X C5    1 
ATOM   1159 C  C6    . U   A 1 54 ? -3.050  -5.428  8.890   1.00 42.45  ? 58  U   X C6    1 
ATOM   1160 P  P     . C   A 1 55 ? -2.817  -9.532  5.121   1.00 48.16  ? 59  C   X P     1 
ATOM   1161 O  OP1   . C   A 1 55 ? -2.373  -10.749 4.386   1.00 47.43  ? 59  C   X OP1   1 
ATOM   1162 O  OP2   . C   A 1 55 ? -2.299  -8.172  4.810   1.00 38.46  ? 59  C   X OP2   1 
ATOM   1163 O  "O5'" . C   A 1 55 ? -4.398  -9.407  4.997   1.00 43.13  ? 59  C   X "O5'" 1 
ATOM   1164 C  "C5'" . C   A 1 55 ? -5.225  -10.518 5.293   1.00 40.67  ? 59  C   X "C5'" 1 
ATOM   1165 C  "C4'" . C   A 1 55 ? -6.679  -10.131 5.305   1.00 37.60  ? 59  C   X "C4'" 1 
ATOM   1166 O  "O4'" . C   A 1 55 ? -6.918  -9.121  6.321   1.00 41.01  ? 59  C   X "O4'" 1 
ATOM   1167 C  "C3'" . C   A 1 55 ? -7.217  -9.484  4.048   1.00 37.92  ? 59  C   X "C3'" 1 
ATOM   1168 O  "O3'" . C   A 1 55 ? -7.434  -10.392 2.989   1.00 36.84  ? 59  C   X "O3'" 1 
ATOM   1169 C  "C2'" . C   A 1 55 ? -8.480  -8.823  4.568   1.00 38.99  ? 59  C   X "C2'" 1 
ATOM   1170 O  "O2'" . C   A 1 55 ? -9.453  -9.816  4.843   1.00 37.75  ? 59  C   X "O2'" 1 
ATOM   1171 C  "C1'" . C   A 1 55 ? -7.986  -8.289  5.912   1.00 37.59  ? 59  C   X "C1'" 1 
ATOM   1172 N  N1    . C   A 1 55 ? -7.511  -6.889  5.816   1.00 36.22  ? 59  C   X N1    1 
ATOM   1173 C  C2    . C   A 1 55 ? -8.464  -5.867  5.750   1.00 36.22  ? 59  C   X C2    1 
ATOM   1174 O  O2    . C   A 1 55 ? -9.676  -6.163  5.770   1.00 39.49  ? 59  C   X O2    1 
ATOM   1175 N  N3    . C   A 1 55 ? -8.064  -4.580  5.660   1.00 34.07  ? 59  C   X N3    1 
ATOM   1176 C  C4    . C   A 1 55 ? -6.768  -4.286  5.627   1.00 37.11  ? 59  C   X C4    1 
ATOM   1177 N  N4    . C   A 1 55 ? -6.427  -2.999  5.542   1.00 35.96  ? 59  C   X N4    1 
ATOM   1178 C  C5    . C   A 1 55 ? -5.774  -5.309  5.697   1.00 36.58  ? 59  C   X C5    1 
ATOM   1179 C  C6    . C   A 1 55 ? -6.186  -6.579  5.789   1.00 37.08  ? 59  C   X C6    1 
ATOM   1180 P  P     . U   A 1 56 ? -7.203  -9.922  1.473   1.00 40.70  ? 60  U   X P     1 
ATOM   1181 O  OP1   . U   A 1 56 ? -7.286  -11.088 0.571   1.00 40.59  ? 60  U   X OP1   1 
ATOM   1182 O  OP2   . U   A 1 56 ? -6.044  -9.008  1.429   1.00 42.45  ? 60  U   X OP2   1 
ATOM   1183 O  "O5'" . U   A 1 56 ? -8.496  -9.053  1.151   1.00 37.87  ? 60  U   X "O5'" 1 
ATOM   1184 C  "C5'" . U   A 1 56 ? -9.787  -9.636  1.207   1.00 37.22  ? 60  U   X "C5'" 1 
ATOM   1185 C  "C4'" . U   A 1 56 ? -10.853 -8.589  1.045   1.00 39.68  ? 60  U   X "C4'" 1 
ATOM   1186 O  "O4'" . U   A 1 56 ? -10.855 -7.683  2.190   1.00 36.90  ? 60  U   X "O4'" 1 
ATOM   1187 C  "C3'" . U   A 1 56 ? -10.690 -7.657  -0.143  1.00 33.92  ? 60  U   X "C3'" 1 
ATOM   1188 O  "O3'" . U   A 1 56 ? -11.087 -8.243  -1.366  1.00 32.61  ? 60  U   X "O3'" 1 
ATOM   1189 C  "C2'" . U   A 1 56 ? -11.540 -6.469  0.275   1.00 35.06  ? 60  U   X "C2'" 1 
ATOM   1190 O  "O2'" . U   A 1 56 ? -12.916 -6.803  0.181   1.00 33.63  ? 60  U   X "O2'" 1 
ATOM   1191 C  "C1'" . U   A 1 56 ? -11.195 -6.376  1.755   1.00 36.06  ? 60  U   X "C1'" 1 
ATOM   1192 N  N1    . U   A 1 56 ? -10.057 -5.452  1.993   1.00 34.11  ? 60  U   X N1    1 
ATOM   1193 C  C2    . U   A 1 56 ? -10.340 -4.096  1.977   1.00 34.75  ? 60  U   X C2    1 
ATOM   1194 O  O2    . U   A 1 56 ? -11.445 -3.642  1.774   1.00 36.29  ? 60  U   X O2    1 
ATOM   1195 N  N3    . U   A 1 56 ? -9.286  -3.259  2.200   1.00 34.35  ? 60  U   X N3    1 
ATOM   1196 C  C4    . U   A 1 56 ? -7.986  -3.632  2.441   1.00 33.54  ? 60  U   X C4    1 
ATOM   1197 O  O4    . U   A 1 56 ? -7.158  -2.741  2.628   1.00 32.99  ? 60  U   X O4    1 
ATOM   1198 C  C5    . U   A 1 56 ? -7.752  -5.051  2.452   1.00 33.46  ? 60  U   X C5    1 
ATOM   1199 C  C6    . U   A 1 56 ? -8.770  -5.900  2.228   1.00 35.48  ? 60  U   X C6    1 
ATOM   1200 P  P     . U   A 1 57 ? -10.377 -7.823  -2.751  1.00 39.78  ? 61  U   X P     1 
ATOM   1201 O  OP1   . U   A 1 57 ? -11.016 -8.612  -3.829  1.00 39.15  ? 61  U   X OP1   1 
ATOM   1202 O  OP2   . U   A 1 57 ? -8.909  -7.791  -2.584  1.00 36.94  ? 61  U   X OP2   1 
ATOM   1203 O  "O5'" . U   A 1 57 ? -10.783 -6.295  -2.958  1.00 39.15  ? 61  U   X "O5'" 1 
ATOM   1204 C  "C5'" . U   A 1 57 ? -12.136 -5.905  -3.112  1.00 35.42  ? 61  U   X "C5'" 1 
ATOM   1205 C  "C4'" . U   A 1 57 ? -12.240 -4.408  -3.176  1.00 37.22  ? 61  U   X "C4'" 1 
ATOM   1206 O  "O4'" . U   A 1 57 ? -11.739 -3.841  -1.945  1.00 37.25  ? 61  U   X "O4'" 1 
ATOM   1207 C  "C3'" . U   A 1 57 ? -11.390 -3.752  -4.250  1.00 39.45  ? 61  U   X "C3'" 1 
ATOM   1208 O  "O3'" . U   A 1 57 ? -12.006 -3.778  -5.521  1.00 45.34  ? 61  U   X "O3'" 1 
ATOM   1209 C  "C2'" . U   A 1 57 ? -11.177 -2.344  -3.715  1.00 40.08  ? 61  U   X "C2'" 1 
ATOM   1210 O  "O2'" . U   A 1 57 ? -12.294 -1.525  -4.012  1.00 44.89  ? 61  U   X "O2'" 1 
ATOM   1211 C  "C1'" . U   A 1 57 ? -11.138 -2.588  -2.204  1.00 40.62  ? 61  U   X "C1'" 1 
ATOM   1212 N  N1    . U   A 1 57 ? -9.756  -2.570  -1.675  1.00 37.88  ? 61  U   X N1    1 
ATOM   1213 C  C2    . U   A 1 57 ? -9.274  -1.312  -1.340  1.00 38.12  ? 61  U   X C2    1 
ATOM   1214 O  O2    . U   A 1 57 ? -9.944  -0.292  -1.472  1.00 35.94  ? 61  U   X O2    1 
ATOM   1215 N  N3    . U   A 1 57 ? -7.992  -1.289  -0.862  1.00 31.90  ? 61  U   X N3    1 
ATOM   1216 C  C4    . U   A 1 57 ? -7.165  -2.379  -0.674  1.00 34.67  ? 61  U   X C4    1 
ATOM   1217 O  O4    . U   A 1 57 ? -6.023  -2.202  -0.231  1.00 32.44  ? 61  U   X O4    1 
ATOM   1218 C  C5    . U   A 1 57 ? -7.743  -3.633  -1.039  1.00 34.29  ? 61  U   X C5    1 
ATOM   1219 C  C6    . U   A 1 57 ? -8.986  -3.694  -1.526  1.00 35.07  ? 61  U   X C6    1 
ATOM   1220 P  P     . A   A 1 58 ? -11.110 -4.034  -6.826  1.00 43.89  ? 62  A   X P     1 
ATOM   1221 O  OP1   . A   A 1 58 ? -12.000 -3.942  -8.009  1.00 45.51  ? 62  A   X OP1   1 
ATOM   1222 O  OP2   . A   A 1 58 ? -10.263 -5.230  -6.569  1.00 41.31  ? 62  A   X OP2   1 
ATOM   1223 O  "O5'" . A   A 1 58 ? -10.143 -2.779  -6.861  1.00 46.23  ? 62  A   X "O5'" 1 
ATOM   1224 C  "C5'" . A   A 1 58 ? -9.516  -2.391  -8.067  1.00 39.91  ? 62  A   X "C5'" 1 
ATOM   1225 C  "C4'" . A   A 1 58 ? -9.077  -0.964  -7.982  1.00 36.46  ? 62  A   X "C4'" 1 
ATOM   1226 O  "O4'" . A   A 1 58 ? -8.019  -0.831  -7.003  1.00 37.73  ? 62  A   X "O4'" 1 
ATOM   1227 C  "C3'" . A   A 1 58 ? -8.483  -0.380  -9.244  1.00 34.89  ? 62  A   X "C3'" 1 
ATOM   1228 O  "O3'" . A   A 1 58 ? -9.480  -0.024  -10.187 1.00 38.67  ? 62  A   X "O3'" 1 
ATOM   1229 C  "C2'" . A   A 1 58 ? -7.675  0.797   -8.702  1.00 37.04  ? 62  A   X "C2'" 1 
ATOM   1230 O  "O2'" . A   A 1 58 ? -8.515  1.902   -8.411  1.00 37.41  ? 62  A   X "O2'" 1 
ATOM   1231 C  "C1'" . A   A 1 58 ? -7.167  0.234   -7.368  1.00 36.02  ? 62  A   X "C1'" 1 
ATOM   1232 N  N9    . A   A 1 58 ? -5.777  -0.253  -7.458  1.00 32.84  ? 62  A   X N9    1 
ATOM   1233 C  C8    . A   A 1 58 ? -5.263  -1.493  -7.168  1.00 30.61  ? 62  A   X C8    1 
ATOM   1234 N  N7    . A   A 1 58 ? -3.968  -1.565  -7.370  1.00 33.86  ? 62  A   X N7    1 
ATOM   1235 C  C5    . A   A 1 58 ? -3.603  -0.300  -7.802  1.00 32.79  ? 62  A   X C5    1 
ATOM   1236 C  C6    . A   A 1 58 ? -2.375  0.281   -8.177  1.00 33.39  ? 62  A   X C6    1 
ATOM   1237 N  N6    . A   A 1 58 ? -1.209  -0.367  -8.202  1.00 28.61  ? 62  A   X N6    1 
ATOM   1238 N  N1    . A   A 1 58 ? -2.374  1.575   -8.569  1.00 32.83  ? 62  A   X N1    1 
ATOM   1239 C  C2    . A   A 1 58 ? -3.533  2.238   -8.569  1.00 32.60  ? 62  A   X C2    1 
ATOM   1240 N  N3    . A   A 1 58 ? -4.746  1.804   -8.236  1.00 35.44  ? 62  A   X N3    1 
ATOM   1241 C  C4    . A   A 1 58 ? -4.714  0.515   -7.858  1.00 33.73  ? 62  A   X C4    1 
ATOM   1242 P  P     . C   A 1 59 ? -9.246  -0.256  -11.764 1.00 38.41  ? 63  C   X P     1 
ATOM   1243 O  OP1   . C   A 1 59 ? -10.343 0.448   -12.461 1.00 43.81  ? 63  C   X OP1   1 
ATOM   1244 O  OP2   . C   A 1 59 ? -8.986  -1.683  -12.058 1.00 35.30  ? 63  C   X OP2   1 
ATOM   1245 O  "O5'" . C   A 1 59 ? -7.901  0.517   -12.054 1.00 34.28  ? 63  C   X "O5'" 1 
ATOM   1246 C  "C5'" . C   A 1 59 ? -7.865  1.932   -12.106 1.00 34.68  ? 63  C   X "C5'" 1 
ATOM   1247 C  "C4'" . C   A 1 59 ? -6.482  2.393   -12.482 1.00 34.06  ? 63  C   X "C4'" 1 
ATOM   1248 O  "O4'" . C   A 1 59 ? -5.565  2.061   -11.408 1.00 34.00  ? 63  C   X "O4'" 1 
ATOM   1249 C  "C3'" . C   A 1 59 ? -5.882  1.710   -13.702 1.00 33.10  ? 63  C   X "C3'" 1 
ATOM   1250 O  "O3'" . C   A 1 59 ? -6.314  2.283   -14.923 1.00 33.80  ? 63  C   X "O3'" 1 
ATOM   1251 C  "C2'" . C   A 1 59 ? -4.387  1.851   -13.451 1.00 33.37  ? 63  C   X "C2'" 1 
ATOM   1252 O  "O2'" . C   A 1 59 ? -3.942  3.171   -13.747 1.00 32.82  ? 63  C   X "O2'" 1 
ATOM   1253 C  "C1'" . C   A 1 59 ? -4.323  1.657   -11.940 1.00 29.74  ? 63  C   X "C1'" 1 
ATOM   1254 N  N1    . C   A 1 59 ? -4.069  0.242   -11.552 1.00 32.62  ? 63  C   X N1    1 
ATOM   1255 C  C2    . C   A 1 59 ? -2.759  -0.220  -11.638 1.00 30.00  ? 63  C   X C2    1 
ATOM   1256 O  O2    . C   A 1 59 ? -1.917  0.575   -12.038 1.00 28.83  ? 63  C   X O2    1 
ATOM   1257 N  N3    . C   A 1 59 ? -2.440  -1.491  -11.290 1.00 29.19  ? 63  C   X N3    1 
ATOM   1258 C  C4    . C   A 1 59 ? -3.392  -2.308  -10.845 1.00 29.58  ? 63  C   X C4    1 
ATOM   1259 N  N4    . C   A 1 59 ? -3.036  -3.551  -10.515 1.00 30.02  ? 63  C   X N4    1 
ATOM   1260 C  C5    . C   A 1 59 ? -4.749  -1.884  -10.758 1.00 30.96  ? 63  C   X C5    1 
ATOM   1261 C  C6    . C   A 1 59 ? -5.039  -0.615  -11.114 1.00 32.28  ? 63  C   X C6    1 
ATOM   1262 P  P     . U   A 1 60 ? -6.421  1.410   -16.272 1.00 32.18  ? 64  U   X P     1 
ATOM   1263 O  OP1   . U   A 1 60 ? -6.948  2.324   -17.294 1.00 33.02  ? 64  U   X OP1   1 
ATOM   1264 O  OP2   . U   A 1 60 ? -7.035  0.114   -15.960 1.00 31.59  ? 64  U   X OP2   1 
ATOM   1265 O  "O5'" . U   A 1 60 ? -4.922  1.097   -16.678 1.00 30.66  ? 64  U   X "O5'" 1 
ATOM   1266 C  "C5'" . U   A 1 60 ? -4.034  2.133   -17.055 1.00 28.80  ? 64  U   X "C5'" 1 
ATOM   1267 C  "C4'" . U   A 1 60 ? -2.636  1.596   -17.150 1.00 28.87  ? 64  U   X "C4'" 1 
ATOM   1268 O  "O4'" . U   A 1 60 ? -2.228  1.112   -15.842 1.00 29.49  ? 64  U   X "O4'" 1 
ATOM   1269 C  "C3'" . U   A 1 60 ? -2.454  0.376   -18.037 1.00 27.89  ? 64  U   X "C3'" 1 
ATOM   1270 O  "O3'" . U   A 1 60 ? -2.425  0.667   -19.419 1.00 30.62  ? 64  U   X "O3'" 1 
ATOM   1271 C  "C2'" . U   A 1 60 ? -1.154  -0.199  -17.505 1.00 30.35  ? 64  U   X "C2'" 1 
ATOM   1272 O  "O2'" . U   A 1 60 ? -0.063  0.624   -17.910 1.00 29.84  ? 64  U   X "O2'" 1 
ATOM   1273 C  "C1'" . U   A 1 60 ? -1.350  0.010   -16.002 1.00 30.01  ? 64  U   X "C1'" 1 
ATOM   1274 N  N1    . U   A 1 60 ? -1.944  -1.180  -15.341 1.00 29.14  ? 64  U   X N1    1 
ATOM   1275 C  C2    . U   A 1 60 ? -1.139  -2.293  -15.163 1.00 28.95  ? 64  U   X C2    1 
ATOM   1276 O  O2    . U   A 1 60 ? 0.019   -2.326  -15.544 1.00 28.13  ? 64  U   X O2    1 
ATOM   1277 N  N3    . U   A 1 60 ? -1.748  -3.357  -14.532 1.00 27.49  ? 64  U   X N3    1 
ATOM   1278 C  C4    . U   A 1 60 ? -3.061  -3.413  -14.106 1.00 28.29  ? 64  U   X C4    1 
ATOM   1279 O  O4    . U   A 1 60 ? -3.495  -4.429  -13.572 1.00 28.08  ? 64  U   X O4    1 
ATOM   1280 C  C5    . U   A 1 60 ? -3.826  -2.231  -14.343 1.00 28.33  ? 64  U   X C5    1 
ATOM   1281 C  C6    . U   A 1 60 ? -3.251  -1.184  -14.932 1.00 28.54  ? 64  U   X C6    1 
ATOM   1282 P  P     . G   A 1 61 ? -2.878  -0.461  -20.478 1.00 33.71  ? 65  G   X P     1 
ATOM   1283 O  OP1   . G   A 1 61 ? -2.941  0.150   -21.818 1.00 33.58  ? 65  G   X OP1   1 
ATOM   1284 O  OP2   . G   A 1 61 ? -4.032  -1.191  -19.900 1.00 27.49  ? 65  G   X OP2   1 
ATOM   1285 O  "O5'" . G   A 1 61 ? -1.675  -1.509  -20.471 1.00 32.77  ? 65  G   X "O5'" 1 
ATOM   1286 C  "C5'" . G   A 1 61 ? -0.375  -1.143  -20.892 1.00 29.86  ? 65  G   X "C5'" 1 
ATOM   1287 C  "C4'" . G   A 1 61 ? 0.636   -2.185  -20.494 1.00 27.13  ? 65  G   X "C4'" 1 
ATOM   1288 O  "O4'" . G   A 1 61 ? 0.530   -2.490  -19.088 1.00 28.70  ? 65  G   X "O4'" 1 
ATOM   1289 C  "C3'" . G   A 1 61 ? 0.502   -3.539  -21.164 1.00 29.22  ? 65  G   X "C3'" 1 
ATOM   1290 O  "O3'" . G   A 1 61 ? 1.069   -3.539  -22.450 1.00 31.16  ? 65  G   X "O3'" 1 
ATOM   1291 C  "C2'" . G   A 1 61 ? 1.246   -4.457  -20.212 1.00 31.67  ? 65  G   X "C2'" 1 
ATOM   1292 O  "O2'" . G   A 1 61 ? 2.652   -4.302  -20.401 1.00 32.80  ? 65  G   X "O2'" 1 
ATOM   1293 C  "C1'" . G   A 1 61 ? 0.881   -3.845  -18.865 1.00 28.41  ? 65  G   X "C1'" 1 
ATOM   1294 N  N9    . G   A 1 61 ? -0.237  -4.532  -18.176 1.00 27.59  ? 65  G   X N9    1 
ATOM   1295 C  C8    . G   A 1 61 ? -1.487  -4.018  -17.898 1.00 28.42  ? 65  G   X C8    1 
ATOM   1296 N  N7    . G   A 1 61 ? -2.243  -4.841  -17.216 1.00 27.69  ? 65  G   X N7    1 
ATOM   1297 C  C5    . G   A 1 61 ? -1.454  -5.965  -17.041 1.00 28.79  ? 65  G   X C5    1 
ATOM   1298 C  C6    . G   A 1 61 ? -1.736  -7.180  -16.368 1.00 27.83  ? 65  G   X C6    1 
ATOM   1299 O  O6    . G   A 1 61 ? -2.785  -7.490  -15.792 1.00 29.39  ? 65  G   X O6    1 
ATOM   1300 N  N1    . G   A 1 61 ? -0.669  -8.057  -16.427 1.00 26.14  ? 65  G   X N1    1 
ATOM   1301 C  C2    . G   A 1 61 ? 0.537   -7.761  -17.041 1.00 30.57  ? 65  G   X C2    1 
ATOM   1302 N  N2    . G   A 1 61 ? 1.510   -8.688  -17.019 1.00 27.60  ? 65  G   X N2    1 
ATOM   1303 N  N3    . G   A 1 61 ? 0.810   -6.630  -17.650 1.00 28.39  ? 65  G   X N3    1 
ATOM   1304 C  C4    . G   A 1 61 ? -0.221  -5.781  -17.617 1.00 26.49  ? 65  G   X C4    1 
ATOM   1305 P  P     . C   A 1 62 ? 0.360   -4.372  -23.608 1.00 32.43  ? 66  C   X P     1 
ATOM   1306 O  OP1   . C   A 1 62 ? 1.164   -4.156  -24.830 1.00 30.78  ? 66  C   X OP1   1 
ATOM   1307 O  OP2   . C   A 1 62 ? -1.090  -4.074  -23.562 1.00 31.33  ? 66  C   X OP2   1 
ATOM   1308 O  "O5'" . C   A 1 62 ? 0.555   -5.876  -23.164 1.00 30.23  ? 66  C   X "O5'" 1 
ATOM   1309 C  "C5'" . C   A 1 62 ? 1.834   -6.476  -23.176 1.00 31.12  ? 66  C   X "C5'" 1 
ATOM   1310 C  "C4'" . C   A 1 62 ? 1.783   -7.822  -22.515 1.00 32.38  ? 66  C   X "C4'" 1 
ATOM   1311 O  "O4'" . C   A 1 62 ? 1.438   -7.680  -21.111 1.00 31.61  ? 66  C   X "O4'" 1 
ATOM   1312 C  "C3'" . C   A 1 62 ? 0.715   -8.769  -23.026 1.00 31.07  ? 66  C   X "C3'" 1 
ATOM   1313 O  "O3'" . C   A 1 62 ? 1.037   -9.364  -24.254 1.00 35.23  ? 66  C   X "O3'" 1 
ATOM   1314 C  "C2'" . C   A 1 62 ? 0.622   -9.759  -21.887 1.00 34.27  ? 66  C   X "C2'" 1 
ATOM   1315 O  "O2'" . C   A 1 62 ? 1.800   -10.551 -21.875 1.00 34.41  ? 66  C   X "O2'" 1 
ATOM   1316 C  "C1'" . C   A 1 62 ? 0.692   -8.810  -20.693 1.00 29.26  ? 66  C   X "C1'" 1 
ATOM   1317 N  N1    . C   A 1 62 ? -0.652  -8.367  -20.242 1.00 27.35  ? 66  C   X N1    1 
ATOM   1318 C  C2    . C   A 1 62 ? -1.373  -9.197  -19.388 1.00 30.60  ? 66  C   X C2    1 
ATOM   1319 O  O2    . C   A 1 62 ? -0.863  -10.272 -19.033 1.00 29.52  ? 66  C   X O2    1 
ATOM   1320 N  N3    . C   A 1 62 ? -2.597  -8.815  -18.951 1.00 32.11  ? 66  C   X N3    1 
ATOM   1321 C  C4    . C   A 1 62 ? -3.118  -7.665  -19.355 1.00 28.69  ? 66  C   X C4    1 
ATOM   1322 N  N4    . C   A 1 62 ? -4.319  -7.334  -18.902 1.00 29.87  ? 66  C   X N4    1 
ATOM   1323 C  C5    . C   A 1 62 ? -2.415  -6.798  -20.234 1.00 29.50  ? 66  C   X C5    1 
ATOM   1324 C  C6    . C   A 1 62 ? -1.196  -7.180  -20.645 1.00 29.54  ? 66  C   X C6    1 
ATOM   1325 P  P     . G   A 1 63 ? -0.146  -9.797  -25.250 1.00 36.21  ? 67  G   X P     1 
ATOM   1326 O  OP1   . G   A 1 63 ? 0.510   -10.223 -26.511 1.00 42.01  ? 67  G   X OP1   1 
ATOM   1327 O  OP2   . G   A 1 63 ? -1.180  -8.735  -25.223 1.00 35.75  ? 67  G   X OP2   1 
ATOM   1328 O  "O5'" . G   A 1 63 ? -0.795  -11.093 -24.580 1.00 36.57  ? 67  G   X "O5'" 1 
ATOM   1329 C  "C5'" . G   A 1 63 ? -0.070  -12.304 -24.408 1.00 33.30  ? 67  G   X "C5'" 1 
ATOM   1330 C  "C4'" . G   A 1 63 ? -0.857  -13.309 -23.591 1.00 34.32  ? 67  G   X "C4'" 1 
ATOM   1331 O  "O4'" . G   A 1 63 ? -1.139  -12.765 -22.278 1.00 34.48  ? 67  G   X "O4'" 1 
ATOM   1332 C  "C3'" . G   A 1 63 ? -2.230  -13.694 -24.123 1.00 35.29  ? 67  G   X "C3'" 1 
ATOM   1333 O  "O3'" . G   A 1 63 ? -2.174  -14.665 -25.147 1.00 40.66  ? 67  G   X "O3'" 1 
ATOM   1334 C  "C2'" . G   A 1 63 ? -2.944  -14.188 -22.876 1.00 37.03  ? 67  G   X "C2'" 1 
ATOM   1335 O  "O2'" . G   A 1 63 ? -2.522  -15.506 -22.548 1.00 38.82  ? 67  G   X "O2'" 1 
ATOM   1336 C  "C1'" . G   A 1 63 ? -2.385  -13.242 -21.818 1.00 33.50  ? 67  G   X "C1'" 1 
ATOM   1337 N  N9    . G   A 1 63 ? -3.281  -12.101 -21.532 1.00 34.75  ? 67  G   X N9    1 
ATOM   1338 C  C8    . G   A 1 63 ? -3.136  -10.778 -21.896 1.00 33.93  ? 67  G   X C8    1 
ATOM   1339 N  N7    . G   A 1 63 ? -4.113  -10.020 -21.453 1.00 34.24  ? 67  G   X N7    1 
ATOM   1340 C  C5    . G   A 1 63 ? -4.937  -10.887 -20.751 1.00 31.06  ? 67  G   X C5    1 
ATOM   1341 C  C6    . G   A 1 63 ? -6.145  -10.648 -20.052 1.00 33.25  ? 67  G   X C6    1 
ATOM   1342 O  O6    . G   A 1 63 ? -6.765  -9.580  -19.906 1.00 34.97  ? 67  G   X O6    1 
ATOM   1343 N  N1    . G   A 1 63 ? -6.648  -11.824 -19.494 1.00 32.98  ? 67  G   X N1    1 
ATOM   1344 C  C2    . G   A 1 63 ? -6.070  -13.058 -19.600 1.00 34.39  ? 67  G   X C2    1 
ATOM   1345 N  N2    . G   A 1 63 ? -6.720  -14.067 -18.998 1.00 32.26  ? 67  G   X N2    1 
ATOM   1346 N  N3    . G   A 1 63 ? -4.945  -13.293 -20.246 1.00 32.51  ? 67  G   X N3    1 
ATOM   1347 C  C4    . G   A 1 63 ? -4.439  -12.171 -20.793 1.00 33.93  ? 67  G   X C4    1 
ATOM   1348 P  P     . U   A 1 64 ? -3.216  -14.597 -26.367 1.00 42.26  ? 68  U   X P     1 
ATOM   1349 O  OP1   . U   A 1 64 ? -2.765  -15.602 -27.365 1.00 43.33  ? 68  U   X OP1   1 
ATOM   1350 O  OP2   . U   A 1 64 ? -3.420  -13.183 -26.743 1.00 34.17  ? 68  U   X OP2   1 
ATOM   1351 O  "O5'" . U   A 1 64 ? -4.602  -15.048 -25.737 1.00 36.60  ? 68  U   X "O5'" 1 
ATOM   1352 C  "C5'" . U   A 1 64 ? -4.753  -16.301 -25.093 1.00 37.76  ? 68  U   X "C5'" 1 
ATOM   1353 C  "C4'" . U   A 1 64 ? -6.022  -16.329 -24.277 1.00 42.01  ? 68  U   X "C4'" 1 
ATOM   1354 O  "O4'" . U   A 1 64 ? -5.945  -15.350 -23.209 1.00 37.40  ? 68  U   X "O4'" 1 
ATOM   1355 C  "C3'" . U   A 1 64 ? -7.301  -15.960 -25.011 1.00 41.14  ? 68  U   X "C3'" 1 
ATOM   1356 O  "O3'" . U   A 1 64 ? -7.823  -17.024 -25.786 1.00 49.00  ? 68  U   X "O3'" 1 
ATOM   1357 C  "C2'" . U   A 1 64 ? -8.223  -15.527 -23.878 1.00 41.36  ? 68  U   X "C2'" 1 
ATOM   1358 O  "O2'" . U   A 1 64 ? -8.783  -16.663 -23.226 1.00 42.77  ? 68  U   X "O2'" 1 
ATOM   1359 C  "C1'" . U   A 1 64 ? -7.237  -14.861 -22.914 1.00 35.12  ? 68  U   X "C1'" 1 
ATOM   1360 N  N1    . U   A 1 64 ? -7.216  -13.389 -23.014 1.00 36.12  ? 68  U   X N1    1 
ATOM   1361 C  C2    . U   A 1 64 ? -8.156  -12.655 -22.310 1.00 35.41  ? 68  U   X C2    1 
ATOM   1362 O  O2    . U   A 1 64 ? -9.048  -13.144 -21.636 1.00 35.41  ? 68  U   X O2    1 
ATOM   1363 N  N3    . U   A 1 64 ? -8.024  -11.302 -22.438 1.00 36.47  ? 68  U   X N3    1 
ATOM   1364 C  C4    . U   A 1 64 ? -7.055  -10.641 -23.176 1.00 34.95  ? 68  U   X C4    1 
ATOM   1365 O  O4    . U   A 1 64 ? -7.060  -9.424  -23.195 1.00 36.56  ? 68  U   X O4    1 
ATOM   1366 C  C5    . U   A 1 64 ? -6.115  -11.456 -23.858 1.00 32.86  ? 68  U   X C5    1 
ATOM   1367 C  C6    . U   A 1 64 ? -6.223  -12.780 -23.746 1.00 36.57  ? 68  U   X C6    1 
HETATM 1368 P  PC    . CCC A 1 65 ? -15.378 -15.110 -26.125 1.00 70.82  ? 69  CCC X PC    1 
HETATM 1369 O  O1C   . CCC A 1 65 ? -16.248 -15.589 -24.981 1.00 68.37  ? 69  CCC X O1C   1 
HETATM 1370 O  O2C   . CCC A 1 65 ? -15.937 -14.804 -27.501 1.00 66.72  ? 69  CCC X O2C   1 
HETATM 1371 P  P     . CCC A 1 65 ? -8.735  -16.704 -27.074 1.00 50.01  ? 69  CCC X P     1 
HETATM 1372 O  OP1   . CCC A 1 65 ? -9.056  -18.075 -27.628 1.00 51.37  ? 69  CCC X OP1   1 
HETATM 1373 O  OP2   . CCC A 1 65 ? -8.044  -15.658 -27.913 1.00 49.85  ? 69  CCC X OP2   1 
HETATM 1374 O  "O5'" . CCC A 1 65 ? -10.075 -16.087 -26.453 1.00 45.40  ? 69  CCC X "O5'" 1 
HETATM 1375 C  "C5'" . CCC A 1 65 ? -10.917 -16.938 -25.685 1.00 50.66  ? 69  CCC X "C5'" 1 
HETATM 1376 C  "C4'" . CCC A 1 65 ? -12.022 -16.072 -25.116 1.00 53.75  ? 69  CCC X "C4'" 1 
HETATM 1377 O  "O4'" . CCC A 1 65 ? -11.482 -14.973 -24.371 1.00 50.57  ? 69  CCC X "O4'" 1 
HETATM 1378 C  "C3'" . CCC A 1 65 ? -12.859 -15.458 -26.227 1.00 57.90  ? 69  CCC X "C3'" 1 
HETATM 1379 O  "O3'" . CCC A 1 65 ? -14.130 -16.103 -26.299 1.00 58.04  ? 69  CCC X "O3'" 1 
HETATM 1380 C  "C2'" . CCC A 1 65 ? -13.090 -14.011 -25.826 1.00 51.06  ? 69  CCC X "C2'" 1 
HETATM 1381 O  "O2'" . CCC A 1 65 ? -14.494 -13.856 -25.627 1.00 60.59  ? 69  CCC X "O2'" 1 
HETATM 1382 C  "C1'" . CCC A 1 65 ? -12.367 -13.855 -24.502 1.00 46.28  ? 69  CCC X "C1'" 1 
HETATM 1383 N  N1    . CCC A 1 65 ? -11.666 -12.573 -24.453 1.00 43.04  ? 69  CCC X N1    1 
HETATM 1384 C  C2    . CCC A 1 65 ? -12.234 -11.560 -23.670 1.00 42.79  ? 69  CCC X C2    1 
HETATM 1385 O  O2    . CCC A 1 65 ? -13.304 -11.796 -23.060 1.00 36.59  ? 69  CCC X O2    1 
HETATM 1386 N  N3    . CCC A 1 65 ? -11.625 -10.360 -23.580 1.00 37.27  ? 69  CCC X N3    1 
HETATM 1387 C  C4    . CCC A 1 65 ? -10.483 -10.124 -24.237 1.00 37.97  ? 69  CCC X C4    1 
HETATM 1388 N  N4    . CCC A 1 65 ? -9.911  -8.901  -24.131 1.00 40.40  ? 69  CCC X N4    1 
HETATM 1389 C  C5    . CCC A 1 65 ? -9.904  -11.117 -25.013 1.00 40.17  ? 69  CCC X C5    1 
HETATM 1390 C  C6    . CCC A 1 65 ? -10.519 -12.361 -25.105 1.00 41.50  ? 69  CCC X C6    1 
HETATM 1391 O  "O5'" . GMP B 2 .  ? 4.148   -6.858  -15.608 1.00 29.18  ? 101 GMP X "O5'" 1 
HETATM 1392 C  "C5'" . GMP B 2 .  ? 4.426   -5.858  -16.594 1.00 30.80  ? 101 GMP X "C5'" 1 
HETATM 1393 C  "C4'" . GMP B 2 .  ? 4.977   -4.571  -16.008 1.00 31.78  ? 101 GMP X "C4'" 1 
HETATM 1394 O  "O4'" . GMP B 2 .  ? 4.046   -4.002  -15.047 1.00 28.05  ? 101 GMP X "O4'" 1 
HETATM 1395 C  "C3'" . GMP B 2 .  ? 6.318   -4.673  -15.282 1.00 33.28  ? 101 GMP X "C3'" 1 
HETATM 1396 O  "O3'" . GMP B 2 .  ? 7.046   -3.453  -15.479 1.00 31.38  ? 101 GMP X "O3'" 1 
HETATM 1397 C  "C2'" . GMP B 2 .  ? 5.893   -4.784  -13.820 1.00 28.80  ? 101 GMP X "C2'" 1 
HETATM 1398 O  "O2'" . GMP B 2 .  ? 6.880   -4.389  -12.905 1.00 28.60  ? 101 GMP X "O2'" 1 
HETATM 1399 C  "C1'" . GMP B 2 .  ? 4.686   -3.845  -13.782 1.00 29.45  ? 101 GMP X "C1'" 1 
HETATM 1400 N  N9    . GMP B 2 .  ? 3.663   -4.181  -12.776 1.00 27.36  ? 101 GMP X N9    1 
HETATM 1401 C  C8    . GMP B 2 .  ? 3.524   -5.342  -12.055 1.00 25.99  ? 101 GMP X C8    1 
HETATM 1402 N  N7    . GMP B 2 .  ? 2.453   -5.355  -11.314 1.00 27.71  ? 101 GMP X N7    1 
HETATM 1403 C  C5    . GMP B 2 .  ? 1.852   -4.149  -11.570 1.00 24.76  ? 101 GMP X C5    1 
HETATM 1404 C  C6    . GMP B 2 .  ? 0.648   -3.600  -11.065 1.00 28.87  ? 101 GMP X C6    1 
HETATM 1405 O  O6    . GMP B 2 .  ? -0.139  -4.088  -10.267 1.00 31.15  ? 101 GMP X O6    1 
HETATM 1406 N  N1    . GMP B 2 .  ? 0.416   -2.328  -11.609 1.00 24.66  ? 101 GMP X N1    1 
HETATM 1407 C  C2    . GMP B 2 .  ? 1.192   -1.664  -12.512 1.00 26.70  ? 101 GMP X C2    1 
HETATM 1408 N  N2    . GMP B 2 .  ? 0.753   -0.453  -12.899 1.00 26.67  ? 101 GMP X N2    1 
HETATM 1409 N  N3    . GMP B 2 .  ? 2.314   -2.166  -12.977 1.00 27.46  ? 101 GMP X N3    1 
HETATM 1410 C  C4    . GMP B 2 .  ? 2.584   -3.404  -12.478 1.00 28.27  ? 101 GMP X C4    1 
HETATM 1411 MN MN    . MN  C 3 .  ? -5.258  -6.650  -14.876 1.00 48.44  ? 102 MN  X MN    1 
HETATM 1412 MN MN    . MN  D 3 .  ? -11.012 -3.446  -21.516 1.00 67.59  ? 103 MN  X MN    1 
HETATM 1413 MN MN    . MN  E 3 .  ? -0.882  -13.283 -8.530  1.00 58.45  ? 104 MN  X MN    1 
HETATM 1414 MN MN    . MN  F 3 .  ? -3.737  -6.039  -5.797  1.00 61.78  ? 105 MN  X MN    1 
HETATM 1415 MN MN    . MN  G 3 .  ? -12.251 1.618   -23.553 1.00 46.14  ? 106 MN  X MN    1 
HETATM 1416 MN MN    . MN  H 3 .  ? -7.316  5.239   14.711  1.00 69.61  ? 107 MN  X MN    1 
HETATM 1417 MG MG    . MG  I 4 .  ? 8.052   -2.387  -13.389 1.00 35.98  ? 108 MG  X MG    1 
HETATM 1418 O  O     . HOH J 5 .  ? 0.085   -3.044  8.337   1.00 46.39  ? 201 HOH X O     1 
HETATM 1419 O  O     . HOH J 5 .  ? 3.026   -14.601 -8.129  1.00 44.47  ? 202 HOH X O     1 
HETATM 1420 O  O     . HOH J 5 .  ? 6.150   -2.540  7.264   1.00 48.31  ? 203 HOH X O     1 
HETATM 1421 O  O     . HOH J 5 .  ? -11.911 -0.550  -24.329 1.00 40.21  ? 204 HOH X O     1 
HETATM 1422 O  O     . HOH J 5 .  ? -3.812  9.603   2.276   1.00 48.68  ? 205 HOH X O     1 
HETATM 1423 O  O     . HOH J 5 .  ? 6.678   -1.107  3.891   1.00 36.89  ? 206 HOH X O     1 
HETATM 1424 O  O     . HOH J 5 .  ? -8.251  -7.669  -20.929 1.00 33.95  ? 207 HOH X O     1 
HETATM 1425 O  O     . HOH J 5 .  ? -1.329  3.479   -13.707 1.00 35.54  ? 208 HOH X O     1 
HETATM 1426 O  O     . HOH J 5 .  ? 3.965   -0.446  1.423   1.00 34.97  ? 209 HOH X O     1 
HETATM 1427 O  O     . HOH J 5 .  ? -1.082  -6.540  -9.165  1.00 31.52  ? 210 HOH X O     1 
HETATM 1428 O  O     . HOH J 5 .  ? -6.992  -9.147  -11.531 1.00 46.44  ? 211 HOH X O     1 
HETATM 1429 O  O     . HOH J 5 .  ? -2.538  -9.534  -10.389 1.00 35.24  ? 212 HOH X O     1 
HETATM 1430 O  O     . HOH J 5 .  ? 7.369   -7.323  -12.178 1.00 35.80  ? 213 HOH X O     1 
HETATM 1431 O  O     . HOH J 5 .  ? 2.726   -11.711 -26.294 1.00 38.60  ? 214 HOH X O     1 
HETATM 1432 O  O     . HOH J 5 .  ? -9.786  -5.329  -24.077 1.00 47.79  ? 215 HOH X O     1 
HETATM 1433 O  O     . HOH J 5 .  ? 4.680   -6.108  -20.162 1.00 29.80  ? 216 HOH X O     1 
HETATM 1434 O  O     . HOH J 5 .  ? -6.599  3.872   -8.441  1.00 41.29  ? 217 HOH X O     1 
HETATM 1435 O  O     . HOH J 5 .  ? 1.905   -11.498 -16.322 1.00 35.00  ? 218 HOH X O     1 
HETATM 1436 O  O     . HOH J 5 .  ? 12.040  -0.321  -9.195  1.00 39.32  ? 219 HOH X O     1 
HETATM 1437 O  O     . HOH J 5 .  ? 5.478   1.361   -22.983 1.00 34.49  ? 220 HOH X O     1 
HETATM 1438 O  O     . HOH J 5 .  ? 13.888  -0.906  -18.064 1.00 34.31  ? 221 HOH X O     1 
HETATM 1439 O  O     . HOH J 5 .  ? -2.725  -5.937  0.923   1.00 47.47  ? 222 HOH X O     1 
HETATM 1440 O  O     . HOH J 5 .  ? 6.890   2.550   1.614   1.00 35.17  ? 223 HOH X O     1 
HETATM 1441 O  O     . HOH J 5 .  ? -4.700  -7.550  -22.638 1.00 30.38  ? 224 HOH X O     1 
HETATM 1442 O  O     . HOH J 5 .  ? -8.012  -8.805  -14.088 1.00 41.27  ? 225 HOH X O     1 
HETATM 1443 O  O     . HOH J 5 .  ? -11.774 0.764   -5.603  1.00 39.45  ? 226 HOH X O     1 
HETATM 1444 O  O     . HOH J 5 .  ? -2.765  -12.701 -10.124 1.00 37.42  ? 227 HOH X O     1 
HETATM 1445 O  O     . HOH J 5 .  ? -5.237  5.367   -15.039 1.00 38.66  ? 228 HOH X O     1 
HETATM 1446 O  O     . HOH J 5 .  ? -2.422  -13.142 -7.046  1.00 46.19  ? 229 HOH X O     1 
HETATM 1447 O  O     . HOH J 5 .  ? -4.034  -9.128  -25.569 1.00 41.47  ? 230 HOH X O     1 
HETATM 1448 O  O     . HOH J 5 .  ? -1.390  -15.502 -8.860  1.00 47.06  ? 231 HOH X O     1 
HETATM 1449 O  O     . HOH J 5 .  ? -5.150  -4.639  -16.908 1.00 30.94  ? 232 HOH X O     1 
HETATM 1450 O  O     . HOH J 5 .  ? 10.133  2.067   -7.012  1.00 41.56  ? 233 HOH X O     1 
HETATM 1451 O  O     . HOH J 5 .  ? 0.604   -13.940 -6.944  1.00 42.30  ? 234 HOH X O     1 
HETATM 1452 O  O     . HOH J 5 .  ? 2.613   -0.031  -22.412 1.00 31.57  ? 235 HOH X O     1 
HETATM 1453 O  O     . HOH J 5 .  ? -6.076  -2.132  -17.720 1.00 35.58  ? 236 HOH X O     1 
HETATM 1454 O  O     . HOH J 5 .  ? 3.876   -8.528  -18.876 1.00 32.02  ? 237 HOH X O     1 
HETATM 1455 O  O     . HOH J 5 .  ? -6.978  0.075   21.627  1.00 45.56  ? 238 HOH X O     1 
HETATM 1456 O  O     . HOH J 5 .  ? 8.728   -0.774  -11.441 1.00 37.89  ? 239 HOH X O     1 
HETATM 1457 O  O     . HOH J 5 .  ? 4.825   2.739   -3.865  1.00 34.84  ? 240 HOH X O     1 
HETATM 1458 O  O     . HOH J 5 .  ? 10.024  -6.950  -0.988  1.00 41.53  ? 241 HOH X O     1 
HETATM 1459 O  O     . HOH J 5 .  ? 11.895  3.545   -7.986  1.00 47.15  ? 242 HOH X O     1 
HETATM 1460 O  O     . HOH J 5 .  ? -0.934  -15.144 -18.477 1.00 43.76  ? 243 HOH X O     1 
HETATM 1461 O  O     . HOH J 5 .  ? 7.632   -8.136  -1.221  1.00 46.41  ? 244 HOH X O     1 
HETATM 1462 O  O     . HOH J 5 .  ? 12.939  -1.388  -11.811 1.00 53.90  ? 245 HOH X O     1 
HETATM 1463 O  O     . HOH J 5 .  ? -1.709  -1.698  6.011   1.00 47.30  ? 246 HOH X O     1 
# 
